data_5YWJ
# 
_entry.id   5YWJ 
# 
_audit_conform.dict_name       mmcif_pdbx.dic 
_audit_conform.dict_version    5.380 
_audit_conform.dict_location   http://mmcif.pdb.org/dictionaries/ascii/mmcif_pdbx.dic 
# 
loop_
_database_2.database_id 
_database_2.database_code 
_database_2.pdbx_database_accession 
_database_2.pdbx_DOI 
PDB   5YWJ         pdb_00005ywj 10.2210/pdb5ywj/pdb 
WWPDB D_1300006029 ?            ?                   
# 
_pdbx_database_status.status_code                     REL 
_pdbx_database_status.status_code_sf                  REL 
_pdbx_database_status.status_code_mr                  ? 
_pdbx_database_status.entry_id                        5YWJ 
_pdbx_database_status.recvd_initial_deposition_date   2017-11-29 
_pdbx_database_status.SG_entry                        N 
_pdbx_database_status.deposit_site                    PDBJ 
_pdbx_database_status.process_site                    PDBJ 
_pdbx_database_status.status_code_cs                  ? 
_pdbx_database_status.methods_development_category    ? 
_pdbx_database_status.pdb_format_compatible           Y 
_pdbx_database_status.status_code_nmr_data            ? 
# 
_audit_author.name               'Wang, Q.' 
_audit_author.pdbx_ordinal       1 
_audit_author.identifier_ORCID   ? 
# 
_citation.abstract                  ? 
_citation.abstract_id_CAS           ? 
_citation.book_id_ISBN              ? 
_citation.book_publisher            ? 
_citation.book_publisher_city       ? 
_citation.book_title                ? 
_citation.coordinate_linkage        ? 
_citation.country                   ? 
_citation.database_id_Medline       ? 
_citation.details                   ? 
_citation.id                        primary 
_citation.journal_abbrev            'To Be Published' 
_citation.journal_id_ASTM           ? 
_citation.journal_id_CSD            0353 
_citation.journal_id_ISSN           ? 
_citation.journal_full              ? 
_citation.journal_issue             ? 
_citation.journal_volume            ? 
_citation.language                  ? 
_citation.page_first                ? 
_citation.page_last                 ? 
_citation.title                     'Crystal structure of SarX from Staphylococcus aureus' 
_citation.year                      ? 
_citation.database_id_CSD           ? 
_citation.pdbx_database_id_DOI      ? 
_citation.pdbx_database_id_PubMed   ? 
_citation.unpublished_flag          ? 
# 
_citation_author.citation_id        primary 
_citation_author.name               'Wang, Q.' 
_citation_author.ordinal            1 
_citation_author.identifier_ORCID   ? 
# 
_cell.angle_alpha                  90.00 
_cell.angle_alpha_esd              ? 
_cell.angle_beta                   90.00 
_cell.angle_beta_esd               ? 
_cell.angle_gamma                  90.00 
_cell.angle_gamma_esd              ? 
_cell.entry_id                     5YWJ 
_cell.details                      ? 
_cell.formula_units_Z              ? 
_cell.length_a                     33.392 
_cell.length_a_esd                 ? 
_cell.length_b                     33.392 
_cell.length_b_esd                 ? 
_cell.length_c                     230.930 
_cell.length_c_esd                 ? 
_cell.volume                       ? 
_cell.volume_esd                   ? 
_cell.Z_PDB                        8 
_cell.reciprocal_angle_alpha       ? 
_cell.reciprocal_angle_beta        ? 
_cell.reciprocal_angle_gamma       ? 
_cell.reciprocal_angle_alpha_esd   ? 
_cell.reciprocal_angle_beta_esd    ? 
_cell.reciprocal_angle_gamma_esd   ? 
_cell.reciprocal_length_a          ? 
_cell.reciprocal_length_b          ? 
_cell.reciprocal_length_c          ? 
_cell.reciprocal_length_a_esd      ? 
_cell.reciprocal_length_b_esd      ? 
_cell.reciprocal_length_c_esd      ? 
_cell.pdbx_unique_axis             ? 
# 
_symmetry.entry_id                         5YWJ 
_symmetry.cell_setting                     ? 
_symmetry.Int_Tables_number                92 
_symmetry.space_group_name_Hall            ? 
_symmetry.space_group_name_H-M             'P 41 21 2' 
_symmetry.pdbx_full_space_group_name_H-M   ? 
# 
loop_
_entity.id 
_entity.type 
_entity.src_method 
_entity.pdbx_description 
_entity.formula_weight 
_entity.pdbx_number_of_molecules 
_entity.pdbx_ec 
_entity.pdbx_mutation 
_entity.pdbx_fragment 
_entity.details 
1 polymer man 'HTH-type transcriptional regulator SarX' 15030.436 1  ? ? ? ? 
2 water   nat water                                     18.015    17 ? ? ? ? 
# 
_entity_name_com.entity_id   1 
_entity_name_com.name        'Staphylococcal accessory regulator X' 
# 
_entity_poly.entity_id                      1 
_entity_poly.type                           'polypeptide(L)' 
_entity_poly.nstd_linkage                   no 
_entity_poly.nstd_monomer                   no 
_entity_poly.pdbx_seq_one_letter_code       
;HHHHHHMNTEKLETLLGFYKQYKALSEYIDKKYKLSLNDLAVLDLTMKHCKDEKVLMQSFLKTAMDELDLSRTKLLVSIR
RLIEKERLSKVRSSKDERKIYIYLNNDDISKFNALFEDVEQFLNI
;
_entity_poly.pdbx_seq_one_letter_code_can   
;HHHHHHMNTEKLETLLGFYKQYKALSEYIDKKYKLSLNDLAVLDLTMKHCKDEKVLMQSFLKTAMDELDLSRTKLLVSIR
RLIEKERLSKVRSSKDERKIYIYLNNDDISKFNALFEDVEQFLNI
;
_entity_poly.pdbx_strand_id                 A 
_entity_poly.pdbx_target_identifier         ? 
# 
loop_
_entity_poly_seq.entity_id 
_entity_poly_seq.num 
_entity_poly_seq.mon_id 
_entity_poly_seq.hetero 
1 1   HIS n 
1 2   HIS n 
1 3   HIS n 
1 4   HIS n 
1 5   HIS n 
1 6   HIS n 
1 7   MET n 
1 8   ASN n 
1 9   THR n 
1 10  GLU n 
1 11  LYS n 
1 12  LEU n 
1 13  GLU n 
1 14  THR n 
1 15  LEU n 
1 16  LEU n 
1 17  GLY n 
1 18  PHE n 
1 19  TYR n 
1 20  LYS n 
1 21  GLN n 
1 22  TYR n 
1 23  LYS n 
1 24  ALA n 
1 25  LEU n 
1 26  SER n 
1 27  GLU n 
1 28  TYR n 
1 29  ILE n 
1 30  ASP n 
1 31  LYS n 
1 32  LYS n 
1 33  TYR n 
1 34  LYS n 
1 35  LEU n 
1 36  SER n 
1 37  LEU n 
1 38  ASN n 
1 39  ASP n 
1 40  LEU n 
1 41  ALA n 
1 42  VAL n 
1 43  LEU n 
1 44  ASP n 
1 45  LEU n 
1 46  THR n 
1 47  MET n 
1 48  LYS n 
1 49  HIS n 
1 50  CYS n 
1 51  LYS n 
1 52  ASP n 
1 53  GLU n 
1 54  LYS n 
1 55  VAL n 
1 56  LEU n 
1 57  MET n 
1 58  GLN n 
1 59  SER n 
1 60  PHE n 
1 61  LEU n 
1 62  LYS n 
1 63  THR n 
1 64  ALA n 
1 65  MET n 
1 66  ASP n 
1 67  GLU n 
1 68  LEU n 
1 69  ASP n 
1 70  LEU n 
1 71  SER n 
1 72  ARG n 
1 73  THR n 
1 74  LYS n 
1 75  LEU n 
1 76  LEU n 
1 77  VAL n 
1 78  SER n 
1 79  ILE n 
1 80  ARG n 
1 81  ARG n 
1 82  LEU n 
1 83  ILE n 
1 84  GLU n 
1 85  LYS n 
1 86  GLU n 
1 87  ARG n 
1 88  LEU n 
1 89  SER n 
1 90  LYS n 
1 91  VAL n 
1 92  ARG n 
1 93  SER n 
1 94  SER n 
1 95  LYS n 
1 96  ASP n 
1 97  GLU n 
1 98  ARG n 
1 99  LYS n 
1 100 ILE n 
1 101 TYR n 
1 102 ILE n 
1 103 TYR n 
1 104 LEU n 
1 105 ASN n 
1 106 ASN n 
1 107 ASP n 
1 108 ASP n 
1 109 ILE n 
1 110 SER n 
1 111 LYS n 
1 112 PHE n 
1 113 ASN n 
1 114 ALA n 
1 115 LEU n 
1 116 PHE n 
1 117 GLU n 
1 118 ASP n 
1 119 VAL n 
1 120 GLU n 
1 121 GLN n 
1 122 PHE n 
1 123 LEU n 
1 124 ASN n 
1 125 ILE n 
# 
_entity_src_gen.entity_id                          1 
_entity_src_gen.pdbx_src_id                        1 
_entity_src_gen.pdbx_alt_source_flag               sample 
_entity_src_gen.pdbx_seq_type                      'Biological sequence' 
_entity_src_gen.pdbx_beg_seq_num                   1 
_entity_src_gen.pdbx_end_seq_num                   125 
_entity_src_gen.gene_src_common_name               ? 
_entity_src_gen.gene_src_genus                     ? 
_entity_src_gen.pdbx_gene_src_gene                 'sarX, SAOUHSC_00674' 
_entity_src_gen.gene_src_species                   ? 
_entity_src_gen.gene_src_strain                    'NCTC 8325' 
_entity_src_gen.gene_src_tissue                    ? 
_entity_src_gen.gene_src_tissue_fraction           ? 
_entity_src_gen.gene_src_details                   ? 
_entity_src_gen.pdbx_gene_src_fragment             ? 
_entity_src_gen.pdbx_gene_src_scientific_name      'Staphylococcus aureus (strain NCTC 8325)' 
_entity_src_gen.pdbx_gene_src_ncbi_taxonomy_id     93061 
_entity_src_gen.pdbx_gene_src_variant              ? 
_entity_src_gen.pdbx_gene_src_cell_line            ? 
_entity_src_gen.pdbx_gene_src_atcc                 ? 
_entity_src_gen.pdbx_gene_src_organ                ? 
_entity_src_gen.pdbx_gene_src_organelle            ? 
_entity_src_gen.pdbx_gene_src_cell                 ? 
_entity_src_gen.pdbx_gene_src_cellular_location    ? 
_entity_src_gen.host_org_common_name               ? 
_entity_src_gen.pdbx_host_org_scientific_name      'Escherichia coli K-12' 
_entity_src_gen.pdbx_host_org_ncbi_taxonomy_id     83333 
_entity_src_gen.host_org_genus                     ? 
_entity_src_gen.pdbx_host_org_gene                 ? 
_entity_src_gen.pdbx_host_org_organ                ? 
_entity_src_gen.host_org_species                   ? 
_entity_src_gen.pdbx_host_org_tissue               ? 
_entity_src_gen.pdbx_host_org_tissue_fraction      ? 
_entity_src_gen.pdbx_host_org_strain               K-12 
_entity_src_gen.pdbx_host_org_variant              ? 
_entity_src_gen.pdbx_host_org_cell_line            ? 
_entity_src_gen.pdbx_host_org_atcc                 ? 
_entity_src_gen.pdbx_host_org_culture_collection   ? 
_entity_src_gen.pdbx_host_org_cell                 ? 
_entity_src_gen.pdbx_host_org_organelle            ? 
_entity_src_gen.pdbx_host_org_cellular_location    ? 
_entity_src_gen.pdbx_host_org_vector_type          ? 
_entity_src_gen.pdbx_host_org_vector               ? 
_entity_src_gen.host_org_details                   ? 
_entity_src_gen.expression_system_id               ? 
_entity_src_gen.plasmid_name                       ? 
_entity_src_gen.plasmid_details                    ? 
_entity_src_gen.pdbx_description                   ? 
# 
_struct_ref.id                         1 
_struct_ref.db_name                    UNP 
_struct_ref.db_code                    SARX_STAA8 
_struct_ref.pdbx_db_accession          Q2G0D1 
_struct_ref.pdbx_db_isoform            ? 
_struct_ref.entity_id                  1 
_struct_ref.pdbx_seq_one_letter_code   
;MNTEKLETLLGFYKQYKALSEYIDKKYKLSLNDLAVLDLTMKHCKDEKVLMQSFLKTAMDELDLSRTKLLVSIRRLIEKE
RLSKVRSSKDERKIYIYLNNDDISKFNALFEDVEQFLNI
;
_struct_ref.pdbx_align_begin           1 
# 
_struct_ref_seq.align_id                      1 
_struct_ref_seq.ref_id                        1 
_struct_ref_seq.pdbx_PDB_id_code              5YWJ 
_struct_ref_seq.pdbx_strand_id                A 
_struct_ref_seq.seq_align_beg                 7 
_struct_ref_seq.pdbx_seq_align_beg_ins_code   ? 
_struct_ref_seq.seq_align_end                 125 
_struct_ref_seq.pdbx_seq_align_end_ins_code   ? 
_struct_ref_seq.pdbx_db_accession             Q2G0D1 
_struct_ref_seq.db_align_beg                  1 
_struct_ref_seq.pdbx_db_align_beg_ins_code    ? 
_struct_ref_seq.db_align_end                  119 
_struct_ref_seq.pdbx_db_align_end_ins_code    ? 
_struct_ref_seq.pdbx_auth_seq_align_beg       1 
_struct_ref_seq.pdbx_auth_seq_align_end       119 
# 
loop_
_struct_ref_seq_dif.align_id 
_struct_ref_seq_dif.pdbx_pdb_id_code 
_struct_ref_seq_dif.mon_id 
_struct_ref_seq_dif.pdbx_pdb_strand_id 
_struct_ref_seq_dif.seq_num 
_struct_ref_seq_dif.pdbx_pdb_ins_code 
_struct_ref_seq_dif.pdbx_seq_db_name 
_struct_ref_seq_dif.pdbx_seq_db_accession_code 
_struct_ref_seq_dif.db_mon_id 
_struct_ref_seq_dif.pdbx_seq_db_seq_num 
_struct_ref_seq_dif.details 
_struct_ref_seq_dif.pdbx_auth_seq_num 
_struct_ref_seq_dif.pdbx_ordinal 
1 5YWJ HIS A 1 ? UNP Q2G0D1 ? ? 'expression tag' -5 1 
1 5YWJ HIS A 2 ? UNP Q2G0D1 ? ? 'expression tag' -4 2 
1 5YWJ HIS A 3 ? UNP Q2G0D1 ? ? 'expression tag' -3 3 
1 5YWJ HIS A 4 ? UNP Q2G0D1 ? ? 'expression tag' -2 4 
1 5YWJ HIS A 5 ? UNP Q2G0D1 ? ? 'expression tag' -1 5 
1 5YWJ HIS A 6 ? UNP Q2G0D1 ? ? 'expression tag' 0  6 
# 
loop_
_chem_comp.id 
_chem_comp.type 
_chem_comp.mon_nstd_flag 
_chem_comp.name 
_chem_comp.pdbx_synonyms 
_chem_comp.formula 
_chem_comp.formula_weight 
ALA 'L-peptide linking' y ALANINE         ? 'C3 H7 N O2'     89.093  
ARG 'L-peptide linking' y ARGININE        ? 'C6 H15 N4 O2 1' 175.209 
ASN 'L-peptide linking' y ASPARAGINE      ? 'C4 H8 N2 O3'    132.118 
ASP 'L-peptide linking' y 'ASPARTIC ACID' ? 'C4 H7 N O4'     133.103 
CYS 'L-peptide linking' y CYSTEINE        ? 'C3 H7 N O2 S'   121.158 
GLN 'L-peptide linking' y GLUTAMINE       ? 'C5 H10 N2 O3'   146.144 
GLU 'L-peptide linking' y 'GLUTAMIC ACID' ? 'C5 H9 N O4'     147.129 
GLY 'peptide linking'   y GLYCINE         ? 'C2 H5 N O2'     75.067  
HIS 'L-peptide linking' y HISTIDINE       ? 'C6 H10 N3 O2 1' 156.162 
HOH non-polymer         . WATER           ? 'H2 O'           18.015  
ILE 'L-peptide linking' y ISOLEUCINE      ? 'C6 H13 N O2'    131.173 
LEU 'L-peptide linking' y LEUCINE         ? 'C6 H13 N O2'    131.173 
LYS 'L-peptide linking' y LYSINE          ? 'C6 H15 N2 O2 1' 147.195 
MET 'L-peptide linking' y METHIONINE      ? 'C5 H11 N O2 S'  149.211 
PHE 'L-peptide linking' y PHENYLALANINE   ? 'C9 H11 N O2'    165.189 
SER 'L-peptide linking' y SERINE          ? 'C3 H7 N O3'     105.093 
THR 'L-peptide linking' y THREONINE       ? 'C4 H9 N O3'     119.119 
TYR 'L-peptide linking' y TYROSINE        ? 'C9 H11 N O3'    181.189 
VAL 'L-peptide linking' y VALINE          ? 'C5 H11 N O2'    117.146 
# 
_exptl.absorpt_coefficient_mu     ? 
_exptl.absorpt_correction_T_max   ? 
_exptl.absorpt_correction_T_min   ? 
_exptl.absorpt_correction_type    ? 
_exptl.absorpt_process_details    ? 
_exptl.entry_id                   5YWJ 
_exptl.crystals_number            1 
_exptl.details                    ? 
_exptl.method                     'X-RAY DIFFRACTION' 
_exptl.method_details             ? 
# 
_exptl_crystal.colour                      ? 
_exptl_crystal.density_diffrn              ? 
_exptl_crystal.density_Matthews            2.14 
_exptl_crystal.density_method              ? 
_exptl_crystal.density_percent_sol         42.56 
_exptl_crystal.description                 ? 
_exptl_crystal.F_000                       ? 
_exptl_crystal.id                          1 
_exptl_crystal.preparation                 ? 
_exptl_crystal.size_max                    ? 
_exptl_crystal.size_mid                    ? 
_exptl_crystal.size_min                    ? 
_exptl_crystal.size_rad                    ? 
_exptl_crystal.colour_lustre               ? 
_exptl_crystal.colour_modifier             ? 
_exptl_crystal.colour_primary              ? 
_exptl_crystal.density_meas                ? 
_exptl_crystal.density_meas_esd            ? 
_exptl_crystal.density_meas_gt             ? 
_exptl_crystal.density_meas_lt             ? 
_exptl_crystal.density_meas_temp           ? 
_exptl_crystal.density_meas_temp_esd       ? 
_exptl_crystal.density_meas_temp_gt        ? 
_exptl_crystal.density_meas_temp_lt        ? 
_exptl_crystal.pdbx_crystal_image_url      ? 
_exptl_crystal.pdbx_crystal_image_format   ? 
_exptl_crystal.pdbx_mosaicity              ? 
_exptl_crystal.pdbx_mosaicity_esd          ? 
# 
_exptl_crystal_grow.apparatus       ? 
_exptl_crystal_grow.atmosphere      ? 
_exptl_crystal_grow.crystal_id      1 
_exptl_crystal_grow.details         ? 
_exptl_crystal_grow.method          'VAPOR DIFFUSION, SITTING DROP' 
_exptl_crystal_grow.method_ref      ? 
_exptl_crystal_grow.pH              ? 
_exptl_crystal_grow.pressure        ? 
_exptl_crystal_grow.pressure_esd    ? 
_exptl_crystal_grow.seeding         ? 
_exptl_crystal_grow.seeding_ref     ? 
_exptl_crystal_grow.temp            289.16 
_exptl_crystal_grow.temp_details    ? 
_exptl_crystal_grow.temp_esd        ? 
_exptl_crystal_grow.time            ? 
_exptl_crystal_grow.pdbx_details    'Bicine pH9.0, 1,4-Dioxane, PEG 20000' 
_exptl_crystal_grow.pdbx_pH_range   ? 
# 
_diffrn.ambient_environment    ? 
_diffrn.ambient_temp           100 
_diffrn.ambient_temp_details   ? 
_diffrn.ambient_temp_esd       ? 
_diffrn.crystal_id             1 
_diffrn.crystal_support        ? 
_diffrn.crystal_treatment      ? 
_diffrn.details                ? 
_diffrn.id                     1 
_diffrn.ambient_pressure       ? 
_diffrn.ambient_pressure_esd   ? 
_diffrn.ambient_pressure_gt    ? 
_diffrn.ambient_pressure_lt    ? 
_diffrn.ambient_temp_gt        ? 
_diffrn.ambient_temp_lt        ? 
# 
_diffrn_detector.details                      ? 
_diffrn_detector.detector                     PIXEL 
_diffrn_detector.diffrn_id                    1 
_diffrn_detector.type                         'DECTRIS PILATUS3 X 1M' 
_diffrn_detector.area_resol_mean              ? 
_diffrn_detector.dtime                        ? 
_diffrn_detector.pdbx_frames_total            ? 
_diffrn_detector.pdbx_collection_time_total   ? 
_diffrn_detector.pdbx_collection_date         2017-06-22 
# 
_diffrn_radiation.collimation                      ? 
_diffrn_radiation.diffrn_id                        1 
_diffrn_radiation.filter_edge                      ? 
_diffrn_radiation.inhomogeneity                    ? 
_diffrn_radiation.monochromator                    ? 
_diffrn_radiation.polarisn_norm                    ? 
_diffrn_radiation.polarisn_ratio                   ? 
_diffrn_radiation.probe                            ? 
_diffrn_radiation.type                             ? 
_diffrn_radiation.xray_symbol                      ? 
_diffrn_radiation.wavelength_id                    1 
_diffrn_radiation.pdbx_monochromatic_or_laue_m_l   M 
_diffrn_radiation.pdbx_wavelength_list             ? 
_diffrn_radiation.pdbx_wavelength                  ? 
_diffrn_radiation.pdbx_diffrn_protocol             'SINGLE WAVELENGTH' 
_diffrn_radiation.pdbx_analyzer                    ? 
_diffrn_radiation.pdbx_scattering_type             x-ray 
# 
_diffrn_radiation_wavelength.id           1 
_diffrn_radiation_wavelength.wavelength   0.97774 
_diffrn_radiation_wavelength.wt           1.0 
# 
_diffrn_source.current                     ? 
_diffrn_source.details                     ? 
_diffrn_source.diffrn_id                   1 
_diffrn_source.power                       ? 
_diffrn_source.size                        ? 
_diffrn_source.source                      SYNCHROTRON 
_diffrn_source.target                      ? 
_diffrn_source.type                        'SSRF BEAMLINE BL19U1' 
_diffrn_source.voltage                     ? 
_diffrn_source.take-off_angle              ? 
_diffrn_source.pdbx_wavelength_list        0.97774 
_diffrn_source.pdbx_wavelength             ? 
_diffrn_source.pdbx_synchrotron_beamline   BL19U1 
_diffrn_source.pdbx_synchrotron_site       SSRF 
# 
_reflns.B_iso_Wilson_estimate            ? 
_reflns.entry_id                         5YWJ 
_reflns.data_reduction_details           ? 
_reflns.data_reduction_method            ? 
_reflns.d_resolution_high                2.1 
_reflns.d_resolution_low                 57.74 
_reflns.details                          ? 
_reflns.limit_h_max                      ? 
_reflns.limit_h_min                      ? 
_reflns.limit_k_max                      ? 
_reflns.limit_k_min                      ? 
_reflns.limit_l_max                      ? 
_reflns.limit_l_min                      ? 
_reflns.number_all                       ? 
_reflns.number_obs                       8345 
_reflns.observed_criterion               ? 
_reflns.observed_criterion_F_max         ? 
_reflns.observed_criterion_F_min         ? 
_reflns.observed_criterion_I_max         ? 
_reflns.observed_criterion_I_min         ? 
_reflns.observed_criterion_sigma_F       ? 
_reflns.observed_criterion_sigma_I       ? 
_reflns.percent_possible_obs             98.7 
_reflns.R_free_details                   ? 
_reflns.Rmerge_F_all                     ? 
_reflns.Rmerge_F_obs                     ? 
_reflns.Friedel_coverage                 ? 
_reflns.number_gt                        ? 
_reflns.threshold_expression             ? 
_reflns.pdbx_redundancy                  5.2 
_reflns.pdbx_Rmerge_I_obs                0.087 
_reflns.pdbx_Rmerge_I_all                ? 
_reflns.pdbx_Rsym_value                  0.087 
_reflns.pdbx_netI_over_av_sigmaI         ? 
_reflns.pdbx_netI_over_sigmaI            8.19 
_reflns.pdbx_res_netI_over_av_sigmaI_2   ? 
_reflns.pdbx_res_netI_over_sigmaI_2      ? 
_reflns.pdbx_chi_squared                 ? 
_reflns.pdbx_scaling_rejects             ? 
_reflns.pdbx_d_res_high_opt              ? 
_reflns.pdbx_d_res_low_opt               ? 
_reflns.pdbx_d_res_opt_method            ? 
_reflns.phase_calculation_details        ? 
_reflns.pdbx_Rrim_I_all                  ? 
_reflns.pdbx_Rpim_I_all                  ? 
_reflns.pdbx_d_opt                       ? 
_reflns.pdbx_number_measured_all         ? 
_reflns.pdbx_diffrn_id                   1 
_reflns.pdbx_ordinal                     1 
_reflns.pdbx_CC_half                     ? 
_reflns.pdbx_R_split                     ? 
# 
_reflns_shell.d_res_high                  2.1 
_reflns_shell.d_res_low                   2.14 
_reflns_shell.meanI_over_sigI_all         ? 
_reflns_shell.meanI_over_sigI_obs         ? 
_reflns_shell.number_measured_all         ? 
_reflns_shell.number_measured_obs         ? 
_reflns_shell.number_possible             ? 
_reflns_shell.number_unique_all           ? 
_reflns_shell.number_unique_obs           557 
_reflns_shell.percent_possible_all        ? 
_reflns_shell.percent_possible_obs        ? 
_reflns_shell.Rmerge_F_all                ? 
_reflns_shell.Rmerge_F_obs                ? 
_reflns_shell.Rmerge_I_all                ? 
_reflns_shell.Rmerge_I_obs                0.221 
_reflns_shell.meanI_over_sigI_gt          ? 
_reflns_shell.meanI_over_uI_all           ? 
_reflns_shell.meanI_over_uI_gt            ? 
_reflns_shell.number_measured_gt          ? 
_reflns_shell.number_unique_gt            ? 
_reflns_shell.percent_possible_gt         ? 
_reflns_shell.Rmerge_F_gt                 ? 
_reflns_shell.Rmerge_I_gt                 ? 
_reflns_shell.pdbx_redundancy             5.6 
_reflns_shell.pdbx_Rsym_value             0.221 
_reflns_shell.pdbx_chi_squared            ? 
_reflns_shell.pdbx_netI_over_sigmaI_all   ? 
_reflns_shell.pdbx_netI_over_sigmaI_obs   ? 
_reflns_shell.pdbx_Rrim_I_all             ? 
_reflns_shell.pdbx_Rpim_I_all             ? 
_reflns_shell.pdbx_rejects                ? 
_reflns_shell.pdbx_ordinal                1 
_reflns_shell.pdbx_diffrn_id              1 
_reflns_shell.pdbx_CC_half                ? 
_reflns_shell.pdbx_R_split                ? 
# 
_refine.aniso_B[1][1]                            ? 
_refine.aniso_B[1][2]                            ? 
_refine.aniso_B[1][3]                            ? 
_refine.aniso_B[2][2]                            ? 
_refine.aniso_B[2][3]                            ? 
_refine.aniso_B[3][3]                            ? 
_refine.B_iso_max                                ? 
_refine.B_iso_mean                               ? 
_refine.B_iso_min                                ? 
_refine.correlation_coeff_Fo_to_Fc               ? 
_refine.correlation_coeff_Fo_to_Fc_free          ? 
_refine.details                                  ? 
_refine.diff_density_max                         ? 
_refine.diff_density_max_esd                     ? 
_refine.diff_density_min                         ? 
_refine.diff_density_min_esd                     ? 
_refine.diff_density_rms                         ? 
_refine.diff_density_rms_esd                     ? 
_refine.entry_id                                 5YWJ 
_refine.pdbx_refine_id                           'X-RAY DIFFRACTION' 
_refine.ls_abs_structure_details                 ? 
_refine.ls_abs_structure_Flack                   ? 
_refine.ls_abs_structure_Flack_esd               ? 
_refine.ls_abs_structure_Rogers                  ? 
_refine.ls_abs_structure_Rogers_esd              ? 
_refine.ls_d_res_high                            2.102 
_refine.ls_d_res_low                             23.612 
_refine.ls_extinction_coef                       ? 
_refine.ls_extinction_coef_esd                   ? 
_refine.ls_extinction_expression                 ? 
_refine.ls_extinction_method                     ? 
_refine.ls_goodness_of_fit_all                   ? 
_refine.ls_goodness_of_fit_all_esd               ? 
_refine.ls_goodness_of_fit_obs                   ? 
_refine.ls_goodness_of_fit_obs_esd               ? 
_refine.ls_hydrogen_treatment                    ? 
_refine.ls_matrix_type                           ? 
_refine.ls_number_constraints                    ? 
_refine.ls_number_parameters                     ? 
_refine.ls_number_reflns_all                     ? 
_refine.ls_number_reflns_obs                     8323 
_refine.ls_number_reflns_R_free                  386 
_refine.ls_number_reflns_R_work                  ? 
_refine.ls_number_restraints                     ? 
_refine.ls_percent_reflns_obs                    98.72 
_refine.ls_percent_reflns_R_free                 4.64 
_refine.ls_R_factor_all                          ? 
_refine.ls_R_factor_obs                          0.2489 
_refine.ls_R_factor_R_free                       0.2849 
_refine.ls_R_factor_R_free_error                 ? 
_refine.ls_R_factor_R_free_error_details         ? 
_refine.ls_R_factor_R_work                       0.2472 
_refine.ls_R_Fsqd_factor_obs                     ? 
_refine.ls_R_I_factor_obs                        ? 
_refine.ls_redundancy_reflns_all                 ? 
_refine.ls_redundancy_reflns_obs                 ? 
_refine.ls_restrained_S_all                      ? 
_refine.ls_restrained_S_obs                      ? 
_refine.ls_shift_over_esd_max                    ? 
_refine.ls_shift_over_esd_mean                   ? 
_refine.ls_structure_factor_coef                 ? 
_refine.ls_weighting_details                     ? 
_refine.ls_weighting_scheme                      ? 
_refine.ls_wR_factor_all                         ? 
_refine.ls_wR_factor_obs                         ? 
_refine.ls_wR_factor_R_free                      ? 
_refine.ls_wR_factor_R_work                      ? 
_refine.occupancy_max                            ? 
_refine.occupancy_min                            ? 
_refine.solvent_model_details                    ? 
_refine.solvent_model_param_bsol                 ? 
_refine.solvent_model_param_ksol                 ? 
_refine.ls_R_factor_gt                           ? 
_refine.ls_goodness_of_fit_gt                    ? 
_refine.ls_goodness_of_fit_ref                   ? 
_refine.ls_shift_over_su_max                     ? 
_refine.ls_shift_over_su_max_lt                  ? 
_refine.ls_shift_over_su_mean                    ? 
_refine.ls_shift_over_su_mean_lt                 ? 
_refine.pdbx_ls_sigma_I                          ? 
_refine.pdbx_ls_sigma_F                          1.40 
_refine.pdbx_ls_sigma_Fsqd                       ? 
_refine.pdbx_data_cutoff_high_absF               ? 
_refine.pdbx_data_cutoff_high_rms_absF           ? 
_refine.pdbx_data_cutoff_low_absF                ? 
_refine.pdbx_isotropic_thermal_model             ? 
_refine.pdbx_ls_cross_valid_method               NONE 
_refine.pdbx_method_to_determine_struct          'MOLECULAR REPLACEMENT' 
_refine.pdbx_starting_model                      5HS5 
_refine.pdbx_stereochemistry_target_values       ? 
_refine.pdbx_R_Free_selection_details            ? 
_refine.pdbx_stereochem_target_val_spec_case     ? 
_refine.pdbx_overall_ESU_R                       ? 
_refine.pdbx_overall_ESU_R_Free                  ? 
_refine.pdbx_solvent_vdw_probe_radii             1.11 
_refine.pdbx_solvent_ion_probe_radii             ? 
_refine.pdbx_solvent_shrinkage_radii             0.90 
_refine.pdbx_real_space_R                        ? 
_refine.pdbx_density_correlation                 ? 
_refine.pdbx_pd_number_of_powder_patterns        ? 
_refine.pdbx_pd_number_of_points                 ? 
_refine.pdbx_pd_meas_number_of_points            ? 
_refine.pdbx_pd_proc_ls_prof_R_factor            ? 
_refine.pdbx_pd_proc_ls_prof_wR_factor           ? 
_refine.pdbx_pd_Marquardt_correlation_coeff      ? 
_refine.pdbx_pd_Fsqrd_R_factor                   ? 
_refine.pdbx_pd_ls_matrix_band_width             ? 
_refine.pdbx_overall_phase_error                 32.58 
_refine.pdbx_overall_SU_R_free_Cruickshank_DPI   ? 
_refine.pdbx_overall_SU_R_free_Blow_DPI          ? 
_refine.pdbx_overall_SU_R_Blow_DPI               ? 
_refine.pdbx_TLS_residual_ADP_flag               ? 
_refine.pdbx_diffrn_id                           1 
_refine.overall_SU_B                             ? 
_refine.overall_SU_ML                            0.25 
_refine.overall_SU_R_Cruickshank_DPI             ? 
_refine.overall_SU_R_free                        ? 
_refine.overall_FOM_free_R_set                   ? 
_refine.overall_FOM_work_R_set                   ? 
_refine.pdbx_average_fsc_overall                 ? 
_refine.pdbx_average_fsc_work                    ? 
_refine.pdbx_average_fsc_free                    ? 
# 
_refine_hist.pdbx_refine_id                   'X-RAY DIFFRACTION' 
_refine_hist.cycle_id                         LAST 
_refine_hist.pdbx_number_atoms_protein        820 
_refine_hist.pdbx_number_atoms_nucleic_acid   0 
_refine_hist.pdbx_number_atoms_ligand         0 
_refine_hist.number_atoms_solvent             17 
_refine_hist.number_atoms_total               837 
_refine_hist.d_res_high                       2.102 
_refine_hist.d_res_low                        23.612 
# 
loop_
_refine_ls_restr.pdbx_refine_id 
_refine_ls_restr.criterion 
_refine_ls_restr.dev_ideal 
_refine_ls_restr.dev_ideal_target 
_refine_ls_restr.number 
_refine_ls_restr.rejects 
_refine_ls_restr.type 
_refine_ls_restr.weight 
_refine_ls_restr.pdbx_restraint_function 
'X-RAY DIFFRACTION' ? 0.007  ? 830  ? f_bond_d           ? ? 
'X-RAY DIFFRACTION' ? 1.031  ? 1123 ? f_angle_d          ? ? 
'X-RAY DIFFRACTION' ? 12.939 ? 289  ? f_dihedral_angle_d ? ? 
'X-RAY DIFFRACTION' ? 0.074  ? 140  ? f_chiral_restr     ? ? 
'X-RAY DIFFRACTION' ? 0.003  ? 137  ? f_plane_restr      ? ? 
# 
loop_
_refine_ls_shell.pdbx_refine_id 
_refine_ls_shell.d_res_high 
_refine_ls_shell.d_res_low 
_refine_ls_shell.number_reflns_all 
_refine_ls_shell.number_reflns_obs 
_refine_ls_shell.number_reflns_R_free 
_refine_ls_shell.number_reflns_R_work 
_refine_ls_shell.percent_reflns_obs 
_refine_ls_shell.percent_reflns_R_free 
_refine_ls_shell.R_factor_all 
_refine_ls_shell.R_factor_obs 
_refine_ls_shell.R_factor_R_free 
_refine_ls_shell.R_factor_R_free_error 
_refine_ls_shell.R_factor_R_work 
_refine_ls_shell.redundancy_reflns_all 
_refine_ls_shell.redundancy_reflns_obs 
_refine_ls_shell.wR_factor_all 
_refine_ls_shell.wR_factor_obs 
_refine_ls_shell.wR_factor_R_free 
_refine_ls_shell.wR_factor_R_work 
_refine_ls_shell.pdbx_total_number_of_bins_used 
_refine_ls_shell.pdbx_phase_error 
_refine_ls_shell.pdbx_fsc_work 
_refine_ls_shell.pdbx_fsc_free 
'X-RAY DIFFRACTION' 2.1018 2.4056  . . 130 2578 100.00 . . . 0.3035 . 0.2221 . . . . . . . . . . 
'X-RAY DIFFRACTION' 2.4056 3.0299  . . 129 2612 100.00 . . . 0.3374 . 0.2947 . . . . . . . . . . 
'X-RAY DIFFRACTION' 3.0299 23.6132 . . 127 2747 97.00  . . . 0.2658 . 0.2369 . . . . . . . . . . 
# 
_struct.entry_id                     5YWJ 
_struct.title                        'Global regulatory element SarX' 
_struct.pdbx_model_details           ? 
_struct.pdbx_formula_weight          ? 
_struct.pdbx_formula_weight_method   ? 
_struct.pdbx_model_type_details      ? 
_struct.pdbx_CASP_flag               N 
# 
_struct_keywords.entry_id        5YWJ 
_struct_keywords.text            'Global regulatory element, DNA-binding, transcriptional contral, TRANSCRIPTION' 
_struct_keywords.pdbx_keywords   TRANSCRIPTION 
# 
loop_
_struct_asym.id 
_struct_asym.pdbx_blank_PDB_chainid_flag 
_struct_asym.pdbx_modified 
_struct_asym.entity_id 
_struct_asym.details 
A N N 1 ? 
B N N 2 ? 
# 
loop_
_struct_conf.conf_type_id 
_struct_conf.id 
_struct_conf.pdbx_PDB_helix_id 
_struct_conf.beg_label_comp_id 
_struct_conf.beg_label_asym_id 
_struct_conf.beg_label_seq_id 
_struct_conf.pdbx_beg_PDB_ins_code 
_struct_conf.end_label_comp_id 
_struct_conf.end_label_asym_id 
_struct_conf.end_label_seq_id 
_struct_conf.pdbx_end_PDB_ins_code 
_struct_conf.beg_auth_comp_id 
_struct_conf.beg_auth_asym_id 
_struct_conf.beg_auth_seq_id 
_struct_conf.end_auth_comp_id 
_struct_conf.end_auth_asym_id 
_struct_conf.end_auth_seq_id 
_struct_conf.pdbx_PDB_helix_class 
_struct_conf.details 
_struct_conf.pdbx_PDB_helix_length 
HELX_P HELX_P1 AA1 LEU A 15  ? LYS A 34  ? LEU A 9  LYS A 28  1 ? 20 
HELX_P HELX_P2 AA2 SER A 36  ? CYS A 50  ? SER A 30 CYS A 44  1 ? 15 
HELX_P HELX_P3 AA3 MET A 57  ? ASP A 69  ? MET A 51 ASP A 63  1 ? 13 
HELX_P HELX_P4 AA4 SER A 71  ? LYS A 85  ? SER A 65 LYS A 79  1 ? 15 
HELX_P HELX_P5 AA5 ASN A 105 ? ASN A 124 ? ASN A 99 ASN A 118 1 ? 20 
# 
_struct_conf_type.id          HELX_P 
_struct_conf_type.criteria    ? 
_struct_conf_type.reference   ? 
# 
_struct_sheet.id               AA1 
_struct_sheet.type             ? 
_struct_sheet.number_strands   3 
_struct_sheet.details          ? 
# 
loop_
_struct_sheet_order.sheet_id 
_struct_sheet_order.range_id_1 
_struct_sheet_order.range_id_2 
_struct_sheet_order.offset 
_struct_sheet_order.sense 
AA1 1 2 ? anti-parallel 
AA1 2 3 ? anti-parallel 
# 
loop_
_struct_sheet_range.sheet_id 
_struct_sheet_range.id 
_struct_sheet_range.beg_label_comp_id 
_struct_sheet_range.beg_label_asym_id 
_struct_sheet_range.beg_label_seq_id 
_struct_sheet_range.pdbx_beg_PDB_ins_code 
_struct_sheet_range.end_label_comp_id 
_struct_sheet_range.end_label_asym_id 
_struct_sheet_range.end_label_seq_id 
_struct_sheet_range.pdbx_end_PDB_ins_code 
_struct_sheet_range.beg_auth_comp_id 
_struct_sheet_range.beg_auth_asym_id 
_struct_sheet_range.beg_auth_seq_id 
_struct_sheet_range.end_auth_comp_id 
_struct_sheet_range.end_auth_asym_id 
_struct_sheet_range.end_auth_seq_id 
AA1 1 VAL A 55  ? LEU A 56  ? VAL A 49 LEU A 50 
AA1 2 ILE A 100 ? TYR A 103 ? ILE A 94 TYR A 97 
AA1 3 SER A 89  ? ARG A 92  ? SER A 83 ARG A 86 
# 
loop_
_pdbx_struct_sheet_hbond.sheet_id 
_pdbx_struct_sheet_hbond.range_id_1 
_pdbx_struct_sheet_hbond.range_id_2 
_pdbx_struct_sheet_hbond.range_1_label_atom_id 
_pdbx_struct_sheet_hbond.range_1_label_comp_id 
_pdbx_struct_sheet_hbond.range_1_label_asym_id 
_pdbx_struct_sheet_hbond.range_1_label_seq_id 
_pdbx_struct_sheet_hbond.range_1_PDB_ins_code 
_pdbx_struct_sheet_hbond.range_1_auth_atom_id 
_pdbx_struct_sheet_hbond.range_1_auth_comp_id 
_pdbx_struct_sheet_hbond.range_1_auth_asym_id 
_pdbx_struct_sheet_hbond.range_1_auth_seq_id 
_pdbx_struct_sheet_hbond.range_2_label_atom_id 
_pdbx_struct_sheet_hbond.range_2_label_comp_id 
_pdbx_struct_sheet_hbond.range_2_label_asym_id 
_pdbx_struct_sheet_hbond.range_2_label_seq_id 
_pdbx_struct_sheet_hbond.range_2_PDB_ins_code 
_pdbx_struct_sheet_hbond.range_2_auth_atom_id 
_pdbx_struct_sheet_hbond.range_2_auth_comp_id 
_pdbx_struct_sheet_hbond.range_2_auth_asym_id 
_pdbx_struct_sheet_hbond.range_2_auth_seq_id 
AA1 1 2 N VAL A 55  ? N VAL A 49 O ILE A 102 ? O ILE A 96 
AA1 2 3 O TYR A 101 ? O TYR A 95 N VAL A 91  ? N VAL A 85 
# 
_atom_sites.entry_id                    5YWJ 
_atom_sites.fract_transf_matrix[1][1]   -0.01853955 
_atom_sites.fract_transf_matrix[1][2]   -0.02351823 
_atom_sites.fract_transf_matrix[1][3]   0.00002346 
_atom_sites.fract_transf_matrix[2][1]   0.02306901 
_atom_sites.fract_transf_matrix[2][2]   -0.01817960 
_atom_sites.fract_transf_matrix[2][3]   0.00584345 
_atom_sites.fract_transf_matrix[3][1]   -0.00066146 
_atom_sites.fract_transf_matrix[3][2]   0.00052567 
_atom_sites.fract_transf_matrix[3][3]   0.00424677 
_atom_sites.fract_transf_vector[1]      0.407765 
_atom_sites.fract_transf_vector[2]      0.328630 
_atom_sites.fract_transf_vector[3]      0.069703 
# 
loop_
_atom_type.symbol 
C 
N 
O 
S 
# 
loop_
_atom_site.group_PDB 
_atom_site.id 
_atom_site.type_symbol 
_atom_site.label_atom_id 
_atom_site.label_alt_id 
_atom_site.label_comp_id 
_atom_site.label_asym_id 
_atom_site.label_entity_id 
_atom_site.label_seq_id 
_atom_site.pdbx_PDB_ins_code 
_atom_site.Cartn_x 
_atom_site.Cartn_y 
_atom_site.Cartn_z 
_atom_site.occupancy 
_atom_site.B_iso_or_equiv 
_atom_site.pdbx_formal_charge 
_atom_site.auth_seq_id 
_atom_site.auth_comp_id 
_atom_site.auth_asym_id 
_atom_site.auth_atom_id 
_atom_site.pdbx_PDB_model_num 
ATOM   1   N N   . LEU A 1 15  ? 6.754   -15.868 -20.843 1.00 81.02  ? 9   LEU A N   1 
ATOM   2   C CA  . LEU A 1 15  ? 7.513   -14.623 -20.901 1.00 84.68  ? 9   LEU A CA  1 
ATOM   3   C C   . LEU A 1 15  ? 6.599   -13.465 -21.268 1.00 85.37  ? 9   LEU A C   1 
ATOM   4   O O   . LEU A 1 15  ? 6.279   -12.622 -20.428 1.00 86.08  ? 9   LEU A O   1 
ATOM   5   C CB  . LEU A 1 15  ? 8.647   -14.732 -21.924 1.00 85.23  ? 9   LEU A CB  1 
ATOM   6   N N   . LEU A 1 16  ? 6.176   -13.431 -22.529 1.00 84.63  ? 10  LEU A N   1 
ATOM   7   C CA  . LEU A 1 16  ? 5.209   -12.445 -22.990 1.00 72.11  ? 10  LEU A CA  1 
ATOM   8   C C   . LEU A 1 16  ? 3.924   -12.629 -22.196 1.00 78.29  ? 10  LEU A C   1 
ATOM   9   O O   . LEU A 1 16  ? 3.162   -11.682 -21.988 1.00 84.67  ? 10  LEU A O   1 
ATOM   10  C CB  . LEU A 1 16  ? 4.930   -12.623 -24.485 1.00 67.56  ? 10  LEU A CB  1 
ATOM   11  N N   . GLY A 1 17  ? 3.701   -13.859 -21.740 1.00 61.42  ? 11  GLY A N   1 
ATOM   12  C CA  . GLY A 1 17  ? 2.534   -14.190 -20.951 1.00 50.29  ? 11  GLY A CA  1 
ATOM   13  C C   . GLY A 1 17  ? 2.384   -13.382 -19.687 1.00 57.70  ? 11  GLY A C   1 
ATOM   14  O O   . GLY A 1 17  ? 1.283   -12.923 -19.367 1.00 58.02  ? 11  GLY A O   1 
ATOM   15  N N   . PHE A 1 18  ? 3.481   -13.209 -18.959 1.00 61.04  ? 12  PHE A N   1 
ATOM   16  C CA  . PHE A 1 18  ? 3.439   -12.398 -17.754 1.00 50.19  ? 12  PHE A CA  1 
ATOM   17  C C   . PHE A 1 18  ? 3.071   -10.968 -18.129 1.00 56.29  ? 12  PHE A C   1 
ATOM   18  O O   . PHE A 1 18  ? 2.226   -10.344 -17.483 1.00 62.92  ? 12  PHE A O   1 
ATOM   19  C CB  . PHE A 1 18  ? 4.784   -12.419 -17.032 1.00 56.75  ? 12  PHE A CB  1 
ATOM   20  N N   . TYR A 1 19  ? 3.713   -10.461 -19.177 1.00 55.54  ? 13  TYR A N   1 
ATOM   21  C CA  . TYR A 1 19  ? 3.490   -9.099  -19.663 1.00 49.14  ? 13  TYR A CA  1 
ATOM   22  C C   . TYR A 1 19  ? 2.010   -8.793  -19.862 1.00 45.94  ? 13  TYR A C   1 
ATOM   23  O O   . TYR A 1 19  ? 1.515   -7.773  -19.390 1.00 46.33  ? 13  TYR A O   1 
ATOM   24  C CB  . TYR A 1 19  ? 4.238   -8.879  -20.976 1.00 44.25  ? 13  TYR A CB  1 
ATOM   25  C CG  . TYR A 1 19  ? 3.789   -7.659  -21.745 1.00 49.30  ? 13  TYR A CG  1 
ATOM   26  C CD1 . TYR A 1 19  ? 4.159   -6.380  -21.350 1.00 41.95  ? 13  TYR A CD1 1 
ATOM   27  C CD2 . TYR A 1 19  ? 3.013   -7.792  -22.885 1.00 54.97  ? 13  TYR A CD2 1 
ATOM   28  C CE1 . TYR A 1 19  ? 3.751   -5.264  -22.070 1.00 40.49  ? 13  TYR A CE1 1 
ATOM   29  C CE2 . TYR A 1 19  ? 2.608   -6.689  -23.608 1.00 52.95  ? 13  TYR A CE2 1 
ATOM   30  C CZ  . TYR A 1 19  ? 2.974   -5.428  -23.195 1.00 43.35  ? 13  TYR A CZ  1 
ATOM   31  O OH  . TYR A 1 19  ? 2.550   -4.346  -23.926 1.00 47.18  ? 13  TYR A OH  1 
ATOM   32  N N   . LYS A 1 20  ? 1.303   -9.685  -20.549 1.00 45.33  ? 14  LYS A N   1 
ATOM   33  C CA  . LYS A 1 20  ? -0.123  -9.485  -20.785 1.00 53.74  ? 14  LYS A CA  1 
ATOM   34  C C   . LYS A 1 20  ? -0.933  -9.410  -19.499 1.00 53.65  ? 14  LYS A C   1 
ATOM   35  O O   . LYS A 1 20  ? -1.701  -8.473  -19.312 1.00 47.96  ? 14  LYS A O   1 
ATOM   36  C CB  . LYS A 1 20  ? -0.688  -10.556 -21.715 1.00 52.13  ? 14  LYS A CB  1 
ATOM   37  C CG  . LYS A 1 20  ? -0.377  -10.310 -23.175 1.00 60.36  ? 14  LYS A CG  1 
ATOM   38  C CD  . LYS A 1 20  ? 0.226   -11.535 -23.838 1.00 66.78  ? 14  LYS A CD  1 
ATOM   39  C CE  . LYS A 1 20  ? -0.802  -12.306 -24.637 1.00 79.17  ? 14  LYS A CE  1 
ATOM   40  N NZ  . LYS A 1 20  ? -0.153  -13.327 -25.519 1.00 82.58  ? 14  LYS A NZ  1 
ATOM   41  N N   . GLN A 1 21  ? -0.761  -10.386 -18.613 1.00 60.18  ? 15  GLN A N   1 
ATOM   42  C CA  . GLN A 1 21  ? -1.514  -10.396 -17.363 1.00 53.88  ? 15  GLN A CA  1 
ATOM   43  C C   . GLN A 1 21  ? -1.139  -9.184  -16.534 1.00 47.76  ? 15  GLN A C   1 
ATOM   44  O O   . GLN A 1 21  ? -1.989  -8.588  -15.876 1.00 54.48  ? 15  GLN A O   1 
ATOM   45  C CB  . GLN A 1 21  ? -1.265  -11.684 -16.571 1.00 59.12  ? 15  GLN A CB  1 
ATOM   46  N N   . TYR A 1 22  ? 0.131   -8.792  -16.594 1.00 48.10  ? 16  TYR A N   1 
ATOM   47  C CA  . TYR A 1 22  ? 0.608   -7.664  -15.799 1.00 36.97  ? 16  TYR A CA  1 
ATOM   48  C C   . TYR A 1 22  ? -0.023  -6.355  -16.277 1.00 51.43  ? 16  TYR A C   1 
ATOM   49  O O   . TYR A 1 22  ? -0.558  -5.591  -15.471 1.00 51.37  ? 16  TYR A O   1 
ATOM   50  C CB  . TYR A 1 22  ? 2.136   -7.553  -15.837 1.00 47.73  ? 16  TYR A CB  1 
ATOM   51  C CG  . TYR A 1 22  ? 2.688   -6.491  -14.904 1.00 51.43  ? 16  TYR A CG  1 
ATOM   52  C CD1 . TYR A 1 22  ? 2.671   -5.150  -15.259 1.00 66.05  ? 16  TYR A CD1 1 
ATOM   53  C CD2 . TYR A 1 22  ? 3.228   -6.834  -13.669 1.00 61.15  ? 16  TYR A CD2 1 
ATOM   54  C CE1 . TYR A 1 22  ? 3.167   -4.177  -14.411 1.00 80.57  ? 16  TYR A CE1 1 
ATOM   55  C CE2 . TYR A 1 22  ? 3.734   -5.863  -12.815 1.00 71.30  ? 16  TYR A CE2 1 
ATOM   56  C CZ  . TYR A 1 22  ? 3.707   -4.538  -13.196 1.00 84.57  ? 16  TYR A CZ  1 
ATOM   57  O OH  . TYR A 1 22  ? 4.198   -3.560  -12.355 1.00 93.57  ? 16  TYR A OH  1 
ATOM   58  N N   . LYS A 1 23  ? 0.068   -6.101  -17.583 1.00 45.88  ? 17  LYS A N   1 
ATOM   59  C CA  . LYS A 1 23  ? -0.547  -4.927  -18.198 1.00 37.59  ? 17  LYS A CA  1 
ATOM   60  C C   . LYS A 1 23  ? -2.021  -4.944  -17.863 1.00 32.93  ? 17  LYS A C   1 
ATOM   61  O O   . LYS A 1 23  ? -2.606  -3.918  -17.561 1.00 33.99  ? 17  LYS A O   1 
ATOM   62  C CB  . LYS A 1 23  ? -0.388  -4.961  -19.730 1.00 31.35  ? 17  LYS A CB  1 
ATOM   63  N N   . ALA A 1 24  ? -2.617  -6.128  -17.942 1.00 40.33  ? 18  ALA A N   1 
ATOM   64  C CA  . ALA A 1 24  ? -4.044  -6.283  -17.712 1.00 46.14  ? 18  ALA A CA  1 
ATOM   65  C C   . ALA A 1 24  ? -4.420  -5.952  -16.269 1.00 47.16  ? 18  ALA A C   1 
ATOM   66  O O   . ALA A 1 24  ? -5.390  -5.242  -16.018 1.00 45.80  ? 18  ALA A O   1 
ATOM   67  C CB  . ALA A 1 24  ? -4.484  -7.697  -18.067 1.00 52.21  ? 18  ALA A CB  1 
ATOM   68  N N   . LEU A 1 25  ? -3.652  -6.469  -15.317 1.00 45.71  ? 19  LEU A N   1 
ATOM   69  C CA  . LEU A 1 25  ? -3.951  -6.209  -13.921 1.00 41.08  ? 19  LEU A CA  1 
ATOM   70  C C   . LEU A 1 25  ? -3.807  -4.721  -13.645 1.00 38.41  ? 19  LEU A C   1 
ATOM   71  O O   . LEU A 1 25  ? -4.669  -4.102  -13.016 1.00 44.86  ? 19  LEU A O   1 
ATOM   72  C CB  . LEU A 1 25  ? -3.024  -7.012  -13.018 1.00 42.74  ? 19  LEU A CB  1 
ATOM   73  C CG  . LEU A 1 25  ? -3.298  -6.801  -11.528 1.00 48.05  ? 19  LEU A CG  1 
ATOM   74  C CD1 . LEU A 1 25  ? -4.563  -7.540  -11.101 1.00 38.96  ? 19  LEU A CD1 1 
ATOM   75  C CD2 . LEU A 1 25  ? -2.104  -7.217  -10.688 1.00 45.44  ? 19  LEU A CD2 1 
ATOM   76  N N   . SER A 1 26  ? -2.716  -4.152  -14.154 1.00 37.80  ? 20  SER A N   1 
ATOM   77  C CA  . SER A 1 26  ? -2.425  -2.733  -14.009 1.00 41.94  ? 20  SER A CA  1 
ATOM   78  C C   . SER A 1 26  ? -3.564  -1.831  -14.531 1.00 46.86  ? 20  SER A C   1 
ATOM   79  O O   . SER A 1 26  ? -4.014  -0.908  -13.846 1.00 41.72  ? 20  SER A O   1 
ATOM   80  C CB  . SER A 1 26  ? -1.113  -2.421  -14.737 1.00 47.21  ? 20  SER A CB  1 
ATOM   81  O OG  . SER A 1 26  ? -0.714  -1.088  -14.500 1.00 51.93  ? 20  SER A OG  1 
ATOM   82  N N   . GLU A 1 27  ? -4.049  -2.108  -15.737 1.00 39.67  ? 21  GLU A N   1 
ATOM   83  C CA  . GLU A 1 27  ? -5.148  -1.314  -16.287 1.00 41.84  ? 21  GLU A CA  1 
ATOM   84  C C   . GLU A 1 27  ? -6.411  -1.454  -15.426 1.00 42.62  ? 21  GLU A C   1 
ATOM   85  O O   . GLU A 1 27  ? -7.065  -0.466  -15.098 1.00 44.09  ? 21  GLU A O   1 
ATOM   86  C CB  . GLU A 1 27  ? -5.430  -1.725  -17.737 1.00 44.26  ? 21  GLU A CB  1 
ATOM   87  N N   . TYR A 1 28  ? -6.728  -2.689  -15.043 1.00 37.40  ? 22  TYR A N   1 
ATOM   88  C CA  . TYR A 1 28  ? -7.934  -2.990  -14.267 1.00 45.56  ? 22  TYR A CA  1 
ATOM   89  C C   . TYR A 1 28  ? -7.961  -2.257  -12.939 1.00 44.87  ? 22  TYR A C   1 
ATOM   90  O O   . TYR A 1 28  ? -8.958  -1.626  -12.564 1.00 43.83  ? 22  TYR A O   1 
ATOM   91  C CB  . TYR A 1 28  ? -8.009  -4.492  -14.009 1.00 50.61  ? 22  TYR A CB  1 
ATOM   92  C CG  . TYR A 1 28  ? -9.164  -4.939  -13.135 1.00 51.40  ? 22  TYR A CG  1 
ATOM   93  C CD1 . TYR A 1 28  ? -10.465 -4.993  -13.632 1.00 59.38  ? 22  TYR A CD1 1 
ATOM   94  C CD2 . TYR A 1 28  ? -8.951  -5.344  -11.829 1.00 47.33  ? 22  TYR A CD2 1 
ATOM   95  C CE1 . TYR A 1 28  ? -11.521 -5.421  -12.841 1.00 61.02  ? 22  TYR A CE1 1 
ATOM   96  C CE2 . TYR A 1 28  ? -10.007 -5.770  -11.024 1.00 44.97  ? 22  TYR A CE2 1 
ATOM   97  C CZ  . TYR A 1 28  ? -11.285 -5.806  -11.537 1.00 60.55  ? 22  TYR A CZ  1 
ATOM   98  O OH  . TYR A 1 28  ? -12.326 -6.226  -10.740 1.00 63.57  ? 22  TYR A OH  1 
ATOM   99  N N   . ILE A 1 29  ? -6.860  -2.355  -12.216 1.00 36.77  ? 23  ILE A N   1 
ATOM   100 C CA  . ILE A 1 29  ? -6.806  -1.782  -10.893 1.00 40.52  ? 23  ILE A CA  1 
ATOM   101 C C   . ILE A 1 29  ? -6.838  -0.270  -10.983 1.00 42.75  ? 23  ILE A C   1 
ATOM   102 O O   . ILE A 1 29  ? -7.531  0.384   -10.208 1.00 42.97  ? 23  ILE A O   1 
ATOM   103 C CB  . ILE A 1 29  ? -5.550  -2.245  -10.161 1.00 43.37  ? 23  ILE A CB  1 
ATOM   104 C CG1 . ILE A 1 29  ? -5.611  -3.755  -9.915  1.00 34.18  ? 23  ILE A CG1 1 
ATOM   105 C CG2 . ILE A 1 29  ? -5.365  -1.474  -8.879  1.00 40.27  ? 23  ILE A CG2 1 
ATOM   106 C CD1 . ILE A 1 29  ? -6.880  -4.279  -9.128  1.00 32.32  ? 23  ILE A CD1 1 
ATOM   107 N N   . ASP A 1 30  ? -6.094  0.276   -11.940 1.00 42.21  ? 24  ASP A N   1 
ATOM   108 C CA  . ASP A 1 30  ? -6.111  1.710   -12.203 1.00 45.18  ? 24  ASP A CA  1 
ATOM   109 C C   . ASP A 1 30  ? -7.520  2.254   -12.504 1.00 53.91  ? 24  ASP A C   1 
ATOM   110 O O   . ASP A 1 30  ? -7.966  3.212   -11.874 1.00 54.88  ? 24  ASP A O   1 
ATOM   111 C CB  . ASP A 1 30  ? -5.179  2.051   -13.366 1.00 47.41  ? 24  ASP A CB  1 
ATOM   112 C CG  . ASP A 1 30  ? -5.153  3.538   -13.666 1.00 60.61  ? 24  ASP A CG  1 
ATOM   113 O OD1 . ASP A 1 30  ? -4.755  4.312   -12.772 1.00 63.98  ? 24  ASP A OD1 1 
ATOM   114 O OD2 . ASP A 1 30  ? -5.524  3.936   -14.791 1.00 65.31  ? 24  ASP A OD2 1 
ATOM   115 N N   . LYS A 1 31  ? -8.206  1.649   -13.472 1.00 47.98  ? 25  LYS A N   1 
ATOM   116 C CA  . LYS A 1 31  ? -9.547  2.089   -13.846 1.00 48.66  ? 25  LYS A CA  1 
ATOM   117 C C   . LYS A 1 31  ? -10.524 1.942   -12.688 1.00 52.80  ? 25  LYS A C   1 
ATOM   118 O O   . LYS A 1 31  ? -11.362 2.807   -12.470 1.00 53.97  ? 25  LYS A O   1 
ATOM   119 C CB  . LYS A 1 31  ? -10.064 1.324   -15.071 1.00 50.77  ? 25  LYS A CB  1 
ATOM   120 N N   . LYS A 1 32  ? -10.408 0.860   -11.928 1.00 53.84  ? 26  LYS A N   1 
ATOM   121 C CA  . LYS A 1 32  ? -11.366 0.605   -10.850 1.00 53.39  ? 26  LYS A CA  1 
ATOM   122 C C   . LYS A 1 32  ? -11.045 1.326   -9.527  1.00 54.20  ? 26  LYS A C   1 
ATOM   123 O O   . LYS A 1 32  ? -11.944 1.818   -8.841  1.00 49.20  ? 26  LYS A O   1 
ATOM   124 C CB  . LYS A 1 32  ? -11.499 -0.902  -10.619 1.00 56.00  ? 26  LYS A CB  1 
ATOM   125 C CG  . LYS A 1 32  ? -12.514 -1.283  -9.561  1.00 56.52  ? 26  LYS A CG  1 
ATOM   126 C CD  . LYS A 1 32  ? -12.698 -2.782  -9.490  1.00 58.50  ? 26  LYS A CD  1 
ATOM   127 C CE  . LYS A 1 32  ? -13.934 -3.138  -8.674  1.00 61.36  ? 26  LYS A CE  1 
ATOM   128 N NZ  . LYS A 1 32  ? -13.955 -4.589  -8.353  1.00 64.77  ? 26  LYS A NZ  1 
ATOM   129 N N   . TYR A 1 33  ? -9.764  1.395   -9.174  1.00 45.65  ? 27  TYR A N   1 
ATOM   130 C CA  . TYR A 1 33  ? -9.364  1.907   -7.866  1.00 38.98  ? 27  TYR A CA  1 
ATOM   131 C C   . TYR A 1 33  ? -8.554  3.214   -7.903  1.00 42.61  ? 27  TYR A C   1 
ATOM   132 O O   . TYR A 1 33  ? -8.327  3.830   -6.860  1.00 49.65  ? 27  TYR A O   1 
ATOM   133 C CB  . TYR A 1 33  ? -8.579  0.828   -7.099  1.00 38.72  ? 27  TYR A CB  1 
ATOM   134 C CG  . TYR A 1 33  ? -9.392  -0.425  -6.806  1.00 44.50  ? 27  TYR A CG  1 
ATOM   135 C CD1 . TYR A 1 33  ? -10.248 -0.482  -5.715  1.00 47.19  ? 27  TYR A CD1 1 
ATOM   136 C CD2 . TYR A 1 33  ? -9.300  -1.545  -7.619  1.00 36.40  ? 27  TYR A CD2 1 
ATOM   137 C CE1 . TYR A 1 33  ? -10.994 -1.618  -5.448  1.00 47.90  ? 27  TYR A CE1 1 
ATOM   138 C CE2 . TYR A 1 33  ? -10.034 -2.687  -7.357  1.00 43.11  ? 27  TYR A CE2 1 
ATOM   139 C CZ  . TYR A 1 33  ? -10.886 -2.714  -6.271  1.00 45.05  ? 27  TYR A CZ  1 
ATOM   140 O OH  . TYR A 1 33  ? -11.621 -3.848  -6.008  1.00 51.86  ? 27  TYR A OH  1 
ATOM   141 N N   . LYS A 1 34  ? -8.126  3.630   -9.091  1.00 36.61  ? 28  LYS A N   1 
ATOM   142 C CA  . LYS A 1 34  ? -7.160  4.725   -9.221  1.00 35.16  ? 28  LYS A CA  1 
ATOM   143 C C   . LYS A 1 34  ? -5.901  4.409   -8.402  1.00 40.13  ? 28  LYS A C   1 
ATOM   144 O O   . LYS A 1 34  ? -5.301  5.292   -7.799  1.00 41.04  ? 28  LYS A O   1 
ATOM   145 C CB  . LYS A 1 34  ? -7.776  6.071   -8.811  1.00 40.27  ? 28  LYS A CB  1 
ATOM   146 N N   . LEU A 1 35  ? -5.520  3.135   -8.385  1.00 36.38  ? 29  LEU A N   1 
ATOM   147 C CA  . LEU A 1 35  ? -4.309  2.681   -7.711  1.00 40.65  ? 29  LEU A CA  1 
ATOM   148 C C   . LEU A 1 35  ? -3.341  2.123   -8.735  1.00 44.34  ? 29  LEU A C   1 
ATOM   149 O O   . LEU A 1 35  ? -3.758  1.523   -9.723  1.00 39.96  ? 29  LEU A O   1 
ATOM   150 C CB  . LEU A 1 35  ? -4.640  1.583   -6.698  1.00 40.27  ? 29  LEU A CB  1 
ATOM   151 C CG  . LEU A 1 35  ? -5.519  1.983   -5.516  1.00 43.24  ? 29  LEU A CG  1 
ATOM   152 C CD1 . LEU A 1 35  ? -5.858  0.772   -4.682  1.00 38.36  ? 29  LEU A CD1 1 
ATOM   153 C CD2 . LEU A 1 35  ? -4.806  3.018   -4.681  1.00 41.22  ? 29  LEU A CD2 1 
ATOM   154 N N   . SER A 1 36  ? -2.050  2.313   -8.492  1.00 45.18  ? 30  SER A N   1 
ATOM   155 C CA  . SER A 1 36  ? -1.012  1.747   -9.340  1.00 41.77  ? 30  SER A CA  1 
ATOM   156 C C   . SER A 1 36  ? -0.535  0.473   -8.684  1.00 41.86  ? 30  SER A C   1 
ATOM   157 O O   . SER A 1 36  ? -0.877  0.194   -7.533  1.00 31.04  ? 30  SER A O   1 
ATOM   158 C CB  . SER A 1 36  ? 0.172   2.701   -9.429  1.00 47.33  ? 30  SER A CB  1 
ATOM   159 O OG  . SER A 1 36  ? 0.927   2.602   -8.237  1.00 41.01  ? 30  SER A OG  1 
ATOM   160 N N   . LEU A 1 37  ? 0.267   -0.302  -9.407  1.00 34.40  ? 31  LEU A N   1 
ATOM   161 C CA  . LEU A 1 37  ? 0.766   -1.537  -8.857  1.00 39.98  ? 31  LEU A CA  1 
ATOM   162 C C   . LEU A 1 37  ? 1.778   -1.264  -7.749  1.00 31.18  ? 31  LEU A C   1 
ATOM   163 O O   . LEU A 1 37  ? 1.922   -2.068  -6.837  1.00 37.18  ? 31  LEU A O   1 
ATOM   164 C CB  . LEU A 1 37  ? 1.319   -2.471  -9.952  1.00 38.83  ? 31  LEU A CB  1 
ATOM   165 C CG  . LEU A 1 37  ? 0.244   -3.024  -10.914 1.00 41.22  ? 31  LEU A CG  1 
ATOM   166 C CD1 . LEU A 1 37  ? 0.802   -4.139  -11.761 1.00 53.59  ? 31  LEU A CD1 1 
ATOM   167 C CD2 . LEU A 1 37  ? -1.013  -3.509  -10.188 1.00 45.42  ? 31  LEU A CD2 1 
ATOM   168 N N   . ASN A 1 38  ? 2.469   -0.133  -7.815  1.00 33.13  ? 32  ASN A N   1 
ATOM   169 C CA  . ASN A 1 38  ? 3.294   0.266   -6.682  1.00 38.90  ? 32  ASN A CA  1 
ATOM   170 C C   . ASN A 1 38  ? 2.428   0.420   -5.431  1.00 38.11  ? 32  ASN A C   1 
ATOM   171 O O   . ASN A 1 38  ? 2.776   -0.074  -4.358  1.00 36.16  ? 32  ASN A O   1 
ATOM   172 C CB  . ASN A 1 38  ? 4.048   1.565   -6.968  1.00 35.48  ? 32  ASN A CB  1 
ATOM   173 C CG  . ASN A 1 38  ? 5.189   1.377   -7.963  1.00 41.54  ? 32  ASN A CG  1 
ATOM   174 O OD1 . ASN A 1 38  ? 5.673   0.263   -8.190  1.00 37.93  ? 32  ASN A OD1 1 
ATOM   175 N ND2 . ASN A 1 38  ? 5.629   2.475   -8.550  1.00 43.25  ? 32  ASN A ND2 1 
ATOM   176 N N   . ASP A 1 39  ? 1.298   1.103   -5.577  1.00 32.40  ? 33  ASP A N   1 
ATOM   177 C CA  . ASP A 1 39  ? 0.386   1.285   -4.459  1.00 31.11  ? 33  ASP A CA  1 
ATOM   178 C C   . ASP A 1 39  ? -0.018  -0.039  -3.859  1.00 31.14  ? 33  ASP A C   1 
ATOM   179 O O   . ASP A 1 39  ? -0.001  -0.200  -2.642  1.00 34.06  ? 33  ASP A O   1 
ATOM   180 C CB  . ASP A 1 39  ? -0.862  2.049   -4.902  1.00 32.30  ? 33  ASP A CB  1 
ATOM   181 C CG  . ASP A 1 39  ? -0.554  3.468   -5.323  1.00 43.61  ? 33  ASP A CG  1 
ATOM   182 O OD1 . ASP A 1 39  ? 0.523   3.985   -4.947  1.00 47.98  ? 33  ASP A OD1 1 
ATOM   183 O OD2 . ASP A 1 39  ? -1.391  4.078   -6.022  1.00 46.07  ? 33  ASP A OD2 1 
ATOM   184 N N   . LEU A 1 40  ? -0.384  -1.000  -4.710  1.00 28.49  ? 34  LEU A N   1 
ATOM   185 C CA  . LEU A 1 40  ? -0.796  -2.299  -4.221  1.00 29.44  ? 34  LEU A CA  1 
ATOM   186 C C   . LEU A 1 40  ? 0.329   -2.966  -3.452  1.00 34.34  ? 34  LEU A C   1 
ATOM   187 O O   . LEU A 1 40  ? 0.104   -3.643  -2.454  1.00 33.71  ? 34  LEU A O   1 
ATOM   188 C CB  . LEU A 1 40  ? -1.178  -3.212  -5.384  1.00 34.95  ? 34  LEU A CB  1 
ATOM   189 C CG  . LEU A 1 40  ? -2.637  -3.327  -5.788  1.00 42.63  ? 34  LEU A CG  1 
ATOM   190 C CD1 . LEU A 1 40  ? -2.811  -4.426  -6.836  1.00 35.96  ? 34  LEU A CD1 1 
ATOM   191 C CD2 . LEU A 1 40  ? -3.454  -3.636  -4.573  1.00 43.78  ? 34  LEU A CD2 1 
ATOM   192 N N   . ALA A 1 41  ? 1.548   -2.810  -3.942  1.00 34.29  ? 35  ALA A N   1 
ATOM   193 C CA  . ALA A 1 41  ? 2.664   -3.550  -3.357  1.00 38.52  ? 35  ALA A CA  1 
ATOM   194 C C   . ALA A 1 41  ? 2.976   -2.963  -1.991  1.00 29.95  ? 35  ALA A C   1 
ATOM   195 O O   . ALA A 1 41  ? 3.209   -3.689  -1.021  1.00 34.38  ? 35  ALA A O   1 
ATOM   196 C CB  . ALA A 1 41  ? 3.877   -3.486  -4.263  1.00 37.63  ? 35  ALA A CB  1 
ATOM   197 N N   . VAL A 1 42  ? 2.993   -1.634  -1.931  1.00 30.34  ? 36  VAL A N   1 
ATOM   198 C CA  . VAL A 1 42  ? 3.113   -0.936  -0.661  1.00 29.44  ? 36  VAL A CA  1 
ATOM   199 C C   . VAL A 1 42  ? 1.989   -1.347  0.304   1.00 34.86  ? 36  VAL A C   1 
ATOM   200 O O   . VAL A 1 42  ? 2.240   -1.656  1.464   1.00 35.55  ? 36  VAL A O   1 
ATOM   201 C CB  . VAL A 1 42  ? 3.086   0.587   -0.875  1.00 28.89  ? 36  VAL A CB  1 
ATOM   202 C CG1 . VAL A 1 42  ? 2.893   1.309   0.452   1.00 30.80  ? 36  VAL A CG1 1 
ATOM   203 C CG2 . VAL A 1 42  ? 4.366   1.042   -1.572  1.00 32.77  ? 36  VAL A CG2 1 
ATOM   204 N N   . LEU A 1 43  ? 0.746   -1.318  -0.165  1.00 31.85  ? 37  LEU A N   1 
ATOM   205 C CA  . LEU A 1 43  ? -0.380  -1.672  0.701   1.00 33.03  ? 37  LEU A CA  1 
ATOM   206 C C   . LEU A 1 43  ? -0.233  -3.102  1.219   1.00 36.27  ? 37  LEU A C   1 
ATOM   207 O O   . LEU A 1 43  ? -0.375  -3.350  2.410   1.00 40.30  ? 37  LEU A O   1 
ATOM   208 C CB  . LEU A 1 43  ? -1.701  -1.478  -0.042  1.00 32.71  ? 37  LEU A CB  1 
ATOM   209 C CG  . LEU A 1 43  ? -3.014  -1.636  0.738   1.00 40.98  ? 37  LEU A CG  1 
ATOM   210 C CD1 . LEU A 1 43  ? -3.131  -0.598  1.842   1.00 33.21  ? 37  LEU A CD1 1 
ATOM   211 C CD2 . LEU A 1 43  ? -4.208  -1.521  -0.218  1.00 31.41  ? 37  LEU A CD2 1 
ATOM   212 N N   . ASP A 1 44  ? 0.085   -4.046  0.333   1.00 34.31  ? 38  ASP A N   1 
ATOM   213 C CA  . ASP A 1 44  ? 0.382   -5.410  0.779   1.00 40.59  ? 38  ASP A CA  1 
ATOM   214 C C   . ASP A 1 44  ? 1.400   -5.441  1.907   1.00 43.47  ? 38  ASP A C   1 
ATOM   215 O O   . ASP A 1 44  ? 1.246   -6.167  2.906   1.00 40.84  ? 38  ASP A O   1 
ATOM   216 C CB  . ASP A 1 44  ? 0.908   -6.275  -0.365  1.00 51.09  ? 38  ASP A CB  1 
ATOM   217 C CG  . ASP A 1 44  ? 1.319   -7.666  0.108   1.00 54.85  ? 38  ASP A CG  1 
ATOM   218 O OD1 . ASP A 1 44  ? 0.419   -8.468  0.439   1.00 56.98  ? 38  ASP A OD1 1 
ATOM   219 O OD2 . ASP A 1 44  ? 2.536   -7.957  0.160   1.00 62.94  ? 38  ASP A OD2 1 
ATOM   220 N N   . LEU A 1 45  ? 2.446   -4.645  1.750   1.00 37.32  ? 39  LEU A N   1 
ATOM   221 C CA  . LEU A 1 45  ? 3.483   -4.606  2.767   1.00 50.40  ? 39  LEU A CA  1 
ATOM   222 C C   . LEU A 1 45  ? 2.991   -4.005  4.090   1.00 49.94  ? 39  LEU A C   1 
ATOM   223 O O   . LEU A 1 45  ? 3.370   -4.483  5.160   1.00 45.67  ? 39  LEU A O   1 
ATOM   224 C CB  . LEU A 1 45  ? 4.700   -3.851  2.244   1.00 46.77  ? 39  LEU A CB  1 
ATOM   225 C CG  . LEU A 1 45  ? 5.963   -3.899  3.090   1.00 51.71  ? 39  LEU A CG  1 
ATOM   226 C CD1 . LEU A 1 45  ? 6.422   -5.337  3.326   1.00 54.38  ? 39  LEU A CD1 1 
ATOM   227 C CD2 . LEU A 1 45  ? 7.031   -3.124  2.361   1.00 50.36  ? 39  LEU A CD2 1 
ATOM   228 N N   . THR A 1 46  ? 2.144   -2.976  4.034   1.00 42.91  ? 40  THR A N   1 
ATOM   229 C CA  . THR A 1 46  ? 1.639   -2.376  5.274   1.00 34.27  ? 40  THR A CA  1 
ATOM   230 C C   . THR A 1 46  ? 0.916   -3.415  6.111   1.00 35.70  ? 40  THR A C   1 
ATOM   231 O O   . THR A 1 46  ? 0.972   -3.383  7.334   1.00 46.15  ? 40  THR A O   1 
ATOM   232 C CB  . THR A 1 46  ? 0.670   -1.196  5.047   1.00 33.73  ? 40  THR A CB  1 
ATOM   233 O OG1 . THR A 1 46  ? -0.478  -1.655  4.328   1.00 35.70  ? 40  THR A OG1 1 
ATOM   234 C CG2 . THR A 1 46  ? 1.343   -0.059  4.295   1.00 25.40  ? 40  THR A CG2 1 
ATOM   235 N N   . MET A 1 47  ? 0.240   -4.343  5.447   1.00 35.77  ? 41  MET A N   1 
ATOM   236 C CA  . MET A 1 47  ? -0.492  -5.396  6.134   1.00 38.62  ? 41  MET A CA  1 
ATOM   237 C C   . MET A 1 47  ? 0.426   -6.322  6.933   1.00 49.20  ? 41  MET A C   1 
ATOM   238 O O   . MET A 1 47  ? 0.000   -6.957  7.891   1.00 55.73  ? 41  MET A O   1 
ATOM   239 C CB  . MET A 1 47  ? -1.299  -6.208  5.120   1.00 52.68  ? 41  MET A CB  1 
ATOM   240 C CG  . MET A 1 47  ? -2.189  -7.257  5.754   1.00 65.89  ? 41  MET A CG  1 
ATOM   241 S SD  . MET A 1 47  ? -3.288  -6.504  6.970   1.00 73.75  ? 41  MET A SD  1 
ATOM   242 C CE  . MET A 1 47  ? -4.600  -5.898  5.932   1.00 44.39  ? 41  MET A CE  1 
ATOM   243 N N   . LYS A 1 48  ? 1.692   -6.394  6.547   1.00 40.97  ? 42  LYS A N   1 
ATOM   244 C CA  . LYS A 1 48  ? 2.632   -7.255  7.253   1.00 43.33  ? 42  LYS A CA  1 
ATOM   245 C C   . LYS A 1 48  ? 3.301   -6.498  8.367   1.00 46.41  ? 42  LYS A C   1 
ATOM   246 O O   . LYS A 1 48  ? 3.960   -7.081  9.222   1.00 50.80  ? 42  LYS A O   1 
ATOM   247 C CB  . LYS A 1 48  ? 3.680   -7.805  6.291   1.00 45.29  ? 42  LYS A CB  1 
ATOM   248 C CG  . LYS A 1 48  ? 3.080   -8.612  5.165   1.00 54.60  ? 42  LYS A CG  1 
ATOM   249 C CD  . LYS A 1 48  ? 4.137   -9.071  4.168   1.00 64.44  ? 42  LYS A CD  1 
ATOM   250 C CE  . LYS A 1 48  ? 3.500   -9.787  2.982   1.00 66.02  ? 42  LYS A CE  1 
ATOM   251 N NZ  . LYS A 1 48  ? 4.477   -9.995  1.876   1.00 71.55  ? 42  LYS A NZ  1 
ATOM   252 N N   . HIS A 1 49  ? 3.106   -5.189  8.388   1.00 42.96  ? 43  HIS A N   1 
ATOM   253 C CA  . HIS A 1 49  ? 3.786   -4.388  9.390   1.00 49.29  ? 43  HIS A CA  1 
ATOM   254 C C   . HIS A 1 49  ? 2.873   -3.663  10.356  1.00 51.84  ? 43  HIS A C   1 
ATOM   255 O O   . HIS A 1 49  ? 3.213   -3.508  11.515  1.00 52.07  ? 43  HIS A O   1 
ATOM   256 C CB  . HIS A 1 49  ? 4.738   -3.410  8.724   1.00 48.67  ? 43  HIS A CB  1 
ATOM   257 C CG  . HIS A 1 49  ? 5.949   -4.068  8.159   1.00 50.82  ? 43  HIS A CG  1 
ATOM   258 N ND1 . HIS A 1 49  ? 7.035   -4.406  8.933   1.00 56.31  ? 43  HIS A ND1 1 
ATOM   259 C CD2 . HIS A 1 49  ? 6.239   -4.477  6.900   1.00 52.46  ? 43  HIS A CD2 1 
ATOM   260 C CE1 . HIS A 1 49  ? 7.951   -4.982  8.176   1.00 60.70  ? 43  HIS A CE1 1 
ATOM   261 N NE2 . HIS A 1 49  ? 7.494   -5.038  6.937   1.00 62.08  ? 43  HIS A NE2 1 
ATOM   262 N N   . CYS A 1 50  ? 1.712   -3.219  9.891   1.00 52.02  ? 44  CYS A N   1 
ATOM   263 C CA  . CYS A 1 50  ? 0.835   -2.463  10.772  1.00 56.75  ? 44  CYS A CA  1 
ATOM   264 C C   . CYS A 1 50  ? -0.634  -2.883  10.743  1.00 62.70  ? 44  CYS A C   1 
ATOM   265 O O   . CYS A 1 50  ? -1.531  -2.041  10.724  1.00 65.07  ? 44  CYS A O   1 
ATOM   266 C CB  . CYS A 1 50  ? 0.997   -0.951  10.556  1.00 57.18  ? 44  CYS A CB  1 
ATOM   267 S SG  . CYS A 1 50  ? 1.125   -0.407  8.844   1.00 54.40  ? 44  CYS A SG  1 
ATOM   268 N N   . LYS A 1 51  ? -0.869  -4.191  10.760  1.00 61.48  ? 45  LYS A N   1 
ATOM   269 C CA  . LYS A 1 51  ? -2.217  -4.716  10.932  1.00 59.39  ? 45  LYS A CA  1 
ATOM   270 C C   . LYS A 1 51  ? -2.646  -4.486  12.378  1.00 70.97  ? 45  LYS A C   1 
ATOM   271 O O   . LYS A 1 51  ? -3.677  -3.871  12.647  1.00 82.06  ? 45  LYS A O   1 
ATOM   272 C CB  . LYS A 1 51  ? -2.266  -6.210  10.590  1.00 53.68  ? 45  LYS A CB  1 
ATOM   273 N N   . ASP A 1 52  ? -1.832  -4.972  13.306  1.00 79.01  ? 46  ASP A N   1 
ATOM   274 C CA  . ASP A 1 52  ? -2.106  -4.815  14.722  1.00 87.17  ? 46  ASP A CA  1 
ATOM   275 C C   . ASP A 1 52  ? -1.621  -3.450  15.219  1.00 94.62  ? 46  ASP A C   1 
ATOM   276 O O   . ASP A 1 52  ? -2.425  -2.554  15.489  1.00 102.43 ? 46  ASP A O   1 
ATOM   277 C CB  . ASP A 1 52  ? -1.455  -5.952  15.517  1.00 91.08  ? 46  ASP A CB  1 
ATOM   278 N N   . GLU A 1 53  ? -0.304  -3.296  15.323  1.00 86.42  ? 47  GLU A N   1 
ATOM   279 C CA  . GLU A 1 53  ? 0.298   -2.075  15.852  1.00 73.35  ? 47  GLU A CA  1 
ATOM   280 C C   . GLU A 1 53  ? 0.428   -0.983  14.788  1.00 62.00  ? 47  GLU A C   1 
ATOM   281 O O   . GLU A 1 53  ? 0.289   -1.249  13.597  1.00 54.89  ? 47  GLU A O   1 
ATOM   282 C CB  . GLU A 1 53  ? 1.673   -2.389  16.457  1.00 71.78  ? 47  GLU A CB  1 
ATOM   283 N N   . LYS A 1 54  ? 0.677   0.246   15.234  1.00 55.87  ? 48  LYS A N   1 
ATOM   284 C CA  . LYS A 1 54  ? 1.037   1.345   14.349  1.00 55.75  ? 48  LYS A CA  1 
ATOM   285 C C   . LYS A 1 54  ? 2.548   1.319   14.136  1.00 60.83  ? 48  LYS A C   1 
ATOM   286 O O   . LYS A 1 54  ? 3.290   0.916   15.031  1.00 57.37  ? 48  LYS A O   1 
ATOM   287 C CB  . LYS A 1 54  ? 0.614   2.681   14.963  1.00 51.72  ? 48  LYS A CB  1 
ATOM   288 C CG  . LYS A 1 54  ? 1.399   3.084   16.204  1.00 62.52  ? 48  LYS A CG  1 
ATOM   289 C CD  . LYS A 1 54  ? 0.934   4.427   16.744  1.00 63.14  ? 48  LYS A CD  1 
ATOM   290 C CE  . LYS A 1 54  ? 1.940   5.020   17.729  1.00 70.93  ? 48  LYS A CE  1 
ATOM   291 N NZ  . LYS A 1 54  ? 2.201   4.167   18.925  1.00 79.47  ? 48  LYS A NZ  1 
ATOM   292 N N   . VAL A 1 55  ? 3.018   1.732   12.963  1.00 55.68  ? 49  VAL A N   1 
ATOM   293 C CA  . VAL A 1 55  ? 4.466   1.733   12.724  1.00 53.88  ? 49  VAL A CA  1 
ATOM   294 C C   . VAL A 1 55  ? 4.977   3.113   12.323  1.00 54.18  ? 49  VAL A C   1 
ATOM   295 O O   . VAL A 1 55  ? 4.316   3.841   11.579  1.00 45.24  ? 49  VAL A O   1 
ATOM   296 C CB  . VAL A 1 55  ? 4.885   0.682   11.665  1.00 54.05  ? 49  VAL A CB  1 
ATOM   297 C CG1 . VAL A 1 55  ? 4.417   1.086   10.294  1.00 43.55  ? 49  VAL A CG1 1 
ATOM   298 C CG2 . VAL A 1 55  ? 6.392   0.493   11.661  1.00 67.50  ? 49  VAL A CG2 1 
ATOM   299 N N   . LEU A 1 56  ? 6.147   3.477   12.837  1.00 46.29  ? 50  LEU A N   1 
ATOM   300 C CA  . LEU A 1 56  ? 6.771   4.747   12.502  1.00 50.73  ? 50  LEU A CA  1 
ATOM   301 C C   . LEU A 1 56  ? 7.040   4.844   11.007  1.00 59.89  ? 50  LEU A C   1 
ATOM   302 O O   . LEU A 1 56  ? 7.574   3.909   10.408  1.00 54.28  ? 50  LEU A O   1 
ATOM   303 C CB  . LEU A 1 56  ? 8.079   4.910   13.257  1.00 64.33  ? 50  LEU A CB  1 
ATOM   304 C CG  . LEU A 1 56  ? 8.809   6.237   13.068  1.00 69.46  ? 50  LEU A CG  1 
ATOM   305 C CD1 . LEU A 1 56  ? 7.931   7.394   13.500  1.00 65.12  ? 50  LEU A CD1 1 
ATOM   306 C CD2 . LEU A 1 56  ? 10.112  6.230   13.867  1.00 80.01  ? 50  LEU A CD2 1 
ATOM   307 N N   . MET A 1 57  ? 6.673   5.983   10.419  1.00 46.57  ? 51  MET A N   1 
ATOM   308 C CA  . MET A 1 57  ? 6.855   6.228   8.985   1.00 51.54  ? 51  MET A CA  1 
ATOM   309 C C   . MET A 1 57  ? 8.286   5.973   8.514   1.00 55.04  ? 51  MET A C   1 
ATOM   310 O O   . MET A 1 57  ? 8.507   5.266   7.531   1.00 50.83  ? 51  MET A O   1 
ATOM   311 C CB  . MET A 1 57  ? 6.491   7.666   8.649   1.00 61.24  ? 51  MET A CB  1 
ATOM   312 C CG  . MET A 1 57  ? 6.477   7.951   7.180   1.00 63.12  ? 51  MET A CG  1 
ATOM   313 S SD  . MET A 1 57  ? 4.934   7.381   6.479   1.00 60.17  ? 51  MET A SD  1 
ATOM   314 C CE  . MET A 1 57  ? 4.099   8.938   6.188   1.00 80.50  ? 51  MET A CE  1 
ATOM   315 N N   . GLN A 1 58  ? 9.249   6.554   9.215   1.00 55.40  ? 52  GLN A N   1 
ATOM   316 C CA  . GLN A 1 58  ? 10.661  6.401   8.864   1.00 64.82  ? 52  GLN A CA  1 
ATOM   317 C C   . GLN A 1 58  ? 11.073  4.933   8.836   1.00 62.47  ? 52  GLN A C   1 
ATOM   318 O O   . GLN A 1 58  ? 11.820  4.499   7.960   1.00 67.23  ? 52  GLN A O   1 
ATOM   319 C CB  . GLN A 1 58  ? 11.541  7.168   9.853   1.00 69.49  ? 52  GLN A CB  1 
ATOM   320 N N   . SER A 1 59  ? 10.567  4.173   9.796   1.00 66.28  ? 53  SER A N   1 
ATOM   321 C CA  . SER A 1 59  ? 10.894  2.760   9.922   1.00 63.36  ? 53  SER A CA  1 
ATOM   322 C C   . SER A 1 59  ? 10.252  1.924   8.819   1.00 57.72  ? 53  SER A C   1 
ATOM   323 O O   . SER A 1 59  ? 10.825  0.941   8.357   1.00 46.81  ? 53  SER A O   1 
ATOM   324 C CB  . SER A 1 59  ? 10.443  2.248   11.287  1.00 72.13  ? 53  SER A CB  1 
ATOM   325 O OG  . SER A 1 59  ? 10.802  0.895   11.457  1.00 78.76  ? 53  SER A OG  1 
ATOM   326 N N   . PHE A 1 60  ? 9.054   2.301   8.399   1.00 45.97  ? 54  PHE A N   1 
ATOM   327 C CA  . PHE A 1 60  ? 8.406   1.547   7.343   1.00 50.39  ? 54  PHE A CA  1 
ATOM   328 C C   . PHE A 1 60  ? 9.077   1.862   6.018   1.00 54.50  ? 54  PHE A C   1 
ATOM   329 O O   . PHE A 1 60  ? 9.241   0.985   5.165   1.00 45.07  ? 54  PHE A O   1 
ATOM   330 C CB  . PHE A 1 60  ? 6.910   1.843   7.272   1.00 42.74  ? 54  PHE A CB  1 
ATOM   331 C CG  . PHE A 1 60  ? 6.211   1.145   6.137   1.00 42.68  ? 54  PHE A CG  1 
ATOM   332 C CD1 . PHE A 1 60  ? 5.922   -0.212  6.210   1.00 42.05  ? 54  PHE A CD1 1 
ATOM   333 C CD2 . PHE A 1 60  ? 5.849   1.837   4.997   1.00 38.34  ? 54  PHE A CD2 1 
ATOM   334 C CE1 . PHE A 1 60  ? 5.276   -0.857  5.161   1.00 36.80  ? 54  PHE A CE1 1 
ATOM   335 C CE2 . PHE A 1 60  ? 5.206   1.201   3.950   1.00 38.57  ? 54  PHE A CE2 1 
ATOM   336 C CZ  . PHE A 1 60  ? 4.917   -0.151  4.031   1.00 37.26  ? 54  PHE A CZ  1 
ATOM   337 N N   . LEU A 1 61  ? 9.463   3.124   5.855   1.00 44.22  ? 55  LEU A N   1 
ATOM   338 C CA  . LEU A 1 61  ? 10.123  3.565   4.639   1.00 48.41  ? 55  LEU A CA  1 
ATOM   339 C C   . LEU A 1 61  ? 11.393  2.763   4.417   1.00 54.26  ? 55  LEU A C   1 
ATOM   340 O O   . LEU A 1 61  ? 11.680  2.311   3.301   1.00 55.87  ? 55  LEU A O   1 
ATOM   341 C CB  . LEU A 1 61  ? 10.455  5.047   4.734   1.00 54.91  ? 55  LEU A CB  1 
ATOM   342 C CG  . LEU A 1 61  ? 9.262   5.991   4.574   1.00 51.34  ? 55  LEU A CG  1 
ATOM   343 C CD1 . LEU A 1 61  ? 9.716   7.432   4.687   1.00 56.54  ? 55  LEU A CD1 1 
ATOM   344 C CD2 . LEU A 1 61  ? 8.547   5.741   3.250   1.00 50.30  ? 55  LEU A CD2 1 
ATOM   345 N N   . LYS A 1 62  ? 12.146  2.570   5.493   1.00 56.98  ? 56  LYS A N   1 
ATOM   346 C CA  . LYS A 1 62  ? 13.393  1.823   5.401   1.00 59.43  ? 56  LYS A CA  1 
ATOM   347 C C   . LYS A 1 62  ? 13.085  0.421   4.914   1.00 60.13  ? 56  LYS A C   1 
ATOM   348 O O   . LYS A 1 62  ? 13.600  -0.018  3.881   1.00 67.25  ? 56  LYS A O   1 
ATOM   349 C CB  . LYS A 1 62  ? 14.115  1.783   6.755   1.00 60.01  ? 56  LYS A CB  1 
ATOM   350 N N   . THR A 1 63  ? 12.215  -0.269  5.638   1.00 60.85  ? 57  THR A N   1 
ATOM   351 C CA  . THR A 1 63  ? 11.933  -1.647  5.305   1.00 65.89  ? 57  THR A CA  1 
ATOM   352 C C   . THR A 1 63  ? 11.304  -1.769  3.924   1.00 53.84  ? 57  THR A C   1 
ATOM   353 O O   . THR A 1 63  ? 11.663  -2.666  3.173   1.00 48.90  ? 57  THR A O   1 
ATOM   354 C CB  . THR A 1 63  ? 11.118  -2.376  6.398   1.00 75.74  ? 57  THR A CB  1 
ATOM   355 O OG1 . THR A 1 63  ? 10.647  -3.627  5.889   1.00 83.27  ? 57  THR A OG1 1 
ATOM   356 C CG2 . THR A 1 63  ? 9.948   -1.568  6.818   1.00 74.04  ? 57  THR A CG2 1 
ATOM   357 N N   . ALA A 1 64  ? 10.401  -0.856  3.567   1.00 43.18  ? 58  ALA A N   1 
ATOM   358 C CA  . ALA A 1 64  ? 9.780   -0.905  2.251   1.00 44.04  ? 58  ALA A CA  1 
ATOM   359 C C   . ALA A 1 64  ? 10.792  -0.747  1.124   1.00 50.34  ? 58  ALA A C   1 
ATOM   360 O O   . ALA A 1 64  ? 10.703  -1.441  0.110   1.00 42.92  ? 58  ALA A O   1 
ATOM   361 C CB  . ALA A 1 64  ? 8.672   0.142   2.120   1.00 40.19  ? 58  ALA A CB  1 
ATOM   362 N N   . MET A 1 65  ? 11.738  0.175   1.291   1.00 60.68  ? 59  MET A N   1 
ATOM   363 C CA  . MET A 1 65  ? 12.771  0.381   0.273   1.00 57.97  ? 59  MET A CA  1 
ATOM   364 C C   . MET A 1 65  ? 13.522  -0.913  0.011   1.00 56.48  ? 59  MET A C   1 
ATOM   365 O O   . MET A 1 65  ? 13.641  -1.341  -1.132  1.00 60.38  ? 59  MET A O   1 
ATOM   366 C CB  . MET A 1 65  ? 13.745  1.490   0.675   1.00 54.09  ? 59  MET A CB  1 
ATOM   367 C CG  . MET A 1 65  ? 13.197  2.889   0.453   1.00 56.39  ? 59  MET A CG  1 
ATOM   368 S SD  . MET A 1 65  ? 14.218  4.233   1.089   1.00 78.93  ? 59  MET A SD  1 
ATOM   369 C CE  . MET A 1 65  ? 15.543  4.270   -0.117  1.00 102.14 ? 59  MET A CE  1 
ATOM   370 N N   . ASP A 1 66  ? 13.997  -1.541  1.081   1.00 55.33  ? 60  ASP A N   1 
ATOM   371 C CA  . ASP A 1 66  ? 14.700  -2.813  0.984   1.00 56.37  ? 60  ASP A CA  1 
ATOM   372 C C   . ASP A 1 66  ? 13.832  -3.911  0.366   1.00 61.94  ? 60  ASP A C   1 
ATOM   373 O O   . ASP A 1 66  ? 14.269  -4.611  -0.543  1.00 58.65  ? 60  ASP A O   1 
ATOM   374 C CB  . ASP A 1 66  ? 15.213  -3.254  2.362   1.00 61.78  ? 60  ASP A CB  1 
ATOM   375 N N   . GLU A 1 67  ? 12.599  -4.060  0.837   1.00 53.50  ? 61  GLU A N   1 
ATOM   376 C CA  . GLU A 1 67  ? 11.787  -5.190  0.389   1.00 51.34  ? 61  GLU A CA  1 
ATOM   377 C C   . GLU A 1 67  ? 11.223  -4.980  -1.006  1.00 54.31  ? 61  GLU A C   1 
ATOM   378 O O   . GLU A 1 67  ? 11.026  -5.943  -1.736  1.00 57.07  ? 61  GLU A O   1 
ATOM   379 C CB  . GLU A 1 67  ? 10.653  -5.497  1.374   1.00 47.43  ? 61  GLU A CB  1 
ATOM   380 N N   . LEU A 1 68  ? 10.963  -3.732  -1.378  1.00 41.96  ? 62  LEU A N   1 
ATOM   381 C CA  . LEU A 1 68  ? 10.269  -3.456  -2.639  1.00 36.10  ? 62  LEU A CA  1 
ATOM   382 C C   . LEU A 1 68  ? 11.177  -2.865  -3.703  1.00 44.72  ? 62  LEU A C   1 
ATOM   383 O O   . LEU A 1 68  ? 10.741  -2.658  -4.834  1.00 42.92  ? 62  LEU A O   1 
ATOM   384 C CB  . LEU A 1 68  ? 9.078   -2.518  -2.416  1.00 36.82  ? 62  LEU A CB  1 
ATOM   385 C CG  . LEU A 1 68  ? 7.919   -3.071  -1.575  1.00 44.78  ? 62  LEU A CG  1 
ATOM   386 C CD1 . LEU A 1 68  ? 6.782   -2.036  -1.405  1.00 32.96  ? 62  LEU A CD1 1 
ATOM   387 C CD2 . LEU A 1 68  ? 7.388   -4.355  -2.174  1.00 41.16  ? 62  LEU A CD2 1 
ATOM   388 N N   . ASP A 1 69  ? 12.433  -2.611  -3.340  1.00 50.08  ? 63  ASP A N   1 
ATOM   389 C CA  . ASP A 1 69  ? 13.377  -1.880  -4.192  1.00 47.36  ? 63  ASP A CA  1 
ATOM   390 C C   . ASP A 1 69  ? 12.715  -0.643  -4.799  1.00 57.14  ? 63  ASP A C   1 
ATOM   391 O O   . ASP A 1 69  ? 12.763  -0.438  -6.010  1.00 55.97  ? 63  ASP A O   1 
ATOM   392 C CB  . ASP A 1 69  ? 13.948  -2.782  -5.293  1.00 52.11  ? 63  ASP A CB  1 
ATOM   393 N N   . LEU A 1 70  ? 12.071  0.159   -3.952  1.00 51.93  ? 64  LEU A N   1 
ATOM   394 C CA  . LEU A 1 70  ? 11.423  1.402   -4.384  1.00 52.81  ? 64  LEU A CA  1 
ATOM   395 C C   . LEU A 1 70  ? 12.111  2.616   -3.771  1.00 54.09  ? 64  LEU A C   1 
ATOM   396 O O   . LEU A 1 70  ? 12.586  2.549   -2.633  1.00 49.50  ? 64  LEU A O   1 
ATOM   397 C CB  . LEU A 1 70  ? 9.953   1.404   -3.964  1.00 47.84  ? 64  LEU A CB  1 
ATOM   398 C CG  . LEU A 1 70  ? 8.912   0.875   -4.947  1.00 45.54  ? 64  LEU A CG  1 
ATOM   399 C CD1 . LEU A 1 70  ? 7.567   0.748   -4.259  1.00 47.60  ? 64  LEU A CD1 1 
ATOM   400 C CD2 . LEU A 1 70  ? 8.799   1.805   -6.134  1.00 45.57  ? 64  LEU A CD2 1 
ATOM   401 N N   . SER A 1 71  ? 12.136  3.735   -4.497  1.00 61.50  ? 65  SER A N   1 
ATOM   402 C CA  . SER A 1 71  ? 12.781  4.957   -3.992  1.00 67.93  ? 65  SER A CA  1 
ATOM   403 C C   . SER A 1 71  ? 11.982  5.635   -2.868  1.00 65.58  ? 65  SER A C   1 
ATOM   404 O O   . SER A 1 71  ? 10.785  5.378   -2.696  1.00 54.80  ? 65  SER A O   1 
ATOM   405 C CB  . SER A 1 71  ? 13.034  5.952   -5.127  1.00 67.34  ? 65  SER A CB  1 
ATOM   406 O OG  . SER A 1 71  ? 11.908  6.781   -5.338  1.00 63.69  ? 65  SER A OG  1 
ATOM   407 N N   . ARG A 1 72  ? 12.646  6.501   -2.105  1.00 53.63  ? 66  ARG A N   1 
ATOM   408 C CA  . ARG A 1 72  ? 12.003  7.142   -0.965  1.00 51.15  ? 66  ARG A CA  1 
ATOM   409 C C   . ARG A 1 72  ? 10.781  7.942   -1.387  1.00 54.92  ? 66  ARG A C   1 
ATOM   410 O O   . ARG A 1 72  ? 9.726   7.799   -0.785  1.00 51.49  ? 66  ARG A O   1 
ATOM   411 C CB  . ARG A 1 72  ? 12.980  8.020   -0.185  1.00 57.81  ? 66  ARG A CB  1 
ATOM   412 N N   . THR A 1 73  ? 10.906  8.759   -2.430  1.00 66.46  ? 67  THR A N   1 
ATOM   413 C CA  . THR A 1 73  ? 9.776   9.572   -2.888  1.00 68.71  ? 67  THR A CA  1 
ATOM   414 C C   . THR A 1 73  ? 8.653   8.750   -3.506  1.00 65.68  ? 67  THR A C   1 
ATOM   415 O O   . THR A 1 73  ? 7.479   9.100   -3.382  1.00 58.71  ? 67  THR A O   1 
ATOM   416 C CB  . THR A 1 73  ? 10.195  10.651  -3.897  1.00 73.85  ? 67  THR A CB  1 
ATOM   417 O OG1 . THR A 1 73  ? 10.879  10.038  -4.997  1.00 87.95  ? 67  THR A OG1 1 
ATOM   418 C CG2 . THR A 1 73  ? 11.093  11.658  -3.240  1.00 66.14  ? 67  THR A CG2 1 
ATOM   419 N N   . LYS A 1 74  ? 9.000   7.663   -4.184  1.00 65.83  ? 68  LYS A N   1 
ATOM   420 C CA  . LYS A 1 74  ? 7.965   6.836   -4.781  1.00 58.48  ? 68  LYS A CA  1 
ATOM   421 C C   . LYS A 1 74  ? 7.119   6.205   -3.682  1.00 50.94  ? 68  LYS A C   1 
ATOM   422 O O   . LYS A 1 74  ? 5.898   6.098   -3.804  1.00 55.97  ? 68  LYS A O   1 
ATOM   423 C CB  . LYS A 1 74  ? 8.564   5.773   -5.708  1.00 66.39  ? 68  LYS A CB  1 
ATOM   424 C CG  . LYS A 1 74  ? 8.481   6.153   -7.186  1.00 70.57  ? 68  LYS A CG  1 
ATOM   425 C CD  . LYS A 1 74  ? 9.465   5.383   -8.048  1.00 71.68  ? 68  LYS A CD  1 
ATOM   426 C CE  . LYS A 1 74  ? 9.437   5.902   -9.484  1.00 79.81  ? 68  LYS A CE  1 
ATOM   427 N NZ  . LYS A 1 74  ? 10.673  5.553   -10.247 1.00 82.27  ? 68  LYS A NZ  1 
ATOM   428 N N   . LEU A 1 75  ? 7.782   5.806   -2.606  1.00 43.89  ? 69  LEU A N   1 
ATOM   429 C CA  . LEU A 1 75  ? 7.108   5.216   -1.465  1.00 43.65  ? 69  LEU A CA  1 
ATOM   430 C C   . LEU A 1 75  ? 6.207   6.253   -0.821  1.00 44.11  ? 69  LEU A C   1 
ATOM   431 O O   . LEU A 1 75  ? 5.055   5.969   -0.517  1.00 40.64  ? 69  LEU A O   1 
ATOM   432 C CB  . LEU A 1 75  ? 8.129   4.702   -0.454  1.00 34.63  ? 69  LEU A CB  1 
ATOM   433 C CG  . LEU A 1 75  ? 8.785   3.383   -0.850  1.00 35.84  ? 69  LEU A CG  1 
ATOM   434 C CD1 . LEU A 1 75  ? 9.832   3.021   0.161   1.00 44.25  ? 69  LEU A CD1 1 
ATOM   435 C CD2 . LEU A 1 75  ? 7.751   2.296   -0.917  1.00 40.04  ? 69  LEU A CD2 1 
ATOM   436 N N   . LEU A 1 76  ? 6.738   7.458   -0.624  1.00 41.86  ? 70  LEU A N   1 
ATOM   437 C CA  . LEU A 1 76  ? 5.962   8.556   -0.042  1.00 48.56  ? 70  LEU A CA  1 
ATOM   438 C C   . LEU A 1 76  ? 4.725   8.855   -0.861  1.00 52.81  ? 70  LEU A C   1 
ATOM   439 O O   . LEU A 1 76  ? 3.645   9.102   -0.312  1.00 46.82  ? 70  LEU A O   1 
ATOM   440 C CB  . LEU A 1 76  ? 6.793   9.829   0.032   1.00 41.87  ? 70  LEU A CB  1 
ATOM   441 C CG  . LEU A 1 76  ? 7.887   9.855   1.086   1.00 52.13  ? 70  LEU A CG  1 
ATOM   442 C CD1 . LEU A 1 76  ? 8.678   11.127  0.943   1.00 52.60  ? 70  LEU A CD1 1 
ATOM   443 C CD2 . LEU A 1 76  ? 7.260   9.747   2.461   1.00 58.09  ? 70  LEU A CD2 1 
ATOM   444 N N   . VAL A 1 77  ? 4.890   8.850   -2.180  1.00 44.28  ? 71  VAL A N   1 
ATOM   445 C CA  . VAL A 1 77  ? 3.770   9.136   -3.055  1.00 44.61  ? 71  VAL A CA  1 
ATOM   446 C C   . VAL A 1 77  ? 2.720   8.065   -2.850  1.00 39.39  ? 71  VAL A C   1 
ATOM   447 O O   . VAL A 1 77  ? 1.537   8.359   -2.748  1.00 41.97  ? 71  VAL A O   1 
ATOM   448 C CB  . VAL A 1 77  ? 4.189   9.140   -4.521  1.00 47.76  ? 71  VAL A CB  1 
ATOM   449 C CG1 . VAL A 1 77  ? 2.962   9.166   -5.410  1.00 45.38  ? 71  VAL A CG1 1 
ATOM   450 C CG2 . VAL A 1 77  ? 5.066   10.336  -4.799  1.00 51.51  ? 71  VAL A CG2 1 
ATOM   451 N N   . SER A 1 78  ? 3.166   6.819   -2.793  1.00 36.47  ? 72  SER A N   1 
ATOM   452 C CA  . SER A 1 78  ? 2.241   5.698   -2.613  1.00 37.56  ? 72  SER A CA  1 
ATOM   453 C C   . SER A 1 78  ? 1.511   5.744   -1.272  1.00 37.04  ? 72  SER A C   1 
ATOM   454 O O   . SER A 1 78  ? 0.300   5.551   -1.220  1.00 35.97  ? 72  SER A O   1 
ATOM   455 C CB  . SER A 1 78  ? 2.975   4.373   -2.758  1.00 35.94  ? 72  SER A CB  1 
ATOM   456 O OG  . SER A 1 78  ? 3.026   3.973   -4.119  1.00 46.61  ? 72  SER A OG  1 
ATOM   457 N N   . ILE A 1 79  ? 2.255   5.969   -0.185  1.00 37.85  ? 73  ILE A N   1 
ATOM   458 C CA  . ILE A 1 79  ? 1.665   5.995   1.155   1.00 29.58  ? 73  ILE A CA  1 
ATOM   459 C C   . ILE A 1 79  ? 0.633   7.115   1.250   1.00 28.05  ? 73  ILE A C   1 
ATOM   460 O O   . ILE A 1 79  ? -0.455  6.932   1.799   1.00 32.09  ? 73  ILE A O   1 
ATOM   461 C CB  . ILE A 1 79  ? 2.742   6.214   2.236   1.00 36.38  ? 73  ILE A CB  1 
ATOM   462 C CG1 . ILE A 1 79  ? 3.555   4.927   2.424   1.00 41.88  ? 73  ILE A CG1 1 
ATOM   463 C CG2 . ILE A 1 79  ? 2.109   6.652   3.544   1.00 36.44  ? 73  ILE A CG2 1 
ATOM   464 C CD1 . ILE A 1 79  ? 4.761   5.097   3.320   1.00 42.62  ? 73  ILE A CD1 1 
ATOM   465 N N   . ARG A 1 80  ? 0.983   8.268   0.701   1.00 35.74  ? 74  ARG A N   1 
ATOM   466 C CA  . ARG A 1 80  ? 0.098   9.419   0.738   1.00 40.05  ? 74  ARG A CA  1 
ATOM   467 C C   . ARG A 1 80  ? -1.167  9.157   -0.056  1.00 40.01  ? 74  ARG A C   1 
ATOM   468 O O   . ARG A 1 80  ? -2.261  9.550   0.360   1.00 38.59  ? 74  ARG A O   1 
ATOM   469 C CB  . ARG A 1 80  ? 0.817   10.642  0.191   1.00 45.19  ? 74  ARG A CB  1 
ATOM   470 C CG  . ARG A 1 80  ? 1.822   11.233  1.168   1.00 51.10  ? 74  ARG A CG  1 
ATOM   471 C CD  . ARG A 1 80  ? 2.766   12.173  0.447   1.00 62.52  ? 74  ARG A CD  1 
ATOM   472 N NE  . ARG A 1 80  ? 3.842   12.652  1.307   1.00 68.18  ? 74  ARG A NE  1 
ATOM   473 C CZ  . ARG A 1 80  ? 4.885   13.338  0.860   1.00 70.39  ? 74  ARG A CZ  1 
ATOM   474 N NH1 . ARG A 1 80  ? 4.980   13.612  -0.434  1.00 68.41  ? 74  ARG A NH1 1 
ATOM   475 N NH2 . ARG A 1 80  ? 5.827   13.749  1.698   1.00 72.44  ? 74  ARG A NH2 1 
ATOM   476 N N   . ARG A 1 81  ? -1.022  8.489   -1.198  1.00 33.23  ? 75  ARG A N   1 
ATOM   477 C CA  . ARG A 1 81  ? -2.192  8.168   -2.023  1.00 40.79  ? 75  ARG A CA  1 
ATOM   478 C C   . ARG A 1 81  ? -3.090  7.148   -1.308  1.00 32.58  ? 75  ARG A C   1 
ATOM   479 O O   . ARG A 1 81  ? -4.304  7.290   -1.286  1.00 36.98  ? 75  ARG A O   1 
ATOM   480 C CB  . ARG A 1 81  ? -1.762  7.640   -3.396  1.00 44.53  ? 75  ARG A CB  1 
ATOM   481 N N   . LEU A 1 82  ? -2.491  6.117   -0.725  1.00 29.33  ? 76  LEU A N   1 
ATOM   482 C CA  . LEU A 1 82  ? -3.279  5.136   0.031   1.00 33.04  ? 76  LEU A CA  1 
ATOM   483 C C   . LEU A 1 82  ? -4.048  5.790   1.179   1.00 32.66  ? 76  LEU A C   1 
ATOM   484 O O   . LEU A 1 82  ? -5.218  5.474   1.425   1.00 34.46  ? 76  LEU A O   1 
ATOM   485 C CB  . LEU A 1 82  ? -2.367  4.042   0.564   1.00 32.20  ? 76  LEU A CB  1 
ATOM   486 C CG  . LEU A 1 82  ? -1.854  3.113   -0.536  1.00 29.93  ? 76  LEU A CG  1 
ATOM   487 C CD1 . LEU A 1 82  ? -0.757  2.213   0.016   1.00 24.92  ? 76  LEU A CD1 1 
ATOM   488 C CD2 . LEU A 1 82  ? -2.997  2.270   -1.130  1.00 32.11  ? 76  LEU A CD2 1 
ATOM   489 N N   . ILE A 1 83  ? -3.390  6.724   1.866   1.00 32.73  ? 77  ILE A N   1 
ATOM   490 C CA  . ILE A 1 83  ? -4.030  7.477   2.939   1.00 31.57  ? 77  ILE A CA  1 
ATOM   491 C C   . ILE A 1 83  ? -5.182  8.343   2.388   1.00 35.61  ? 77  ILE A C   1 
ATOM   492 O O   . ILE A 1 83  ? -6.289  8.325   2.930   1.00 35.72  ? 77  ILE A O   1 
ATOM   493 C CB  . ILE A 1 83  ? -2.983  8.315   3.768   1.00 31.39  ? 77  ILE A CB  1 
ATOM   494 C CG1 . ILE A 1 83  ? -2.028  7.380   4.517   1.00 31.46  ? 77  ILE A CG1 1 
ATOM   495 C CG2 . ILE A 1 83  ? -3.661  9.188   4.803   1.00 38.57  ? 77  ILE A CG2 1 
ATOM   496 C CD1 . ILE A 1 83  ? -0.912  8.120   5.225   1.00 31.32  ? 77  ILE A CD1 1 
ATOM   497 N N   . GLU A 1 84  ? -4.932  9.084   1.306   1.00 36.02  ? 78  GLU A N   1 
ATOM   498 C CA  . GLU A 1 84  ? -5.965  9.947   0.726   1.00 41.71  ? 78  GLU A CA  1 
ATOM   499 C C   . GLU A 1 84  ? -7.154  9.127   0.225   1.00 36.32  ? 78  GLU A C   1 
ATOM   500 O O   . GLU A 1 84  ? -8.297  9.565   0.295   1.00 38.19  ? 78  GLU A O   1 
ATOM   501 C CB  . GLU A 1 84  ? -5.393  10.818  -0.391  1.00 40.43  ? 78  GLU A CB  1 
ATOM   502 N N   . LYS A 1 85  ? -6.888  7.920   -0.259  1.00 34.23  ? 79  LYS A N   1 
ATOM   503 C CA  . LYS A 1 85  ? -7.956  7.052   -0.740  1.00 36.54  ? 79  LYS A CA  1 
ATOM   504 C C   . LYS A 1 85  ? -8.600  6.202   0.370   1.00 38.64  ? 79  LYS A C   1 
ATOM   505 O O   . LYS A 1 85  ? -9.389  5.306   0.085   1.00 34.91  ? 79  LYS A O   1 
ATOM   506 C CB  . LYS A 1 85  ? -7.445  6.150   -1.874  1.00 37.80  ? 79  LYS A CB  1 
ATOM   507 C CG  . LYS A 1 85  ? -6.885  6.928   -3.062  1.00 48.55  ? 79  LYS A CG  1 
ATOM   508 C CD  . LYS A 1 85  ? -6.978  6.146   -4.360  1.00 69.75  ? 79  LYS A CD  1 
ATOM   509 C CE  . LYS A 1 85  ? -6.624  7.035   -5.558  1.00 91.62  ? 79  LYS A CE  1 
ATOM   510 N NZ  . LYS A 1 85  ? -5.140  7.150   -5.783  1.00 100.11 ? 79  LYS A NZ  1 
ATOM   511 N N   . GLU A 1 86  ? -8.255  6.488   1.623   1.00 34.03  ? 80  GLU A N   1 
ATOM   512 C CA  . GLU A 1 86  ? -8.897  5.862   2.783   1.00 29.64  ? 80  GLU A CA  1 
ATOM   513 C C   . GLU A 1 86  ? -8.701  4.361   2.836   1.00 29.86  ? 80  GLU A C   1 
ATOM   514 O O   . GLU A 1 86  ? -9.616  3.622   3.197   1.00 38.02  ? 80  GLU A O   1 
ATOM   515 C CB  . GLU A 1 86  ? -10.387 6.249   2.861   1.00 34.96  ? 80  GLU A CB  1 
ATOM   516 C CG  . GLU A 1 86  ? -10.557 7.754   2.889   1.00 47.00  ? 80  GLU A CG  1 
ATOM   517 C CD  . GLU A 1 86  ? -12.004 8.198   3.010   1.00 55.69  ? 80  GLU A CD  1 
ATOM   518 O OE1 . GLU A 1 86  ? -12.908 7.563   2.413   1.00 56.59  ? 80  GLU A OE1 1 
ATOM   519 O OE2 . GLU A 1 86  ? -12.226 9.197   3.718   1.00 56.80  ? 80  GLU A OE2 1 
ATOM   520 N N   . ARG A 1 87  ? -7.487  3.935   2.479   1.00 33.19  ? 81  ARG A N   1 
ATOM   521 C CA  . ARG A 1 87  ? -7.081  2.534   2.507   1.00 29.19  ? 81  ARG A CA  1 
ATOM   522 C C   . ARG A 1 87  ? -5.943  2.304   3.511   1.00 33.20  ? 81  ARG A C   1 
ATOM   523 O O   . ARG A 1 87  ? -5.497  1.176   3.730   1.00 34.24  ? 81  ARG A O   1 
ATOM   524 C CB  . ARG A 1 87  ? -6.650  2.104   1.103   1.00 35.42  ? 81  ARG A CB  1 
ATOM   525 C CG  . ARG A 1 87  ? -7.821  2.075   0.141   1.00 36.24  ? 81  ARG A CG  1 
ATOM   526 C CD  . ARG A 1 87  ? -7.416  1.678   -1.264  1.00 35.63  ? 81  ARG A CD  1 
ATOM   527 N NE  . ARG A 1 87  ? -8.589  1.727   -2.127  1.00 33.01  ? 81  ARG A NE  1 
ATOM   528 C CZ  . ARG A 1 87  ? -9.545  0.801   -2.136  1.00 41.04  ? 81  ARG A CZ  1 
ATOM   529 N NH1 . ARG A 1 87  ? -9.463  -0.263  -1.351  1.00 39.47  ? 81  ARG A NH1 1 
ATOM   530 N NH2 . ARG A 1 87  ? -10.590 0.945   -2.934  1.00 44.61  ? 81  ARG A NH2 1 
ATOM   531 N N   . LEU A 1 88  ? -5.490  3.393   4.127   1.00 31.45  ? 82  LEU A N   1 
ATOM   532 C CA  . LEU A 1 88  ? -4.412  3.346   5.086   1.00 35.50  ? 82  LEU A CA  1 
ATOM   533 C C   . LEU A 1 88  ? -4.592  4.552   5.985   1.00 38.06  ? 82  LEU A C   1 
ATOM   534 O O   . LEU A 1 88  ? -5.109  5.574   5.543   1.00 32.08  ? 82  LEU A O   1 
ATOM   535 C CB  . LEU A 1 88  ? -3.061  3.419   4.359   1.00 33.85  ? 82  LEU A CB  1 
ATOM   536 C CG  . LEU A 1 88  ? -1.804  3.461   5.228   1.00 30.87  ? 82  LEU A CG  1 
ATOM   537 C CD1 . LEU A 1 88  ? -1.586  2.138   5.993   1.00 29.76  ? 82  LEU A CD1 1 
ATOM   538 C CD2 . LEU A 1 88  ? -0.596  3.794   4.376   1.00 34.13  ? 82  LEU A CD2 1 
ATOM   539 N N   . SER A 1 89  ? -4.164  4.446   7.239   1.00 35.62  ? 83  SER A N   1 
ATOM   540 C CA  . SER A 1 89  ? -4.373  5.531   8.193   1.00 43.11  ? 83  SER A CA  1 
ATOM   541 C C   . SER A 1 89  ? -3.076  6.067   8.781   1.00 40.11  ? 83  SER A C   1 
ATOM   542 O O   . SER A 1 89  ? -2.043  5.405   8.751   1.00 34.17  ? 83  SER A O   1 
ATOM   543 C CB  . SER A 1 89  ? -5.296  5.066   9.314   1.00 45.67  ? 83  SER A CB  1 
ATOM   544 O OG  . SER A 1 89  ? -6.578  4.756   8.798   1.00 43.60  ? 83  SER A OG  1 
ATOM   545 N N   . LYS A 1 90  ? -3.126  7.277   9.314   1.00 32.53  ? 84  LYS A N   1 
ATOM   546 C CA  . LYS A 1 90  ? -1.954  7.833   9.966   1.00 39.46  ? 84  LYS A CA  1 
ATOM   547 C C   . LYS A 1 90  ? -2.340  8.582   11.219  1.00 45.50  ? 84  LYS A C   1 
ATOM   548 O O   . LYS A 1 90  ? -3.474  9.085   11.358  1.00 43.15  ? 84  LYS A O   1 
ATOM   549 C CB  . LYS A 1 90  ? -1.158  8.760   9.037   1.00 44.78  ? 84  LYS A CB  1 
ATOM   550 C CG  . LYS A 1 90  ? -1.748  10.162  8.911   1.00 56.00  ? 84  LYS A CG  1 
ATOM   551 C CD  . LYS A 1 90  ? -0.919  11.071  7.997   1.00 56.25  ? 84  LYS A CD  1 
ATOM   552 C CE  . LYS A 1 90  ? -1.679  12.375  7.685   1.00 64.40  ? 84  LYS A CE  1 
ATOM   553 N NZ  . LYS A 1 90  ? -0.993  13.249  6.684   1.00 69.83  ? 84  LYS A NZ  1 
ATOM   554 N N   . VAL A 1 91  ? -1.375  8.652   12.130  1.00 35.51  ? 85  VAL A N   1 
ATOM   555 C CA  . VAL A 1 91  ? -1.517  9.443   13.346  1.00 41.47  ? 85  VAL A CA  1 
ATOM   556 C C   . VAL A 1 91  ? -0.159  10.047  13.685  1.00 40.93  ? 85  VAL A C   1 
ATOM   557 O O   . VAL A 1 91  ? 0.889   9.420   13.477  1.00 44.13  ? 85  VAL A O   1 
ATOM   558 C CB  . VAL A 1 91  ? -2.048  8.584   14.509  1.00 50.02  ? 85  VAL A CB  1 
ATOM   559 C CG1 . VAL A 1 91  ? -1.091  7.432   14.807  1.00 46.44  ? 85  VAL A CG1 1 
ATOM   560 C CG2 . VAL A 1 91  ? -2.283  9.436   15.749  1.00 56.52  ? 85  VAL A CG2 1 
ATOM   561 N N   . ARG A 1 92  ? -0.171  11.280  14.163  1.00 41.18  ? 86  ARG A N   1 
ATOM   562 C CA  . ARG A 1 92  ? 1.066   11.954  14.508  1.00 48.19  ? 86  ARG A CA  1 
ATOM   563 C C   . ARG A 1 92  ? 1.391   11.731  15.975  1.00 53.69  ? 86  ARG A C   1 
ATOM   564 O O   . ARG A 1 92  ? 0.525   11.341  16.763  1.00 52.80  ? 86  ARG A O   1 
ATOM   565 C CB  . ARG A 1 92  ? 0.939   13.457  14.226  1.00 51.81  ? 86  ARG A CB  1 
ATOM   566 C CG  . ARG A 1 92  ? 0.727   13.802  12.760  1.00 59.35  ? 86  ARG A CG  1 
ATOM   567 C CD  . ARG A 1 92  ? 0.699   15.315  12.548  1.00 70.94  ? 86  ARG A CD  1 
ATOM   568 N NE  . ARG A 1 92  ? 0.974   15.671  11.156  1.00 76.16  ? 86  ARG A NE  1 
ATOM   569 C CZ  . ARG A 1 92  ? 1.962   16.475  10.771  1.00 82.48  ? 86  ARG A CZ  1 
ATOM   570 N NH1 . ARG A 1 92  ? 2.767   17.021  11.675  1.00 80.17  ? 86  ARG A NH1 1 
ATOM   571 N NH2 . ARG A 1 92  ? 2.140   16.741  9.484   1.00 86.60  ? 86  ARG A NH2 1 
ATOM   572 N N   . SER A 1 93  ? 2.639   12.003  16.344  1.00 49.14  ? 87  SER A N   1 
ATOM   573 C CA  . SER A 1 93  ? 3.009   12.068  17.747  1.00 52.74  ? 87  SER A CA  1 
ATOM   574 C C   . SER A 1 93  ? 2.497   13.361  18.358  1.00 58.40  ? 87  SER A C   1 
ATOM   575 O O   . SER A 1 93  ? 2.635   14.425  17.763  1.00 64.51  ? 87  SER A O   1 
ATOM   576 C CB  . SER A 1 93  ? 4.527   12.036  17.890  1.00 55.47  ? 87  SER A CB  1 
ATOM   577 O OG  . SER A 1 93  ? 4.919   12.628  19.110  1.00 59.73  ? 87  SER A OG  1 
ATOM   578 N N   . SER A 1 94  ? 1.934   13.275  19.556  1.00 56.75  ? 88  SER A N   1 
ATOM   579 C CA  . SER A 1 94  ? 1.539   14.467  20.277  1.00 59.43  ? 88  SER A CA  1 
ATOM   580 C C   . SER A 1 94  ? 2.777   15.187  20.804  1.00 69.94  ? 88  SER A C   1 
ATOM   581 O O   . SER A 1 94  ? 2.753   16.403  21.020  1.00 65.88  ? 88  SER A O   1 
ATOM   582 C CB  . SER A 1 94  ? 0.593   14.112  21.428  1.00 62.94  ? 88  SER A CB  1 
ATOM   583 O OG  . SER A 1 94  ? -0.526  13.387  20.942  1.00 64.26  ? 88  SER A OG  1 
ATOM   584 N N   . LYS A 1 95  ? 3.858   14.431  20.994  1.00 77.30  ? 89  LYS A N   1 
ATOM   585 C CA  . LYS A 1 95  ? 5.103   14.982  21.521  1.00 84.84  ? 89  LYS A CA  1 
ATOM   586 C C   . LYS A 1 95  ? 5.973   15.637  20.443  1.00 81.38  ? 89  LYS A C   1 
ATOM   587 O O   . LYS A 1 95  ? 6.373   16.791  20.587  1.00 84.99  ? 89  LYS A O   1 
ATOM   588 C CB  . LYS A 1 95  ? 5.902   13.897  22.249  1.00 87.99  ? 89  LYS A CB  1 
ATOM   589 N N   . ASP A 1 96  ? 6.261   14.901  19.370  1.00 67.88  ? 90  ASP A N   1 
ATOM   590 C CA  . ASP A 1 96  ? 7.164   15.377  18.314  1.00 69.54  ? 90  ASP A CA  1 
ATOM   591 C C   . ASP A 1 96  ? 6.451   15.606  16.982  1.00 62.37  ? 90  ASP A C   1 
ATOM   592 O O   . ASP A 1 96  ? 6.165   14.654  16.261  1.00 58.67  ? 90  ASP A O   1 
ATOM   593 C CB  . ASP A 1 96  ? 8.330   14.398  18.117  1.00 70.02  ? 90  ASP A CB  1 
ATOM   594 N N   . GLU A 1 97  ? 6.201   16.874  16.652  1.00 69.96  ? 91  GLU A N   1 
ATOM   595 C CA  . GLU A 1 97  ? 5.411   17.260  15.477  1.00 78.61  ? 91  GLU A CA  1 
ATOM   596 C C   . GLU A 1 97  ? 5.858   16.592  14.180  1.00 87.79  ? 91  GLU A C   1 
ATOM   597 O O   . GLU A 1 97  ? 5.057   16.414  13.258  1.00 91.25  ? 91  GLU A O   1 
ATOM   598 C CB  . GLU A 1 97  ? 5.383   18.791  15.314  1.00 80.47  ? 91  GLU A CB  1 
ATOM   599 N N   . ARG A 1 98  ? 7.129   16.202  14.125  1.00 85.27  ? 92  ARG A N   1 
ATOM   600 C CA  . ARG A 1 98  ? 7.684   15.596  12.923  1.00 80.12  ? 92  ARG A CA  1 
ATOM   601 C C   . ARG A 1 98  ? 7.600   14.063  12.900  1.00 80.92  ? 92  ARG A C   1 
ATOM   602 O O   . ARG A 1 98  ? 7.885   13.456  11.869  1.00 87.47  ? 92  ARG A O   1 
ATOM   603 C CB  . ARG A 1 98  ? 9.130   16.066  12.692  1.00 78.48  ? 92  ARG A CB  1 
ATOM   604 N N   . LYS A 1 99  ? 7.218   13.435  14.012  1.00 70.21  ? 93  LYS A N   1 
ATOM   605 C CA  . LYS A 1 99  ? 7.082   11.973  14.031  1.00 55.61  ? 93  LYS A CA  1 
ATOM   606 C C   . LYS A 1 99  ? 5.680   11.548  13.586  1.00 53.02  ? 93  LYS A C   1 
ATOM   607 O O   . LYS A 1 99  ? 4.682   11.933  14.188  1.00 53.13  ? 93  LYS A O   1 
ATOM   608 C CB  . LYS A 1 99  ? 7.394   11.404  15.417  1.00 54.95  ? 93  LYS A CB  1 
ATOM   609 N N   . ILE A 1 100 ? 5.611   10.759  12.526  1.00 49.27  ? 94  ILE A N   1 
ATOM   610 C CA  . ILE A 1 100 ? 4.338   10.298  11.997  1.00 44.98  ? 94  ILE A CA  1 
ATOM   611 C C   . ILE A 1 100 ? 4.321   8.770   11.904  1.00 48.42  ? 94  ILE A C   1 
ATOM   612 O O   . ILE A 1 100 ? 5.329   8.155   11.554  1.00 57.68  ? 94  ILE A O   1 
ATOM   613 C CB  . ILE A 1 100 ? 4.076   10.920  10.620  1.00 48.37  ? 94  ILE A CB  1 
ATOM   614 C CG1 . ILE A 1 100 ? 3.869   12.431  10.770  1.00 61.10  ? 94  ILE A CG1 1 
ATOM   615 C CG2 . ILE A 1 100 ? 2.880   10.279  9.951   1.00 47.47  ? 94  ILE A CG2 1 
ATOM   616 C CD1 . ILE A 1 100 ? 3.716   13.160  9.458   1.00 61.98  ? 94  ILE A CD1 1 
ATOM   617 N N   . TYR A 1 101 ? 3.187   8.169   12.259  1.00 39.53  ? 95  TYR A N   1 
ATOM   618 C CA  . TYR A 1 101 ? 2.986   6.724   12.135  1.00 45.23  ? 95  TYR A CA  1 
ATOM   619 C C   . TYR A 1 101 ? 1.920   6.408   11.117  1.00 42.59  ? 95  TYR A C   1 
ATOM   620 O O   . TYR A 1 101 ? 1.036   7.233   10.852  1.00 38.19  ? 95  TYR A O   1 
ATOM   621 C CB  . TYR A 1 101 ? 2.528   6.130   13.458  1.00 39.10  ? 95  TYR A CB  1 
ATOM   622 C CG  . TYR A 1 101 ? 3.460   6.434   14.585  1.00 43.51  ? 95  TYR A CG  1 
ATOM   623 C CD1 . TYR A 1 101 ? 3.405   7.656   15.238  1.00 48.90  ? 95  TYR A CD1 1 
ATOM   624 C CD2 . TYR A 1 101 ? 4.406   5.509   14.997  1.00 46.74  ? 95  TYR A CD2 1 
ATOM   625 C CE1 . TYR A 1 101 ? 4.264   7.949   16.263  1.00 54.05  ? 95  TYR A CE1 1 
ATOM   626 C CE2 . TYR A 1 101 ? 5.263   5.788   16.027  1.00 48.61  ? 95  TYR A CE2 1 
ATOM   627 C CZ  . TYR A 1 101 ? 5.195   7.012   16.657  1.00 61.45  ? 95  TYR A CZ  1 
ATOM   628 O OH  . TYR A 1 101 ? 6.050   7.308   17.691  1.00 58.53  ? 95  TYR A OH  1 
ATOM   629 N N   . ILE A 1 102 ? 1.993   5.204   10.557  1.00 35.54  ? 96  ILE A N   1 
ATOM   630 C CA  . ILE A 1 102 ? 0.883   4.669   9.770   1.00 38.31  ? 96  ILE A CA  1 
ATOM   631 C C   . ILE A 1 102 ? 0.340   3.404   10.428  1.00 42.03  ? 96  ILE A C   1 
ATOM   632 O O   . ILE A 1 102 ? 1.014   2.766   11.226  1.00 42.08  ? 96  ILE A O   1 
ATOM   633 C CB  . ILE A 1 102 ? 1.261   4.391   8.293   1.00 32.19  ? 96  ILE A CB  1 
ATOM   634 C CG1 . ILE A 1 102 ? 2.428   3.408   8.204   1.00 38.92  ? 96  ILE A CG1 1 
ATOM   635 C CG2 . ILE A 1 102 ? 1.617   5.698   7.572   1.00 39.73  ? 96  ILE A CG2 1 
ATOM   636 C CD1 . ILE A 1 102 ? 2.703   2.929   6.792   1.00 42.41  ? 96  ILE A CD1 1 
ATOM   637 N N   . TYR A 1 103 ? -0.898  3.062   10.107  1.00 39.74  ? 97  TYR A N   1 
ATOM   638 C CA  . TYR A 1 103 ? -1.514  1.882   10.670  1.00 41.42  ? 97  TYR A CA  1 
ATOM   639 C C   . TYR A 1 103 ? -2.757  1.559   9.858   1.00 46.14  ? 97  TYR A C   1 
ATOM   640 O O   . TYR A 1 103 ? -3.227  2.389   9.080   1.00 37.93  ? 97  TYR A O   1 
ATOM   641 C CB  . TYR A 1 103 ? -1.840  2.088   12.159  1.00 43.73  ? 97  TYR A CB  1 
ATOM   642 C CG  . TYR A 1 103 ? -3.026  2.980   12.429  1.00 45.51  ? 97  TYR A CG  1 
ATOM   643 C CD1 . TYR A 1 103 ? -2.889  4.365   12.461  1.00 55.02  ? 97  TYR A CD1 1 
ATOM   644 C CD2 . TYR A 1 103 ? -4.287  2.442   12.663  1.00 48.46  ? 97  TYR A CD2 1 
ATOM   645 C CE1 . TYR A 1 103 ? -3.986  5.194   12.713  1.00 52.90  ? 97  TYR A CE1 1 
ATOM   646 C CE2 . TYR A 1 103 ? -5.384  3.258   12.923  1.00 54.99  ? 97  TYR A CE2 1 
ATOM   647 C CZ  . TYR A 1 103 ? -5.229  4.633   12.941  1.00 57.29  ? 97  TYR A CZ  1 
ATOM   648 O OH  . TYR A 1 103 ? -6.320  5.446   13.188  1.00 63.72  ? 97  TYR A OH  1 
ATOM   649 N N   . LEU A 1 104 ? -3.257  0.338   10.009  1.00 50.18  ? 98  LEU A N   1 
ATOM   650 C CA  . LEU A 1 104 ? -4.468  -0.087  9.332   1.00 43.59  ? 98  LEU A CA  1 
ATOM   651 C C   . LEU A 1 104 ? -5.536  -0.310  10.387  1.00 46.44  ? 98  LEU A C   1 
ATOM   652 O O   . LEU A 1 104 ? -5.339  -1.095  11.311  1.00 45.16  ? 98  LEU A O   1 
ATOM   653 C CB  . LEU A 1 104 ? -4.221  -1.383  8.528   1.00 41.71  ? 98  LEU A CB  1 
ATOM   654 C CG  . LEU A 1 104 ? -3.298  -1.402  7.291   1.00 40.37  ? 98  LEU A CG  1 
ATOM   655 C CD1 . LEU A 1 104 ? -2.931  -2.831  6.915   1.00 41.65  ? 98  LEU A CD1 1 
ATOM   656 C CD2 . LEU A 1 104 ? -3.930  -0.718  6.089   1.00 38.62  ? 98  LEU A CD2 1 
ATOM   657 N N   . ASN A 1 105 ? -6.655  0.403   10.275  1.00 43.65  ? 99  ASN A N   1 
ATOM   658 C CA  . ASN A 1 105 ? -7.770  0.143   11.172  1.00 49.99  ? 99  ASN A CA  1 
ATOM   659 C C   . ASN A 1 105 ? -8.644  -0.955  10.574  1.00 48.72  ? 99  ASN A C   1 
ATOM   660 O O   . ASN A 1 105 ? -8.357  -1.458  9.484   1.00 43.94  ? 99  ASN A O   1 
ATOM   661 C CB  . ASN A 1 105 ? -8.563  1.424   11.479  1.00 58.92  ? 99  ASN A CB  1 
ATOM   662 C CG  . ASN A 1 105 ? -9.097  2.098   10.234  1.00 63.09  ? 99  ASN A CG  1 
ATOM   663 O OD1 . ASN A 1 105 ? -9.560  1.442   9.307   1.00 60.66  ? 99  ASN A OD1 1 
ATOM   664 N ND2 . ASN A 1 105 ? -9.031  3.423   10.206  1.00 70.41  ? 99  ASN A ND2 1 
ATOM   665 N N   . ASN A 1 106 ? -9.698  -1.339  11.279  1.00 49.19  ? 100 ASN A N   1 
ATOM   666 C CA  . ASN A 1 106 ? -10.543 -2.428  10.808  1.00 51.75  ? 100 ASN A CA  1 
ATOM   667 C C   . ASN A 1 106 ? -11.167 -2.153  9.447   1.00 53.09  ? 100 ASN A C   1 
ATOM   668 O O   . ASN A 1 106 ? -11.253 -3.047  8.612   1.00 61.55  ? 100 ASN A O   1 
ATOM   669 C CB  . ASN A 1 106 ? -11.632 -2.756  11.830  1.00 54.02  ? 100 ASN A CB  1 
ATOM   670 C CG  . ASN A 1 106 ? -11.154 -3.717  12.895  1.00 79.55  ? 100 ASN A CG  1 
ATOM   671 O OD1 . ASN A 1 106 ? -10.202 -4.476  12.681  1.00 82.58  ? 100 ASN A OD1 1 
ATOM   672 N ND2 . ASN A 1 106 ? -11.817 -3.697  14.050  1.00 91.51  ? 100 ASN A ND2 1 
ATOM   673 N N   . ASP A 1 107 ? -11.598 -0.914  9.229   1.00 50.43  ? 101 ASP A N   1 
ATOM   674 C CA  . ASP A 1 107 ? -12.141 -0.538  7.934   1.00 50.12  ? 101 ASP A CA  1 
ATOM   675 C C   . ASP A 1 107 ? -11.066 -0.732  6.867   1.00 45.46  ? 101 ASP A C   1 
ATOM   676 O O   . ASP A 1 107 ? -11.324 -1.324  5.809   1.00 51.01  ? 101 ASP A O   1 
ATOM   677 C CB  . ASP A 1 107 ? -12.643 0.911   7.939   1.00 49.49  ? 101 ASP A CB  1 
ATOM   678 C CG  . ASP A 1 107 ? -13.838 1.126   8.864   1.00 67.92  ? 101 ASP A CG  1 
ATOM   679 O OD1 . ASP A 1 107 ? -14.467 0.133   9.293   1.00 74.21  ? 101 ASP A OD1 1 
ATOM   680 O OD2 . ASP A 1 107 ? -14.154 2.301   9.153   1.00 72.05  ? 101 ASP A OD2 1 
ATOM   681 N N   . ASP A 1 108 ? -9.859  -0.241  7.147   1.00 38.76  ? 102 ASP A N   1 
ATOM   682 C CA  . ASP A 1 108 ? -8.751  -0.390  6.201   1.00 35.28  ? 102 ASP A CA  1 
ATOM   683 C C   . ASP A 1 108 ? -8.501  -1.880  5.890   1.00 41.02  ? 102 ASP A C   1 
ATOM   684 O O   . ASP A 1 108 ? -8.216  -2.254  4.744   1.00 40.77  ? 102 ASP A O   1 
ATOM   685 C CB  . ASP A 1 108 ? -7.464  0.220   6.752   1.00 38.92  ? 102 ASP A CB  1 
ATOM   686 C CG  . ASP A 1 108 ? -7.579  1.720   7.032   1.00 50.39  ? 102 ASP A CG  1 
ATOM   687 O OD1 . ASP A 1 108 ? -8.483  2.392   6.479   1.00 48.85  ? 102 ASP A OD1 1 
ATOM   688 O OD2 . ASP A 1 108 ? -6.745  2.218   7.819   1.00 48.49  ? 102 ASP A OD2 1 
ATOM   689 N N   . ILE A 1 109 ? -8.596  -2.716  6.919   1.00 37.86  ? 103 ILE A N   1 
ATOM   690 C CA  . ILE A 1 109 ? -8.323  -4.142  6.760   1.00 37.87  ? 103 ILE A CA  1 
ATOM   691 C C   . ILE A 1 109 ? -9.403  -4.797  5.907   1.00 40.42  ? 103 ILE A C   1 
ATOM   692 O O   . ILE A 1 109 ? -9.089  -5.560  5.005   1.00 43.64  ? 103 ILE A O   1 
ATOM   693 C CB  . ILE A 1 109 ? -8.199  -4.844  8.115   1.00 40.81  ? 103 ILE A CB  1 
ATOM   694 C CG1 . ILE A 1 109 ? -6.975  -4.320  8.859   1.00 41.65  ? 103 ILE A CG1 1 
ATOM   695 C CG2 . ILE A 1 109 ? -8.094  -6.378  7.948   1.00 40.97  ? 103 ILE A CG2 1 
ATOM   696 C CD1 . ILE A 1 109 ? -6.791  -4.951  10.235  1.00 49.37  ? 103 ILE A CD1 1 
ATOM   697 N N   . SER A 1 110 ? -10.672 -4.488  6.175   1.00 45.78  ? 104 SER A N   1 
ATOM   698 C CA  . SER A 1 110 ? -11.751 -5.031  5.343   1.00 51.04  ? 104 SER A CA  1 
ATOM   699 C C   . SER A 1 110 ? -11.628 -4.564  3.888   1.00 52.47  ? 104 SER A C   1 
ATOM   700 O O   . SER A 1 110 ? -11.908 -5.323  2.958   1.00 50.44  ? 104 SER A O   1 
ATOM   701 C CB  . SER A 1 110 ? -13.128 -4.684  5.913   1.00 49.79  ? 104 SER A CB  1 
ATOM   702 O OG  . SER A 1 110 ? -13.272 -5.187  7.234   1.00 65.87  ? 104 SER A OG  1 
ATOM   703 N N   . LYS A 1 111 ? -11.204 -3.321  3.691   1.00 48.80  ? 105 LYS A N   1 
ATOM   704 C CA  . LYS A 1 111 ? -10.953 -2.816  2.342   1.00 47.18  ? 105 LYS A CA  1 
ATOM   705 C C   . LYS A 1 111 ? -9.793  -3.565  1.718   1.00 44.46  ? 105 LYS A C   1 
ATOM   706 O O   . LYS A 1 111 ? -9.820  -3.897  0.528   1.00 43.66  ? 105 LYS A O   1 
ATOM   707 C CB  . LYS A 1 111 ? -10.615 -1.324  2.359   1.00 42.92  ? 105 LYS A CB  1 
ATOM   708 C CG  . LYS A 1 111 ? -11.825 -0.384  2.400   1.00 54.42  ? 105 LYS A CG  1 
ATOM   709 C CD  . LYS A 1 111 ? -11.391 1.072   2.141   1.00 46.74  ? 105 LYS A CD  1 
ATOM   710 C CE  . LYS A 1 111 ? -12.566 2.045   2.274   1.00 54.08  ? 105 LYS A CE  1 
ATOM   711 N NZ  . LYS A 1 111 ? -12.212 3.395   1.724   1.00 58.54  ? 105 LYS A NZ  1 
ATOM   712 N N   . PHE A 1 112 ? -8.755  -3.790  2.515   1.00 43.41  ? 106 PHE A N   1 
ATOM   713 C CA  . PHE A 1 112 ? -7.615  -4.554  2.043   1.00 41.84  ? 106 PHE A CA  1 
ATOM   714 C C   . PHE A 1 112 ? -8.097  -5.906  1.537   1.00 39.21  ? 106 PHE A C   1 
ATOM   715 O O   . PHE A 1 112 ? -7.780  -6.314  0.416   1.00 43.98  ? 106 PHE A O   1 
ATOM   716 C CB  . PHE A 1 112 ? -6.580  -4.745  3.156   1.00 45.56  ? 106 PHE A CB  1 
ATOM   717 C CG  . PHE A 1 112 ? -5.354  -5.511  2.721   1.00 47.61  ? 106 PHE A CG  1 
ATOM   718 C CD1 . PHE A 1 112 ? -5.350  -6.897  2.710   1.00 38.64  ? 106 PHE A CD1 1 
ATOM   719 C CD2 . PHE A 1 112 ? -4.213  -4.844  2.315   1.00 54.99  ? 106 PHE A CD2 1 
ATOM   720 C CE1 . PHE A 1 112 ? -4.228  -7.610  2.308   1.00 44.39  ? 106 PHE A CE1 1 
ATOM   721 C CE2 . PHE A 1 112 ? -3.087  -5.545  1.908   1.00 55.11  ? 106 PHE A CE2 1 
ATOM   722 C CZ  . PHE A 1 112 ? -3.099  -6.933  1.904   1.00 52.68  ? 106 PHE A CZ  1 
ATOM   723 N N   . ASN A 1 113 ? -8.869  -6.600  2.362   1.00 40.06  ? 107 ASN A N   1 
ATOM   724 C CA  . ASN A 1 113 ? -9.274  -7.957  2.005   1.00 43.99  ? 107 ASN A CA  1 
ATOM   725 C C   . ASN A 1 113 ? -10.128 -8.002  0.738   1.00 53.56  ? 107 ASN A C   1 
ATOM   726 O O   . ASN A 1 113 ? -9.926  -8.856  -0.128  1.00 51.58  ? 107 ASN A O   1 
ATOM   727 C CB  . ASN A 1 113 ? -9.971  -8.636  3.177   1.00 52.83  ? 107 ASN A CB  1 
ATOM   728 C CG  . ASN A 1 113 ? -9.017  -8.949  4.302   1.00 53.24  ? 107 ASN A CG  1 
ATOM   729 O OD1 . ASN A 1 113 ? -7.836  -9.216  4.069   1.00 52.16  ? 107 ASN A OD1 1 
ATOM   730 N ND2 . ASN A 1 113 ? -9.516  -8.919  5.530   1.00 57.27  ? 107 ASN A ND2 1 
ATOM   731 N N   . ALA A 1 114 ? -11.061 -7.063  0.624   1.00 49.20  ? 108 ALA A N   1 
ATOM   732 C CA  . ALA A 1 114 ? -11.890 -6.956  -0.570  1.00 52.72  ? 108 ALA A CA  1 
ATOM   733 C C   . ALA A 1 114 ? -11.021 -6.716  -1.785  1.00 47.84  ? 108 ALA A C   1 
ATOM   734 O O   . ALA A 1 114 ? -11.214 -7.326  -2.837  1.00 45.55  ? 108 ALA A O   1 
ATOM   735 C CB  . ALA A 1 114 ? -12.898 -5.822  -0.414  1.00 55.92  ? 108 ALA A CB  1 
ATOM   736 N N   . LEU A 1 115 ? -10.047 -5.826  -1.639  1.00 39.04  ? 109 LEU A N   1 
ATOM   737 C CA  . LEU A 1 115 ? -9.197  -5.477  -2.765  1.00 37.48  ? 109 LEU A CA  1 
ATOM   738 C C   . LEU A 1 115 ? -8.371  -6.662  -3.235  1.00 42.65  ? 109 LEU A C   1 
ATOM   739 O O   . LEU A 1 115 ? -8.277  -6.926  -4.430  1.00 44.56  ? 109 LEU A O   1 
ATOM   740 C CB  . LEU A 1 115 ? -8.288  -4.297  -2.423  1.00 39.70  ? 109 LEU A CB  1 
ATOM   741 C CG  . LEU A 1 115 ? -7.189  -3.933  -3.423  1.00 40.99  ? 109 LEU A CG  1 
ATOM   742 C CD1 . LEU A 1 115 ? -7.718  -3.806  -4.832  1.00 42.81  ? 109 LEU A CD1 1 
ATOM   743 C CD2 . LEU A 1 115 ? -6.565  -2.616  -2.981  1.00 38.54  ? 109 LEU A CD2 1 
ATOM   744 N N   . PHE A 1 116 ? -7.772  -7.388  -2.307  1.00 42.15  ? 110 PHE A N   1 
ATOM   745 C CA  . PHE A 1 116 ? -6.919  -8.482  -2.731  1.00 47.23  ? 110 PHE A CA  1 
ATOM   746 C C   . PHE A 1 116 ? -7.663  -9.739  -3.166  1.00 47.98  ? 110 PHE A C   1 
ATOM   747 O O   . PHE A 1 116 ? -7.117  -10.550 -3.908  1.00 44.17  ? 110 PHE A O   1 
ATOM   748 C CB  . PHE A 1 116 ? -5.808  -8.748  -1.723  1.00 51.90  ? 110 PHE A CB  1 
ATOM   749 C CG  . PHE A 1 116 ? -4.636  -7.812  -1.893  1.00 62.59  ? 110 PHE A CG  1 
ATOM   750 C CD1 . PHE A 1 116 ? -4.650  -6.548  -1.321  1.00 66.85  ? 110 PHE A CD1 1 
ATOM   751 C CD2 . PHE A 1 116 ? -3.544  -8.179  -2.669  1.00 62.25  ? 110 PHE A CD2 1 
ATOM   752 C CE1 . PHE A 1 116 ? -3.579  -5.674  -1.497  1.00 65.42  ? 110 PHE A CE1 1 
ATOM   753 C CE2 . PHE A 1 116 ? -2.472  -7.316  -2.850  1.00 65.05  ? 110 PHE A CE2 1 
ATOM   754 C CZ  . PHE A 1 116 ? -2.489  -6.061  -2.263  1.00 63.56  ? 110 PHE A CZ  1 
ATOM   755 N N   . GLU A 1 117 ? -8.916  -9.882  -2.741  1.00 44.13  ? 111 GLU A N   1 
ATOM   756 C CA  . GLU A 1 117 ? -9.767  -10.933 -3.291  1.00 49.85  ? 111 GLU A CA  1 
ATOM   757 C C   . GLU A 1 117 ? -10.028 -10.592 -4.739  1.00 51.63  ? 111 GLU A C   1 
ATOM   758 O O   . GLU A 1 117 ? -10.081 -11.469 -5.600  1.00 50.78  ? 111 GLU A O   1 
ATOM   759 C CB  . GLU A 1 117 ? -11.108 -10.999 -2.578  1.00 51.12  ? 111 GLU A CB  1 
ATOM   760 C CG  . GLU A 1 117 ? -11.100 -11.722 -1.261  1.00 64.82  ? 111 GLU A CG  1 
ATOM   761 C CD  . GLU A 1 117 ? -12.494 -11.821 -0.688  1.00 71.99  ? 111 GLU A CD  1 
ATOM   762 O OE1 . GLU A 1 117 ? -12.719 -11.342 0.447   1.00 69.42  ? 111 GLU A OE1 1 
ATOM   763 O OE2 . GLU A 1 117 ? -13.370 -12.363 -1.396  1.00 70.45  ? 111 GLU A OE2 1 
ATOM   764 N N   . ASP A 1 118 ? -10.205 -9.301  -4.994  1.00 53.13  ? 112 ASP A N   1 
ATOM   765 C CA  . ASP A 1 118 ? -10.420 -8.816  -6.348  1.00 57.18  ? 112 ASP A CA  1 
ATOM   766 C C   . ASP A 1 118 ? -9.196  -9.106  -7.205  1.00 55.48  ? 112 ASP A C   1 
ATOM   767 O O   . ASP A 1 118 ? -9.321  -9.585  -8.330  1.00 50.71  ? 112 ASP A O   1 
ATOM   768 C CB  . ASP A 1 118 ? -10.718 -7.313  -6.354  1.00 60.13  ? 112 ASP A CB  1 
ATOM   769 C CG  . ASP A 1 118 ? -11.437 -6.867  -7.612  1.00 59.66  ? 112 ASP A CG  1 
ATOM   770 O OD1 . ASP A 1 118 ? -11.622 -7.715  -8.514  1.00 54.21  ? 112 ASP A OD1 1 
ATOM   771 O OD2 . ASP A 1 118 ? -11.810 -5.675  -7.697  1.00 52.86  ? 112 ASP A OD2 1 
ATOM   772 N N   . VAL A 1 119 ? -8.011  -8.808  -6.682  1.00 56.94  ? 113 VAL A N   1 
ATOM   773 C CA  . VAL A 1 119 ? -6.794  -9.113  -7.425  1.00 52.18  ? 113 VAL A CA  1 
ATOM   774 C C   . VAL A 1 119 ? -6.743  -10.606 -7.762  1.00 54.24  ? 113 VAL A C   1 
ATOM   775 O O   . VAL A 1 119 ? -6.579  -10.972 -8.923  1.00 55.54  ? 113 VAL A O   1 
ATOM   776 C CB  . VAL A 1 119 ? -5.511  -8.733  -6.673  1.00 41.82  ? 113 VAL A CB  1 
ATOM   777 C CG1 . VAL A 1 119 ? -4.304  -9.334  -7.386  1.00 45.01  ? 113 VAL A CG1 1 
ATOM   778 C CG2 . VAL A 1 119 ? -5.372  -7.214  -6.564  1.00 38.35  ? 113 VAL A CG2 1 
ATOM   779 N N   . GLU A 1 120 ? -6.907  -11.454 -6.748  1.00 56.82  ? 114 GLU A N   1 
ATOM   780 C CA  . GLU A 1 120 ? -6.773  -12.900 -6.925  1.00 60.66  ? 114 GLU A CA  1 
ATOM   781 C C   . GLU A 1 120 ? -7.666  -13.446 -8.020  1.00 67.00  ? 114 GLU A C   1 
ATOM   782 O O   . GLU A 1 120 ? -7.253  -14.320 -8.788  1.00 69.48  ? 114 GLU A O   1 
ATOM   783 C CB  . GLU A 1 120 ? -7.051  -13.658 -5.624  1.00 65.74  ? 114 GLU A CB  1 
ATOM   784 C CG  . GLU A 1 120 ? -5.838  -13.866 -4.725  1.00 71.75  ? 114 GLU A CG  1 
ATOM   785 C CD  . GLU A 1 120 ? -6.046  -14.978 -3.711  1.00 74.83  ? 114 GLU A CD  1 
ATOM   786 O OE1 . GLU A 1 120 ? -5.941  -16.162 -4.098  1.00 85.05  ? 114 GLU A OE1 1 
ATOM   787 O OE2 . GLU A 1 120 ? -6.322  -14.675 -2.532  1.00 72.63  ? 114 GLU A OE2 1 
ATOM   788 N N   . GLN A 1 121 ? -8.892  -12.942 -8.100  1.00 64.97  ? 115 GLN A N   1 
ATOM   789 C CA  . GLN A 1 121 ? -9.827  -13.495 -9.073  1.00 68.48  ? 115 GLN A CA  1 
ATOM   790 C C   . GLN A 1 121 ? -9.562  -12.979 -10.489 1.00 69.74  ? 115 GLN A C   1 
ATOM   791 O O   . GLN A 1 121 ? -9.805  -13.684 -11.461 1.00 64.88  ? 115 GLN A O   1 
ATOM   792 C CB  . GLN A 1 121 ? -11.286 -13.304 -8.638  1.00 68.62  ? 115 GLN A CB  1 
ATOM   793 C CG  . GLN A 1 121 ? -11.738 -11.875 -8.531  1.00 77.85  ? 115 GLN A CG  1 
ATOM   794 C CD  . GLN A 1 121 ? -12.040 -11.278 -9.877  1.00 79.36  ? 115 GLN A CD  1 
ATOM   795 O OE1 . GLN A 1 121 ? -12.545 -11.959 -10.769 1.00 80.83  ? 115 GLN A OE1 1 
ATOM   796 N NE2 . GLN A 1 121 ? -11.703 -10.007 -10.047 1.00 67.34  ? 115 GLN A NE2 1 
ATOM   797 N N   . PHE A 1 122 ? -9.045  -11.757 -10.609 1.00 58.65  ? 116 PHE A N   1 
ATOM   798 C CA  . PHE A 1 122 ? -8.711  -11.225 -11.929 1.00 56.09  ? 116 PHE A CA  1 
ATOM   799 C C   . PHE A 1 122 ? -7.650  -12.117 -12.545 1.00 55.25  ? 116 PHE A C   1 
ATOM   800 O O   . PHE A 1 122 ? -7.782  -12.585 -13.679 1.00 55.49  ? 116 PHE A O   1 
ATOM   801 C CB  . PHE A 1 122 ? -8.189  -9.790  -11.832 1.00 56.31  ? 116 PHE A CB  1 
ATOM   802 C CG  . PHE A 1 122 ? -8.062  -9.100  -13.159 1.00 55.25  ? 116 PHE A CG  1 
ATOM   803 C CD1 . PHE A 1 122 ? -6.873  -9.142  -13.868 1.00 57.24  ? 116 PHE A CD1 1 
ATOM   804 C CD2 . PHE A 1 122 ? -9.139  -8.420  -13.705 1.00 63.42  ? 116 PHE A CD2 1 
ATOM   805 C CE1 . PHE A 1 122 ? -6.761  -8.509  -15.103 1.00 61.80  ? 116 PHE A CE1 1 
ATOM   806 C CE2 . PHE A 1 122 ? -9.037  -7.790  -14.934 1.00 64.59  ? 116 PHE A CE2 1 
ATOM   807 C CZ  . PHE A 1 122 ? -7.849  -7.831  -15.635 1.00 60.97  ? 116 PHE A CZ  1 
ATOM   808 N N   . LEU A 1 123 ? -6.621  -12.391 -11.754 1.00 41.56  ? 117 LEU A N   1 
ATOM   809 C CA  . LEU A 1 123 ? -5.479  -13.171 -12.206 1.00 52.68  ? 117 LEU A CA  1 
ATOM   810 C C   . LEU A 1 123 ? -5.781  -14.633 -12.470 1.00 54.61  ? 117 LEU A C   1 
ATOM   811 O O   . LEU A 1 123 ? -5.528  -15.126 -13.568 1.00 57.45  ? 117 LEU A O   1 
ATOM   812 C CB  . LEU A 1 123 ? -4.358  -13.085 -11.179 1.00 54.77  ? 117 LEU A CB  1 
ATOM   813 C CG  . LEU A 1 123 ? -3.795  -11.675 -11.042 1.00 54.57  ? 117 LEU A CG  1 
ATOM   814 C CD1 . LEU A 1 123 ? -2.661  -11.647 -10.032 1.00 43.10  ? 117 LEU A CD1 1 
ATOM   815 C CD2 . LEU A 1 123 ? -3.335  -11.198 -12.415 1.00 52.15  ? 117 LEU A CD2 1 
ATOM   816 N N   . ASN A 1 124 ? -6.294  -15.318 -11.450 1.00 70.53  ? 118 ASN A N   1 
ATOM   817 C CA  . ASN A 1 124 ? -6.465  -16.764 -11.481 1.00 78.97  ? 118 ASN A CA  1 
ATOM   818 C C   . ASN A 1 124 ? -7.930  -17.180 -11.565 1.00 97.15  ? 118 ASN A C   1 
ATOM   819 O O   . ASN A 1 124 ? -8.711  -16.587 -12.308 1.00 104.72 ? 118 ASN A O   1 
ATOM   820 C CB  . ASN A 1 124 ? -5.806  -17.396 -10.251 1.00 72.76  ? 118 ASN A CB  1 
HETATM 821 O O   . HOH B 2 .   ? -3.021  -7.329  -21.118 1.00 44.31  ? 201 HOH A O   1 
HETATM 822 O O   . HOH B 2 .   ? -10.820 2.561   5.402   1.00 43.20  ? 202 HOH A O   1 
HETATM 823 O O   . HOH B 2 .   ? 0.540   10.640  -3.543  1.00 44.24  ? 203 HOH A O   1 
HETATM 824 O O   . HOH B 2 .   ? -2.403  11.524  2.168   1.00 45.85  ? 204 HOH A O   1 
HETATM 825 O O   . HOH B 2 .   ? -10.937 -5.843  10.484  1.00 56.12  ? 205 HOH A O   1 
HETATM 826 O O   . HOH B 2 .   ? 4.655   -9.680  9.381   1.00 66.60  ? 206 HOH A O   1 
HETATM 827 O O   . HOH B 2 .   ? -6.974  -0.959  2.719   1.00 34.79  ? 207 HOH A O   1 
HETATM 828 O O   . HOH B 2 .   ? 0.869   0.196   -12.027 1.00 49.76  ? 208 HOH A O   1 
HETATM 829 O O   . HOH B 2 .   ? -0.621  12.111  4.213   1.00 49.30  ? 209 HOH A O   1 
HETATM 830 O O   . HOH B 2 .   ? -7.678  -1.619  0.243   1.00 37.50  ? 210 HOH A O   1 
HETATM 831 O O   . HOH B 2 .   ? -12.590 -3.815  -3.374  1.00 51.71  ? 211 HOH A O   1 
HETATM 832 O O   . HOH B 2 .   ? -13.925 -7.385  3.131   1.00 60.38  ? 212 HOH A O   1 
HETATM 833 O O   . HOH B 2 .   ? -7.584  9.566   5.208   1.00 48.18  ? 213 HOH A O   1 
HETATM 834 O O   . HOH B 2 .   ? -9.256  3.864   -4.104  1.00 50.69  ? 214 HOH A O   1 
HETATM 835 O O   . HOH B 2 .   ? 1.076   -5.278  13.684  1.00 64.77  ? 215 HOH A O   1 
HETATM 836 O O   . HOH B 2 .   ? -11.520 -2.404  -1.340  1.00 50.54  ? 216 HOH A O   1 
HETATM 837 O O   . HOH B 2 .   ? 7.055   -16.660 -23.877 1.00 67.45  ? 217 HOH A O   1 
# 
loop_
_atom_site_anisotrop.id 
_atom_site_anisotrop.type_symbol 
_atom_site_anisotrop.pdbx_label_atom_id 
_atom_site_anisotrop.pdbx_label_alt_id 
_atom_site_anisotrop.pdbx_label_comp_id 
_atom_site_anisotrop.pdbx_label_asym_id 
_atom_site_anisotrop.pdbx_label_seq_id 
_atom_site_anisotrop.pdbx_PDB_ins_code 
_atom_site_anisotrop.U[1][1] 
_atom_site_anisotrop.U[2][2] 
_atom_site_anisotrop.U[3][3] 
_atom_site_anisotrop.U[1][2] 
_atom_site_anisotrop.U[1][3] 
_atom_site_anisotrop.U[2][3] 
_atom_site_anisotrop.pdbx_auth_seq_id 
_atom_site_anisotrop.pdbx_auth_comp_id 
_atom_site_anisotrop.pdbx_auth_asym_id 
_atom_site_anisotrop.pdbx_auth_atom_id 
1   N N   . LEU A 15  ? 1.1225 0.9928 0.9629 -0.0042 0.1740  -0.1945 9   LEU A N   
2   C CA  . LEU A 15  ? 1.1419 1.0706 1.0047 0.0004  0.1676  -0.1780 9   LEU A CA  
3   C C   . LEU A 15  ? 1.1413 1.1006 1.0016 -0.0253 0.1561  -0.1625 9   LEU A C   
4   O O   . LEU A 15  ? 1.1437 1.1083 1.0186 -0.0277 0.1446  -0.1407 9   LEU A O   
5   C CB  . LEU A 15  ? 1.1369 1.1012 1.0004 0.0101  0.1810  -0.1954 9   LEU A CB  
6   N N   . LEU A 16  ? 1.1333 1.1116 0.9710 -0.0407 0.1582  -0.1748 10  LEU A N   
7   C CA  . LEU A 16  ? 0.9704 0.9740 0.7954 -0.0578 0.1448  -0.1626 10  LEU A CA  
8   C C   . LEU A 16  ? 1.0526 1.0365 0.8858 -0.0680 0.1322  -0.1609 10  LEU A C   
9   O O   . LEU A 16  ? 1.1263 1.1285 0.9621 -0.0741 0.1175  -0.1447 10  LEU A O   
10  C CB  . LEU A 16  ? 0.9170 0.9417 0.7084 -0.0668 0.1475  -0.1814 10  LEU A CB  
11  N N   . GLY A 17  ? 0.8521 0.7947 0.6871 -0.0696 0.1407  -0.1786 11  GLY A N   
12  C CA  . GLY A 17  ? 0.7164 0.6354 0.5590 -0.0843 0.1367  -0.1811 11  GLY A CA  
13  C C   . GLY A 17  ? 0.8047 0.7212 0.6665 -0.0782 0.1275  -0.1531 11  GLY A C   
14  O O   . GLY A 17  ? 0.8008 0.7323 0.6715 -0.0919 0.1171  -0.1495 11  GLY A O   
15  N N   . PHE A 18  ? 0.8484 0.7519 0.7187 -0.0563 0.1305  -0.1367 12  PHE A N   
16  C CA  . PHE A 18  ? 0.7051 0.6095 0.5924 -0.0491 0.1210  -0.1123 12  PHE A CA  
17  C C   . PHE A 18  ? 0.7647 0.7149 0.6592 -0.0569 0.1067  -0.0974 12  PHE A C   
18  O O   . PHE A 18  ? 0.8441 0.7993 0.7473 -0.0626 0.0963  -0.0860 12  PHE A O   
19  C CB  . PHE A 18  ? 0.7877 0.6841 0.6844 -0.0221 0.1238  -0.1034 12  PHE A CB  
20  N N   . TYR A 19  ? 0.7487 0.7273 0.6346 -0.0557 0.1085  -0.0976 13  TYR A N   
21  C CA  . TYR A 19  ? 0.6604 0.6676 0.5390 -0.0600 0.0993  -0.0810 13  TYR A CA  
22  C C   . TYR A 19  ? 0.6189 0.6378 0.4887 -0.0689 0.0839  -0.0820 13  TYR A C   
23  O O   . TYR A 19  ? 0.6199 0.6459 0.4946 -0.0662 0.0723  -0.0645 13  TYR A O   
24  C CB  . TYR A 19  ? 0.5997 0.6257 0.4560 -0.0610 0.1094  -0.0851 13  TYR A CB  
25  C CG  . TYR A 19  ? 0.6680 0.7089 0.4962 -0.0646 0.1022  -0.0690 13  TYR A CG  
26  C CD1 . TYR A 19  ? 0.5754 0.6128 0.4059 -0.0637 0.1028  -0.0451 13  TYR A CD1 
27  C CD2 . TYR A 19  ? 0.7468 0.8011 0.5408 -0.0668 0.0952  -0.0790 13  TYR A CD2 
28  C CE1 . TYR A 19  ? 0.5700 0.6053 0.3631 -0.0632 0.0986  -0.0276 13  TYR A CE1 
29  C CE2 . TYR A 19  ? 0.7314 0.7925 0.4881 -0.0622 0.0874  -0.0620 13  TYR A CE2 
30  C CZ  . TYR A 19  ? 0.6161 0.6617 0.3692 -0.0595 0.0902  -0.0344 13  TYR A CZ  
31  O OH  . TYR A 19  ? 0.6832 0.7210 0.3882 -0.0513 0.0843  -0.0152 13  TYR A OH  
32  N N   . LYS A 20  ? 0.6128 0.6375 0.4719 -0.0784 0.0838  -0.1062 14  LYS A N   
33  C CA  . LYS A 20  ? 0.7109 0.7621 0.5686 -0.0863 0.0678  -0.1157 14  LYS A CA  
34  C C   . LYS A 20  ? 0.7027 0.7472 0.5884 -0.0910 0.0630  -0.1114 14  LYS A C   
35  O O   . LYS A 20  ? 0.6210 0.6899 0.5115 -0.0861 0.0473  -0.1015 14  LYS A O   
36  C CB  . LYS A 20  ? 0.6897 0.7542 0.5369 -0.0999 0.0700  -0.1507 14  LYS A CB  
37  C CG  . LYS A 20  ? 0.7978 0.8869 0.6089 -0.0935 0.0666  -0.1563 14  LYS A CG  
38  C CD  . LYS A 20  ? 0.8876 0.9614 0.6882 -0.1009 0.0838  -0.1829 14  LYS A CD  
39  C CE  . LYS A 20  ? 1.0381 1.1387 0.8313 -0.1163 0.0770  -0.2217 14  LYS A CE  
40  N NZ  . LYS A 20  ? 1.0925 1.1793 0.8657 -0.1207 0.0931  -0.2480 14  LYS A NZ  
41  N N   . GLN A 21  ? 0.7934 0.8008 0.6923 -0.0982 0.0778  -0.1181 15  GLN A N   
42  C CA  . GLN A 21  ? 0.7110 0.7065 0.6298 -0.1047 0.0783  -0.1140 15  GLN A CA  
43  C C   . GLN A 21  ? 0.6301 0.6275 0.5573 -0.0882 0.0689  -0.0843 15  GLN A C   
44  O O   . GLN A 21  ? 0.7057 0.7176 0.6468 -0.0895 0.0602  -0.0789 15  GLN A O   
45  C CB  . GLN A 21  ? 0.7970 0.7361 0.7132 -0.1118 0.1000  -0.1221 15  GLN A CB  
46  N N   . TYR A 22  ? 0.6398 0.6268 0.5608 -0.0739 0.0714  -0.0688 16  TYR A N   
47  C CA  . TYR A 22  ? 0.4956 0.4830 0.4263 -0.0620 0.0648  -0.0456 16  TYR A CA  
48  C C   . TYR A 22  ? 0.6718 0.6858 0.5964 -0.0596 0.0501  -0.0344 16  TYR A C   
49  O O   . TYR A 22  ? 0.6667 0.6830 0.6023 -0.0552 0.0415  -0.0238 16  TYR A O   
50  C CB  . TYR A 22  ? 0.6338 0.6147 0.5651 -0.0515 0.0728  -0.0389 16  TYR A CB  
51  C CG  . TYR A 22  ? 0.6749 0.6578 0.6214 -0.0434 0.0679  -0.0219 16  TYR A CG  
52  C CD1 . TYR A 22  ? 0.8573 0.8529 0.7995 -0.0458 0.0625  -0.0086 16  TYR A CD1 
53  C CD2 . TYR A 22  ? 0.7986 0.7666 0.7583 -0.0321 0.0691  -0.0203 16  TYR A CD2 
54  C CE1 . TYR A 22  ? 1.0369 1.0309 0.9934 -0.0424 0.0603  0.0026  16  TYR A CE1 
55  C CE2 . TYR A 22  ? 0.9194 0.8953 0.8943 -0.0258 0.0632  -0.0101 16  TYR A CE2 
56  C CZ  . TYR A 22  ? 1.0825 1.0720 1.0587 -0.0337 0.0599  -0.0004 16  TYR A CZ  
57  O OH  . TYR A 22  ? 1.1897 1.1838 1.1817 -0.0315 0.0562  0.0056  16  TYR A OH  
58  N N   . LYS A 23  ? 0.6042 0.6336 0.5056 -0.0592 0.0480  -0.0366 17  LYS A N   
59  C CA  . LYS A 23  ? 0.5007 0.5461 0.3814 -0.0504 0.0340  -0.0248 17  LYS A CA  
60  C C   . LYS A 23  ? 0.4288 0.4996 0.3230 -0.0493 0.0185  -0.0358 17  LYS A C   
61  O O   . LYS A 23  ? 0.4404 0.5177 0.3334 -0.0368 0.0057  -0.0236 17  LYS A O   
62  C CB  . LYS A 23  ? 0.4303 0.4870 0.2736 -0.0486 0.0345  -0.0297 17  LYS A CB  
63  N N   . ALA A 24  ? 0.5131 0.5984 0.4207 -0.0634 0.0217  -0.0620 18  ALA A N   
64  C CA  . ALA A 24  ? 0.5679 0.6896 0.4956 -0.0688 0.0107  -0.0813 18  ALA A CA  
65  C C   . ALA A 24  ? 0.5750 0.6872 0.5296 -0.0691 0.0126  -0.0722 18  ALA A C   
66  O O   . ALA A 24  ? 0.5435 0.6869 0.5098 -0.0601 -0.0016 -0.0738 18  ALA A O   
67  C CB  . ALA A 24  ? 0.6379 0.7704 0.5756 -0.0920 0.0208  -0.1154 18  ALA A CB  
68  N N   . LEU A 25  ? 0.5682 0.6386 0.5297 -0.0758 0.0294  -0.0639 19  LEU A N   
69  C CA  . LEU A 25  ? 0.5076 0.5658 0.4872 -0.0751 0.0326  -0.0552 19  LEU A CA  
70  C C   . LEU A 25  ? 0.4734 0.5357 0.4504 -0.0551 0.0184  -0.0330 19  LEU A C   
71  O O   . LEU A 25  ? 0.5444 0.6247 0.5355 -0.0495 0.0105  -0.0328 19  LEU A O   
72  C CB  . LEU A 25  ? 0.5463 0.5556 0.5222 -0.0782 0.0505  -0.0484 19  LEU A CB  
73  C CG  . LEU A 25  ? 0.6158 0.6086 0.6012 -0.0759 0.0549  -0.0391 19  LEU A CG  
74  C CD1 . LEU A 25  ? 0.4945 0.4945 0.4915 -0.0969 0.0669  -0.0587 19  LEU A CD1 
75  C CD2 . LEU A 25  ? 0.6020 0.5498 0.5746 -0.0652 0.0644  -0.0261 19  LEU A CD2 
76  N N   . SER A 26  ? 0.4777 0.5223 0.4363 -0.0461 0.0180  -0.0167 20  SER A N   
77  C CA  . SER A 26  ? 0.5362 0.5714 0.4859 -0.0315 0.0100  0.0038  20  SER A CA  
78  C C   . SER A 26  ? 0.5941 0.6534 0.5328 -0.0161 -0.0079 0.0047  20  SER A C   
79  O O   . SER A 26  ? 0.5281 0.5848 0.4724 -0.0038 -0.0157 0.0131  20  SER A O   
80  C CB  . SER A 26  ? 0.6163 0.6315 0.5459 -0.0319 0.0184  0.0151  20  SER A CB  
81  O OG  . SER A 26  ? 0.6858 0.6811 0.6063 -0.0244 0.0173  0.0332  20  SER A OG  
82  N N   . GLU A 27  ? 0.5003 0.5853 0.4216 -0.0133 -0.0159 -0.0061 21  GLU A N   
83  C CA  . GLU A 27  ? 0.5228 0.6371 0.4297 0.0092  -0.0370 -0.0076 21  GLU A CA  
84  C C   . GLU A 27  ? 0.5060 0.6615 0.4516 0.0099  -0.0454 -0.0266 21  GLU A C   
85  O O   . GLU A 27  ? 0.5216 0.6864 0.4673 0.0323  -0.0589 -0.0207 21  GLU A O   
86  C CB  . GLU A 27  ? 0.5531 0.6958 0.4329 0.0136  -0.0461 -0.0207 21  GLU A CB  
87  N N   . TYR A 28  ? 0.4231 0.5987 0.3994 -0.0156 -0.0341 -0.0502 22  TYR A N   
88  C CA  . TYR A 28  ? 0.4994 0.7174 0.5143 -0.0238 -0.0346 -0.0732 22  TYR A CA  
89  C C   . TYR A 28  ? 0.4930 0.6908 0.5209 -0.0158 -0.0312 -0.0581 22  TYR A C   
90  O O   . TYR A 28  ? 0.4615 0.6963 0.5073 -0.0013 -0.0426 -0.0666 22  TYR A O   
91  C CB  . TYR A 28  ? 0.5568 0.7741 0.5919 -0.0589 -0.0130 -0.0964 22  TYR A CB  
92  C CG  . TYR A 28  ? 0.5421 0.7950 0.6158 -0.0773 -0.0034 -0.1216 22  TYR A CG  
93  C CD1 . TYR A 28  ? 0.6082 0.9385 0.7096 -0.0798 -0.0157 -0.1558 22  TYR A CD1 
94  C CD2 . TYR A 28  ? 0.5015 0.7141 0.5824 -0.0927 0.0192  -0.1138 22  TYR A CD2 
95  C CE1 . TYR A 28  ? 0.6024 0.9719 0.7443 -0.1022 -0.0020 -0.1834 22  TYR A CE1 
96  C CE2 . TYR A 28  ? 0.4521 0.6928 0.5635 -0.1137 0.0342  -0.1365 22  TYR A CE2 
97  C CZ  . TYR A 28  ? 0.6117 0.9321 0.7567 -0.1210 0.0254  -0.1723 22  TYR A CZ  
98  O OH  . TYR A 28  ? 0.6268 0.9815 0.8071 -0.1465 0.0446  -0.1990 22  TYR A OH  
99  N N   . ILE A 29  ? 0.4111 0.5553 0.4309 -0.0233 -0.0162 -0.0387 23  ILE A N   
100 C CA  . ILE A 29  ? 0.4616 0.5864 0.4915 -0.0180 -0.0120 -0.0277 23  ILE A CA  
101 C C   . ILE A 29  ? 0.4967 0.6147 0.5128 0.0099  -0.0283 -0.0113 23  ILE A C   
102 O O   . ILE A 29  ? 0.4905 0.6215 0.5205 0.0220  -0.0333 -0.0137 23  ILE A O   
103 C CB  . ILE A 29  ? 0.5171 0.5921 0.5386 -0.0279 0.0040  -0.0139 23  ILE A CB  
104 C CG1 . ILE A 29  ? 0.4018 0.4685 0.4285 -0.0510 0.0227  -0.0283 23  ILE A CG1 
105 C CG2 . ILE A 29  ? 0.4827 0.5390 0.5085 -0.0184 0.0045  -0.0024 23  ILE A CG2 
106 C CD1 . ILE A 29  ? 0.3632 0.4532 0.4115 -0.0665 0.0340  -0.0476 23  ILE A CD1 
107 N N   . ASP A 30  ? 0.5087 0.6016 0.4936 0.0197  -0.0336 0.0047  24  ASP A N   
108 C CA  . ASP A 30  ? 0.5623 0.6331 0.5214 0.0459  -0.0453 0.0221  24  ASP A CA  
109 C C   . ASP A 30  ? 0.6581 0.7713 0.6188 0.0735  -0.0659 0.0110  24  ASP A C   
110 O O   . ASP A 30  ? 0.6722 0.7783 0.6346 0.0940  -0.0728 0.0155  24  ASP A O   
111 C CB  . ASP A 30  ? 0.6160 0.6517 0.5338 0.0479  -0.0424 0.0393  24  ASP A CB  
112 C CG  . ASP A 30  ? 0.8101 0.8041 0.6890 0.0731  -0.0487 0.0602  24  ASP A CG  
113 O OD1 . ASP A 30  ? 0.8628 0.8219 0.7461 0.0727  -0.0422 0.0693  24  ASP A OD1 
114 O OD2 . ASP A 30  ? 0.8835 0.8754 0.7225 0.0942  -0.0597 0.0669  24  ASP A OD2 
115 N N   . LYS A 31  ? 0.5667 0.7284 0.5278 0.0761  -0.0768 -0.0066 25  LYS A N   
116 C CA  . LYS A 31  ? 0.5549 0.7729 0.5212 0.1062  -0.1001 -0.0233 25  LYS A CA  
117 C C   . LYS A 31  ? 0.5747 0.8396 0.5919 0.1018  -0.0984 -0.0457 25  LYS A C   
118 O O   . LYS A 31  ? 0.5796 0.8692 0.6016 0.1336  -0.1142 -0.0504 25  LYS A O   
119 C CB  . LYS A 31  ? 0.5643 0.8374 0.5272 0.1056  -0.1124 -0.0458 25  LYS A CB  
120 N N   . LYS A 32  ? 0.5742 0.8465 0.6251 0.0642  -0.0772 -0.0592 26  LYS A N   
121 C CA  . LYS A 32  ? 0.5388 0.8552 0.6346 0.0542  -0.0694 -0.0821 26  LYS A CA  
122 C C   . LYS A 32  ? 0.5629 0.8376 0.6590 0.0601  -0.0601 -0.0649 26  LYS A C   
123 O O   . LYS A 32  ? 0.4798 0.7899 0.5998 0.0739  -0.0638 -0.0782 26  LYS A O   
124 C CB  . LYS A 32  ? 0.5567 0.8916 0.6793 0.0103  -0.0464 -0.1048 26  LYS A CB  
125 C CG  . LYS A 32  ? 0.5345 0.9128 0.7000 -0.0077 -0.0309 -0.1306 26  LYS A CG  
126 C CD  . LYS A 32  ? 0.5511 0.9372 0.7345 -0.0535 -0.0043 -0.1540 26  LYS A CD  
127 C CE  . LYS A 32  ? 0.5530 0.9970 0.7813 -0.0751 0.0134  -0.1872 26  LYS A CE  
128 N NZ  . LYS A 32  ? 0.6020 1.0233 0.8358 -0.1248 0.0494  -0.2032 26  LYS A NZ  
129 N N   . TYR A 33  ? 0.4858 0.6917 0.5572 0.0507  -0.0488 -0.0393 27  TYR A N   
130 C CA  . TYR A 33  ? 0.4129 0.5828 0.4853 0.0515  -0.0393 -0.0279 27  TYR A CA  
131 C C   . TYR A 33  ? 0.4872 0.6025 0.5292 0.0732  -0.0474 -0.0038 27  TYR A C   
132 O O   . TYR A 33  ? 0.5842 0.6748 0.6275 0.0775  -0.0431 0.0012  27  TYR A O   
133 C CB  . TYR A 33  ? 0.4191 0.5596 0.4928 0.0213  -0.0171 -0.0250 27  TYR A CB  
134 C CG  . TYR A 33  ? 0.4726 0.6481 0.5700 -0.0045 -0.0005 -0.0479 27  TYR A CG  
135 C CD1 . TYR A 33  ? 0.4921 0.6908 0.6101 -0.0103 0.0115  -0.0617 27  TYR A CD1 
136 C CD2 . TYR A 33  ? 0.3683 0.5495 0.4651 -0.0256 0.0067  -0.0576 27  TYR A CD2 
137 C CE1 . TYR A 33  ? 0.4861 0.7106 0.6232 -0.0400 0.0332  -0.0839 27  TYR A CE1 
138 C CE2 . TYR A 33  ? 0.4395 0.6430 0.5553 -0.0545 0.0267  -0.0808 27  TYR A CE2 
139 C CZ  . TYR A 33  ? 0.4506 0.6748 0.5863 -0.0632 0.0413  -0.0936 27  TYR A CZ  
140 O OH  . TYR A 33  ? 0.5259 0.7666 0.6781 -0.0978 0.0676  -0.1178 27  TYR A OH  
141 N N   . LYS A 34  ? 0.4285 0.5224 0.4401 0.0844  -0.0567 0.0096  28  LYS A N   
142 C CA  . LYS A 34  ? 0.4427 0.4726 0.4206 0.0939  -0.0558 0.0327  28  LYS A CA  
143 C C   . LYS A 34  ? 0.5142 0.5115 0.4991 0.0680  -0.0389 0.0386  28  LYS A C   
144 O O   . LYS A 34  ? 0.5413 0.4998 0.5183 0.0702  -0.0351 0.0465  28  LYS A O   
145 C CB  . LYS A 34  ? 0.5167 0.5292 0.4840 0.1254  -0.0659 0.0361  28  LYS A CB  
146 N N   . LEU A 35  ? 0.4564 0.4706 0.4552 0.0454  -0.0296 0.0319  29  LEU A N   
147 C CA  . LEU A 35  ? 0.5168 0.5079 0.5200 0.0278  -0.0171 0.0353  29  LEU A CA  
148 C C   . LEU A 35  ? 0.5708 0.5521 0.5616 0.0156  -0.0112 0.0406  29  LEU A C   
149 O O   . LEU A 35  ? 0.5110 0.5113 0.4960 0.0138  -0.0135 0.0365  29  LEU A O   
150 C CB  . LEU A 35  ? 0.4997 0.5092 0.5215 0.0170  -0.0085 0.0238  29  LEU A CB  
151 C CG  . LEU A 35  ? 0.5290 0.5508 0.5634 0.0251  -0.0089 0.0163  29  LEU A CG  
152 C CD1 . LEU A 35  ? 0.4613 0.4928 0.5033 0.0107  0.0056  0.0071  29  LEU A CD1 
153 C CD2 . LEU A 35  ? 0.5150 0.5077 0.5435 0.0333  -0.0111 0.0228  29  LEU A CD2 
154 N N   . SER A 36  ? 0.5899 0.5478 0.5791 0.0071  -0.0033 0.0457  30  SER A N   
155 C CA  . SER A 36  ? 0.5500 0.5044 0.5328 -0.0048 0.0051  0.0472  30  SER A CA  
156 C C   . SER A 36  ? 0.5425 0.5078 0.5403 -0.0110 0.0109  0.0381  30  SER A C   
157 O O   . SER A 36  ? 0.4017 0.3689 0.4087 -0.0072 0.0099  0.0339  30  SER A O   
158 C CB  . SER A 36  ? 0.6302 0.5605 0.6078 -0.0118 0.0128  0.0529  30  SER A CB  
159 O OG  . SER A 36  ? 0.5411 0.4766 0.5406 -0.0155 0.0146  0.0440  30  SER A OG  
160 N N   . LEU A 37  ? 0.4482 0.4160 0.4430 -0.0182 0.0181  0.0353  31  LEU A N   
161 C CA  . LEU A 37  ? 0.5165 0.4851 0.5176 -0.0178 0.0237  0.0277  31  LEU A CA  
162 C C   . LEU A 37  ? 0.4016 0.3690 0.4139 -0.0110 0.0225  0.0254  31  LEU A C   
163 O O   . LEU A 37  ? 0.4803 0.4421 0.4903 -0.0019 0.0229  0.0220  31  LEU A O   
164 C CB  . LEU A 37  ? 0.5031 0.4748 0.4974 -0.0232 0.0315  0.0224  31  LEU A CB  
165 C CG  . LEU A 37  ? 0.5348 0.5132 0.5182 -0.0298 0.0314  0.0179  31  LEU A CG  
166 C CD1 . LEU A 37  ? 0.6946 0.6714 0.6704 -0.0346 0.0405  0.0086  31  LEU A CD1 
167 C CD2 . LEU A 37  ? 0.5858 0.5658 0.5742 -0.0320 0.0304  0.0120  31  LEU A CD2 
168 N N   . ASN A 38  ? 0.4226 0.3932 0.4432 -0.0154 0.0218  0.0258  32  ASN A N   
169 C CA  . ASN A 38  ? 0.4878 0.4666 0.5236 -0.0103 0.0179  0.0177  32  ASN A CA  
170 C C   . ASN A 38  ? 0.4821 0.4525 0.5133 0.0000  0.0104  0.0194  32  ASN A C   
171 O O   . ASN A 38  ? 0.4562 0.4309 0.4867 0.0124  0.0063  0.0137  32  ASN A O   
172 C CB  . ASN A 38  ? 0.4403 0.4204 0.4872 -0.0242 0.0226  0.0138  32  ASN A CB  
173 C CG  . ASN A 38  ? 0.5088 0.5050 0.5645 -0.0364 0.0345  0.0070  32  ASN A CG  
174 O OD1 . ASN A 38  ? 0.4557 0.4698 0.5157 -0.0292 0.0357  0.0008  32  ASN A OD1 
175 N ND2 . ASN A 38  ? 0.5340 0.5197 0.5896 -0.0554 0.0463  0.0073  32  ASN A ND2 
176 N N   . ASP A 39  ? 0.4154 0.3752 0.4404 -0.0019 0.0084  0.0265  33  ASP A N   
177 C CA  . ASP A 39  ? 0.4009 0.3575 0.4234 0.0069  0.0039  0.0259  33  ASP A CA  
178 C C   . ASP A 39  ? 0.4052 0.3602 0.4176 0.0119  0.0085  0.0254  33  ASP A C   
179 O O   . ASP A 39  ? 0.4464 0.3967 0.4511 0.0214  0.0078  0.0231  33  ASP A O   
180 C CB  . ASP A 39  ? 0.4182 0.3715 0.4375 0.0082  0.0010  0.0311  33  ASP A CB  
181 C CG  . ASP A 39  ? 0.5683 0.5040 0.5847 0.0071  -0.0011 0.0347  33  ASP A CG  
182 O OD1 . ASP A 39  ? 0.6236 0.5526 0.6468 0.0005  0.0014  0.0292  33  ASP A OD1 
183 O OD2 . ASP A 39  ? 0.6061 0.5330 0.6112 0.0136  -0.0043 0.0416  33  ASP A OD2 
184 N N   . LEU A 40  ? 0.3740 0.3277 0.3810 0.0050  0.0154  0.0269  34  LEU A N   
185 C CA  . LEU A 40  ? 0.3958 0.3348 0.3877 0.0051  0.0257  0.0258  34  LEU A CA  
186 C C   . LEU A 40  ? 0.4684 0.3911 0.4451 0.0200  0.0263  0.0263  34  LEU A C   
187 O O   . LEU A 40  ? 0.4759 0.3755 0.4293 0.0285  0.0331  0.0290  34  LEU A O   
188 C CB  . LEU A 40  ? 0.4664 0.4051 0.4564 -0.0076 0.0338  0.0224  34  LEU A CB  
189 C CG  . LEU A 40  ? 0.5559 0.5105 0.5532 -0.0209 0.0380  0.0154  34  LEU A CG  
190 C CD1 . LEU A 40  ? 0.4735 0.4264 0.4667 -0.0347 0.0469  0.0068  34  LEU A CD1 
191 C CD2 . LEU A 40  ? 0.5753 0.5210 0.5670 -0.0235 0.0487  0.0131  34  LEU A CD2 
192 N N   . ALA A 41  ? 0.4599 0.3956 0.4473 0.0248  0.0202  0.0229  35  ALA A N   
193 C CA  . ALA A 41  ? 0.5193 0.4495 0.4948 0.0451  0.0177  0.0194  35  ALA A CA  
194 C C   . ALA A 41  ? 0.4095 0.3472 0.3813 0.0609  0.0071  0.0163  35  ALA A C   
195 O O   . ALA A 41  ? 0.4816 0.4005 0.4244 0.0829  0.0061  0.0183  35  ALA A O   
196 C CB  . ALA A 41  ? 0.4926 0.4484 0.4887 0.0450  0.0148  0.0107  35  ALA A CB  
197 N N   . VAL A 42  ? 0.3988 0.3594 0.3945 0.0510  -0.0003 0.0108  36  VAL A N   
198 C CA  . VAL A 42  ? 0.3853 0.3543 0.3791 0.0619  -0.0101 0.0042  36  VAL A CA  
199 C C   . VAL A 42  ? 0.4736 0.4149 0.4361 0.0689  -0.0036 0.0136  36  VAL A C   
200 O O   . VAL A 42  ? 0.4934 0.4273 0.4301 0.0892  -0.0080 0.0124  36  VAL A O   
201 C CB  . VAL A 42  ? 0.3642 0.3485 0.3849 0.0455  -0.0139 -0.0030 36  VAL A CB  
202 C CG1 . VAL A 42  ? 0.3892 0.3763 0.4047 0.0545  -0.0218 -0.0110 36  VAL A CG1 
203 C CG2 . VAL A 42  ? 0.3951 0.4061 0.4440 0.0355  -0.0155 -0.0159 36  VAL A CG2 
204 N N   . LEU A 43  ? 0.4385 0.3689 0.4027 0.0526  0.0071  0.0207  37  LEU A N   
205 C CA  . LEU A 43  ? 0.4677 0.3790 0.4085 0.0531  0.0183  0.0255  37  LEU A CA  
206 C C   . LEU A 43  ? 0.5350 0.4090 0.4341 0.0643  0.0305  0.0334  37  LEU A C   
207 O O   . LEU A 43  ? 0.6045 0.4577 0.4691 0.0780  0.0351  0.0371  37  LEU A O   
208 C CB  . LEU A 43  ? 0.4550 0.3746 0.4132 0.0334  0.0272  0.0256  37  LEU A CB  
209 C CG  . LEU A 43  ? 0.5646 0.4802 0.5124 0.0278  0.0415  0.0242  37  LEU A CG  
210 C CD1 . LEU A 43  ? 0.4632 0.3883 0.4102 0.0396  0.0342  0.0196  37  LEU A CD1 
211 C CD2 . LEU A 43  ? 0.4262 0.3666 0.4005 0.0103  0.0466  0.0178  37  LEU A CD2 
212 N N   . ASP A 44  ? 0.5164 0.3754 0.4117 0.0605  0.0370  0.0363  38  ASP A N   
213 C CA  . ASP A 44  ? 0.6277 0.4383 0.4762 0.0758  0.0491  0.0444  38  ASP A CA  
214 C C   . ASP A 44  ? 0.6761 0.4809 0.4946 0.1114  0.0353  0.0459  38  ASP A C   
215 O O   . ASP A 44  ? 0.6763 0.4350 0.4402 0.1292  0.0456  0.0560  38  ASP A O   
216 C CB  . ASP A 44  ? 0.7631 0.5627 0.6152 0.0733  0.0531  0.0433  38  ASP A CB  
217 C CG  . ASP A 44  ? 0.8495 0.5881 0.6466 0.0956  0.0653  0.0519  38  ASP A CG  
218 O OD1 . ASP A 44  ? 0.9057 0.5924 0.6670 0.0832  0.0900  0.0592  38  ASP A OD1 
219 O OD2 . ASP A 44  ? 0.9540 0.6953 0.7421 0.1261  0.0517  0.0501  38  ASP A OD2 
220 N N   . LEU A 45  ? 0.5715 0.4235 0.4230 0.1219  0.0130  0.0339  39  LEU A N   
221 C CA  . LEU A 45  ? 0.7398 0.6040 0.5714 0.1571  -0.0050 0.0277  39  LEU A CA  
222 C C   . LEU A 45  ? 0.7422 0.6043 0.5509 0.1648  -0.0082 0.0278  39  LEU A C   
223 O O   . LEU A 45  ? 0.7110 0.5535 0.4708 0.1977  -0.0139 0.0314  39  LEU A O   
224 C CB  . LEU A 45  ? 0.6564 0.5822 0.5385 0.1589  -0.0250 0.0076  39  LEU A CB  
225 C CG  . LEU A 45  ? 0.7107 0.6691 0.5849 0.1967  -0.0473 -0.0077 39  LEU A CG  
226 C CD1 . LEU A 45  ? 0.7748 0.6941 0.5972 0.2358  -0.0465 0.0023  39  LEU A CD1 
227 C CD2 . LEU A 45  ? 0.6508 0.6758 0.5869 0.1849  -0.0592 -0.0320 39  LEU A CD2 
228 N N   . THR A 46  ? 0.6372 0.5176 0.4755 0.1387  -0.0048 0.0239  40  THR A N   
229 C CA  . THR A 46  ? 0.5349 0.4149 0.3525 0.1458  -0.0061 0.0214  40  THR A CA  
230 C C   . THR A 46  ? 0.5933 0.4172 0.3461 0.1560  0.0147  0.0386  40  THR A C   
231 O O   . THR A 46  ? 0.7435 0.5563 0.4536 0.1781  0.0118  0.0396  40  THR A O   
232 C CB  . THR A 46  ? 0.5086 0.4090 0.3639 0.1190  -0.0023 0.0151  40  THR A CB  
233 O OG1 . THR A 46  ? 0.5382 0.4199 0.3983 0.0962  0.0184  0.0252  40  THR A OG1 
234 C CG2 . THR A 46  ? 0.3725 0.3125 0.2802 0.1075  -0.0180 0.0002  40  THR A CG2 
235 N N   . MET A 47  ? 0.6101 0.3965 0.3525 0.1380  0.0381  0.0509  41  MET A N   
236 C CA  . MET A 47  ? 0.6885 0.4111 0.3677 0.1390  0.0664  0.0667  41  MET A CA  
237 C C   . MET A 47  ? 0.8624 0.5369 0.4703 0.1813  0.0624  0.0788  41  MET A C   
238 O O   . MET A 47  ? 0.9875 0.6041 0.5259 0.1923  0.0827  0.0933  41  MET A O   
239 C CB  . MET A 47  ? 0.8719 0.5679 0.5617 0.1065  0.0925  0.0710  41  MET A CB  
240 C CG  . MET A 47  ? 1.0822 0.7093 0.7120 0.0955  0.1300  0.0836  41  MET A CG  
241 S SD  . MET A 47  ? 1.1806 0.8218 0.7997 0.0849  0.1446  0.0803  41  MET A SD  
242 C CE  . MET A 47  ? 0.7619 0.4631 0.4616 0.0388  0.1538  0.0613  41  MET A CE  
243 N N   . LYS A 48  ? 0.7454 0.4440 0.3675 0.2073  0.0371  0.0721  42  LYS A N   
244 C CA  . LYS A 48  ? 0.8041 0.4732 0.3690 0.2512  0.0287  0.0764  42  LYS A CA  
245 C C   . LYS A 48  ? 0.8312 0.5440 0.3883 0.2815  0.0018  0.0631  42  LYS A C   
246 O O   . LYS A 48  ? 0.9055 0.6057 0.4191 0.3145  -0.0042 0.0599  42  LYS A O   
247 C CB  . LYS A 48  ? 0.8147 0.5007 0.4052 0.2627  0.0165  0.0687  42  LYS A CB  
248 C CG  . LYS A 48  ? 0.9449 0.5883 0.5413 0.2338  0.0422  0.0780  42  LYS A CG  
249 C CD  . LYS A 48  ? 1.0537 0.7181 0.6766 0.2465  0.0296  0.0688  42  LYS A CD  
250 C CE  . LYS A 48  ? 1.0839 0.7091 0.7153 0.2157  0.0544  0.0742  42  LYS A CE  
251 N NZ  . LYS A 48  ? 1.1326 0.7871 0.7990 0.2258  0.0418  0.0631  42  LYS A NZ  
252 N N   . HIS A 49  ? 0.7542 0.5210 0.3571 0.2672  -0.0127 0.0505  43  HIS A N   
253 C CA  . HIS A 49  ? 0.8194 0.6340 0.4195 0.2943  -0.0407 0.0320  43  HIS A CA  
254 C C   . HIS A 49  ? 0.8587 0.6703 0.4409 0.2831  -0.0319 0.0309  43  HIS A C   
255 O O   . HIS A 49  ? 0.8727 0.6912 0.4144 0.3132  -0.0451 0.0241  43  HIS A O   
256 C CB  . HIS A 49  ? 0.7567 0.6538 0.4386 0.2846  -0.0670 0.0028  43  HIS A CB  
257 C CG  . HIS A 49  ? 0.7731 0.6912 0.4666 0.3087  -0.0819 -0.0049 43  HIS A CG  
258 N ND1 . HIS A 49  ? 0.8408 0.7847 0.5141 0.3422  -0.0985 -0.0220 43  HIS A ND1 
259 C CD2 . HIS A 49  ? 0.7812 0.7019 0.5103 0.2953  -0.0761 -0.0029 43  HIS A CD2 
260 C CE1 . HIS A 49  ? 0.8827 0.8460 0.5777 0.3503  -0.1040 -0.0299 43  HIS A CE1 
261 N NE2 . HIS A 49  ? 0.8936 0.8429 0.6221 0.3225  -0.0907 -0.0180 43  HIS A NE2 
262 N N   . CYS A 50  ? 0.8514 0.6581 0.4669 0.2410  -0.0099 0.0343  44  CYS A N   
263 C CA  . CYS A 50  ? 0.9131 0.7244 0.5186 0.2315  -0.0012 0.0293  44  CYS A CA  
264 C C   . CYS A 50  ? 1.0087 0.7773 0.5964 0.2025  0.0370  0.0452  44  CYS A C   
265 O O   . CYS A 50  ? 1.0179 0.8122 0.6422 0.1782  0.0451  0.0352  44  CYS A O   
266 C CB  . CYS A 50  ? 0.8736 0.7493 0.5497 0.2151  -0.0212 0.0025  44  CYS A CB  
267 S SG  . CYS A 50  ? 0.7994 0.7064 0.5613 0.1804  -0.0248 -0.0042 44  CYS A SG  
268 N N   . LYS A 51  ? 1.0338 0.7373 0.5647 0.2059  0.0618  0.0673  45  LYS A N   
269 C CA  . LYS A 51  ? 1.0304 0.6908 0.5354 0.1769  0.1035  0.0789  45  LYS A CA  
270 C C   . LYS A 51  ? 1.2026 0.8462 0.6478 0.1912  0.1150  0.0810  45  LYS A C   
271 O O   . LYS A 51  ? 1.3277 0.9947 0.7957 0.1671  0.1315  0.0713  45  LYS A O   
272 C CB  . LYS A 51  ? 0.9974 0.5845 0.4578 0.1730  0.1296  0.0982  45  LYS A CB  
273 N N   . ASP A 52  ? 1.3293 0.9475 0.7252 0.2281  0.1013  0.0863  46  ASP A N   
274 C CA  . ASP A 52  ? 1.4513 1.0584 0.8024 0.2426  0.1067  0.0857  46  ASP A CA  
275 C C   . ASP A 52  ? 1.5163 1.1907 0.8883 0.2616  0.0731  0.0633  46  ASP A C   
276 O O   . ASP A 52  ? 1.6004 1.3031 0.9882 0.2441  0.0820  0.0512  46  ASP A O   
277 C CB  . ASP A 52  ? 1.5410 1.0907 0.8288 0.2766  0.1074  0.0985  46  ASP A CB  
278 N N   . GLU A 53  ? 1.4002 1.1047 0.7786 0.2960  0.0355  0.0523  47  GLU A N   
279 C CA  . GLU A 53  ? 1.2044 0.9750 0.6074 0.3124  0.0017  0.0244  47  GLU A CA  
280 C C   . GLU A 53  ? 1.0165 0.8449 0.4942 0.2897  -0.0157 0.0027  47  GLU A C   
281 O O   . GLU A 53  ? 0.9120 0.7366 0.4369 0.2645  -0.0073 0.0106  47  GLU A O   
282 C CB  . GLU A 53  ? 1.1829 0.9719 0.5725 0.3554  -0.0290 0.0145  47  GLU A CB  
283 N N   . LYS A 54  ? 0.9096 0.7917 0.4216 0.2901  -0.0373 -0.0271 48  LYS A N   
284 C CA  . LYS A 54  ? 0.8600 0.7950 0.4633 0.2646  -0.0546 -0.0516 48  LYS A CA  
285 C C   . LYS A 54  ? 0.9033 0.8803 0.5275 0.2852  -0.0879 -0.0695 48  LYS A C   
286 O O   . LYS A 54  ? 0.8729 0.8590 0.4479 0.3241  -0.1064 -0.0754 48  LYS A O   
287 C CB  . LYS A 54  ? 0.7915 0.7556 0.4179 0.2544  -0.0587 -0.0782 48  LYS A CB  
288 C CG  . LYS A 54  ? 0.9298 0.9246 0.5211 0.2859  -0.0845 -0.1040 48  LYS A CG  
289 C CD  . LYS A 54  ? 0.9217 0.9396 0.5377 0.2725  -0.0857 -0.1330 48  LYS A CD  
290 C CE  . LYS A 54  ? 1.0058 1.0699 0.6193 0.2930  -0.1157 -0.1669 48  LYS A CE  
291 N NZ  . LYS A 54  ? 1.1383 1.1908 0.6905 0.3274  -0.1181 -0.1506 48  LYS A NZ  
292 N N   . VAL A 55  ? 0.8043 0.8103 0.5011 0.2606  -0.0947 -0.0794 49  VAL A N   
293 C CA  . VAL A 55  ? 0.7550 0.8116 0.4807 0.2758  -0.1231 -0.1017 49  VAL A CA  
294 C C   . VAL A 55  ? 0.7157 0.8252 0.5174 0.2462  -0.1351 -0.1374 49  VAL A C   
295 O O   . VAL A 55  ? 0.5942 0.6886 0.4363 0.2103  -0.1190 -0.1342 49  VAL A O   
296 C CB  . VAL A 55  ? 0.7596 0.8009 0.4930 0.2783  -0.1182 -0.0819 49  VAL A CB  
297 C CG1 . VAL A 55  ? 0.6085 0.6436 0.4027 0.2341  -0.1012 -0.0752 49  VAL A CG1 
298 C CG2 . VAL A 55  ? 0.9046 1.0036 0.6562 0.3055  -0.1479 -0.1065 49  VAL A CG2 
299 N N   . LEU A 56  ? 0.5904 0.7604 0.4081 0.2623  -0.1627 -0.1732 50  LEU A N   
300 C CA  . LEU A 56  ? 0.6068 0.8256 0.4953 0.2303  -0.1708 -0.2124 50  LEU A CA  
301 C C   . LEU A 56  ? 0.7037 0.9216 0.6502 0.1960  -0.1577 -0.2060 50  LEU A C   
302 O O   . LEU A 56  ? 0.6293 0.8556 0.5774 0.2086  -0.1601 -0.1939 50  LEU A O   
303 C CB  . LEU A 56  ? 0.7497 1.0396 0.6549 0.2509  -0.1965 -0.2517 50  LEU A CB  
304 C CG  . LEU A 56  ? 0.7734 1.1136 0.7522 0.2131  -0.1991 -0.2964 50  LEU A CG  
305 C CD1 . LEU A 56  ? 0.7292 1.0403 0.7046 0.1898  -0.1910 -0.3078 50  LEU A CD1 
306 C CD2 . LEU A 56  ? 0.8773 1.2857 0.8771 0.2342  -0.2140 -0.3281 50  LEU A CD2 
307 N N   . MET A 57  ? 0.5260 0.7293 0.5142 0.1555  -0.1433 -0.2140 51  MET A N   
308 C CA  . MET A 57  ? 0.5765 0.7705 0.6112 0.1212  -0.1277 -0.2067 51  MET A CA  
309 C C   . MET A 57  ? 0.5868 0.8418 0.6628 0.1185  -0.1389 -0.2315 51  MET A C   
310 O O   . MET A 57  ? 0.5315 0.7824 0.6175 0.1160  -0.1311 -0.2134 51  MET A O   
311 C CB  . MET A 57  ? 0.6975 0.8670 0.7622 0.0838  -0.1138 -0.2198 51  MET A CB  
312 C CG  . MET A 57  ? 0.7202 0.8629 0.8151 0.0518  -0.0943 -0.2049 51  MET A CG  
313 S SD  . MET A 57  ? 0.7148 0.7945 0.7767 0.0583  -0.0777 -0.1549 51  MET A SD  
314 C CE  . MET A 57  ? 0.9866 1.0160 1.0562 0.0346  -0.0629 -0.1573 51  MET A CE  
315 N N   . GLN A 58  ? 0.5617 0.8789 0.6643 0.1186  -0.1567 -0.2772 52  GLN A N   
316 C CA  . GLN A 58  ? 0.6392 1.0328 0.7910 0.1152  -0.1681 -0.3112 52  GLN A CA  
317 C C   . GLN A 58  ? 0.6132 1.0228 0.7374 0.1601  -0.1799 -0.2919 52  GLN A C   
318 O O   . GLN A 58  ? 0.6540 1.0901 0.8102 0.1543  -0.1742 -0.2945 52  GLN A O   
319 C CB  . GLN A 58  ? 0.6727 1.1192 0.8485 0.1139  -0.1749 -0.3532 52  GLN A CB  
320 N N   . SER A 59  ? 0.6929 1.0743 0.7510 0.2040  -0.1904 -0.2702 53  SER A N   
321 C CA  . SER A 59  ? 0.6741 1.0446 0.6888 0.2485  -0.1946 -0.2481 53  SER A CA  
322 C C   . SER A 59  ? 0.6232 0.9452 0.6246 0.2461  -0.1825 -0.2091 53  SER A C   
323 O O   . SER A 59  ? 0.4874 0.8093 0.4818 0.2647  -0.1803 -0.2002 53  SER A O   
324 C CB  . SER A 59  ? 0.8211 1.1582 0.7614 0.2903  -0.2010 -0.2333 53  SER A CB  
325 O OG  . SER A 59  ? 0.9293 1.2430 0.8203 0.3314  -0.2013 -0.2141 53  SER A OG  
326 N N   . PHE A 60  ? 0.4978 0.7575 0.4914 0.2151  -0.1593 -0.1819 54  PHE A N   
327 C CA  . PHE A 60  ? 0.5756 0.7807 0.5581 0.2045  -0.1373 -0.1449 54  PHE A CA  
328 C C   . PHE A 60  ? 0.5973 0.8322 0.6413 0.1725  -0.1287 -0.1565 54  PHE A C   
329 O O   . PHE A 60  ? 0.4822 0.7054 0.5248 0.1774  -0.1212 -0.1408 54  PHE A O   
330 C CB  . PHE A 60  ? 0.5078 0.6485 0.4674 0.1828  -0.1158 -0.1166 54  PHE A CB  
331 C CG  . PHE A 60  ? 0.5239 0.6187 0.4789 0.1680  -0.0946 -0.0853 54  PHE A CG  
332 C CD1 . PHE A 60  ? 0.5453 0.6008 0.4517 0.1924  -0.0882 -0.0607 54  PHE A CD1 
333 C CD2 . PHE A 60  ? 0.4586 0.5457 0.4527 0.1306  -0.0803 -0.0817 54  PHE A CD2 
334 C CE1 . PHE A 60  ? 0.4919 0.5091 0.3970 0.1753  -0.0683 -0.0376 54  PHE A CE1 
335 C CE2 . PHE A 60  ? 0.4745 0.5273 0.4638 0.1188  -0.0638 -0.0570 54  PHE A CE2 
336 C CZ  . PHE A 60  ? 0.4818 0.5035 0.4304 0.1392  -0.0580 -0.0372 54  PHE A CZ  
337 N N   . LEU A 61  ? 0.4396 0.7076 0.5331 0.1383  -0.1271 -0.1851 55  LEU A N   
338 C CA  . LEU A 61  ? 0.4667 0.7585 0.6143 0.1026  -0.1136 -0.1978 55  LEU A CA  
339 C C   . LEU A 61  ? 0.5111 0.8678 0.6828 0.1243  -0.1260 -0.2185 55  LEU A C   
340 O O   . LEU A 61  ? 0.5257 0.8823 0.7147 0.1137  -0.1127 -0.2098 55  LEU A O   
341 C CB  . LEU A 61  ? 0.5279 0.8410 0.7174 0.0639  -0.1082 -0.2304 55  LEU A CB  
342 C CG  . LEU A 61  ? 0.5115 0.7546 0.6846 0.0381  -0.0908 -0.2102 55  LEU A CG  
343 C CD1 . LEU A 61  ? 0.5612 0.8162 0.7709 0.0009  -0.0834 -0.2452 55  LEU A CD1 
344 C CD2 . LEU A 61  ? 0.5198 0.7088 0.6827 0.0225  -0.0694 -0.1730 55  LEU A CD2 
345 N N   . LYS A 62  ? 0.5265 0.9418 0.6967 0.1589  -0.1529 -0.2476 56  LYS A N   
346 C CA  . LYS A 62  ? 0.5375 1.0022 0.7184 0.1831  -0.1598 -0.2664 56  LYS A CA  
347 C C   . LYS A 62  ? 0.5751 0.9960 0.7135 0.2150  -0.1576 -0.2306 56  LYS A C   
348 O O   . LYS A 62  ? 0.6514 1.0877 0.8160 0.2075  -0.1478 -0.2315 56  LYS A O   
349 C CB  . LYS A 62  ? 0.5409 1.0401 0.6991 0.2166  -0.1782 -0.2926 56  LYS A CB  
350 N N   . THR A 63  ? 0.6277 0.9868 0.6974 0.2471  -0.1622 -0.1991 57  THR A N   
351 C CA  . THR A 63  ? 0.7271 1.0298 0.7464 0.2751  -0.1550 -0.1661 57  THR A CA  
352 C C   . THR A 63  ? 0.5775 0.8485 0.6197 0.2462  -0.1336 -0.1439 57  THR A C   
353 O O   . THR A 63  ? 0.5174 0.7826 0.5581 0.2590  -0.1281 -0.1373 57  THR A O   
354 C CB  . THR A 63  ? 0.9042 1.1353 0.8380 0.3075  -0.1551 -0.1369 57  THR A CB  
355 O OG1 . THR A 63  ? 1.0378 1.1998 0.9262 0.3202  -0.1393 -0.1035 57  THR A OG1 
356 C CG2 . THR A 63  ? 0.8945 1.0983 0.8203 0.2895  -0.1511 -0.1246 57  THR A CG2 
357 N N   . ALA A 64  ? 0.4485 0.6886 0.5037 0.2010  -0.1161 -0.1327 58  ALA A N   
358 C CA  . ALA A 64  ? 0.4688 0.6697 0.5347 0.1667  -0.0917 -0.1112 58  ALA A CA  
359 C C   . ALA A 64  ? 0.5144 0.7650 0.6335 0.1473  -0.0853 -0.1314 58  ALA A C   
360 O O   . ALA A 64  ? 0.4291 0.6577 0.5439 0.1432  -0.0719 -0.1169 58  ALA A O   
361 C CB  . ALA A 64  ? 0.4314 0.5961 0.4999 0.1295  -0.0781 -0.0986 58  ALA A CB  
362 N N   . MET A 65  ? 0.6061 0.9239 0.7754 0.1321  -0.0921 -0.1675 59  MET A N   
363 C CA  . MET A 65  ? 0.5358 0.9080 0.7590 0.1091  -0.0815 -0.1916 59  MET A CA  
364 C C   . MET A 65  ? 0.5084 0.9092 0.7284 0.1484  -0.0898 -0.1965 59  MET A C   
365 O O   . MET A 65  ? 0.5578 0.9501 0.7864 0.1364  -0.0728 -0.1887 59  MET A O   
366 C CB  . MET A 65  ? 0.4426 0.8902 0.7222 0.0867  -0.0867 -0.2373 59  MET A CB  
367 C CG  . MET A 65  ? 0.4798 0.8920 0.7707 0.0357  -0.0676 -0.2354 59  MET A CG  
368 S SD  . MET A 65  ? 0.7203 1.2068 1.0716 0.0037  -0.0701 -0.2923 59  MET A SD  
369 C CE  . MET A 65  ? 0.9850 1.5164 1.3796 -0.0264 -0.0440 -0.3153 59  MET A CE  
370 N N   . ASP A 66  ? 0.4937 0.9180 0.6907 0.1970  -0.1150 -0.2075 60  ASP A N   
371 C CA  . ASP A 66  ? 0.5174 0.9390 0.6853 0.2346  -0.1209 -0.2061 60  ASP A CA  
372 C C   . ASP A 66  ? 0.6276 0.9737 0.7521 0.2505  -0.1086 -0.1679 60  ASP A C   
373 O O   . ASP A 66  ? 0.5822 0.9317 0.7146 0.2547  -0.0994 -0.1688 60  ASP A O   
374 C CB  . ASP A 66  ? 0.5996 1.0262 0.7217 0.2772  -0.1443 -0.2158 60  ASP A CB  
375 N N   . GLU A 67  ? 0.5599 0.8358 0.6371 0.2568  -0.1057 -0.1368 61  GLU A N   
376 C CA  . GLU A 67  ? 0.5787 0.7697 0.6025 0.2661  -0.0900 -0.1028 61  GLU A CA  
377 C C   . GLU A 67  ? 0.6162 0.7850 0.6625 0.2182  -0.0646 -0.0910 61  GLU A C   
378 O O   . GLU A 67  ? 0.6716 0.8006 0.6961 0.2238  -0.0522 -0.0782 61  GLU A O   
379 C CB  . GLU A 67  ? 0.5765 0.6914 0.5341 0.2780  -0.0881 -0.0737 61  GLU A CB  
380 N N   . LEU A 68  ? 0.4403 0.6300 0.5241 0.1737  -0.0570 -0.0962 62  LEU A N   
381 C CA  . LEU A 68  ? 0.3732 0.5336 0.4648 0.1328  -0.0351 -0.0810 62  LEU A CA  
382 C C   . LEU A 68  ? 0.4480 0.6613 0.5899 0.1059  -0.0248 -0.1018 62  LEU A C   
383 O O   . LEU A 68  ? 0.4323 0.6235 0.5751 0.0762  -0.0069 -0.0902 62  LEU A O   
384 C CB  . LEU A 68  ? 0.3972 0.5225 0.4792 0.1047  -0.0297 -0.0644 62  LEU A CB  
385 C CG  . LEU A 68  ? 0.5335 0.6018 0.5662 0.1199  -0.0309 -0.0419 62  LEU A CG  
386 C CD1 . LEU A 68  ? 0.3908 0.4382 0.4233 0.0934  -0.0260 -0.0312 62  LEU A CD1 
387 C CD2 . LEU A 68  ? 0.5147 0.5346 0.5144 0.1265  -0.0182 -0.0246 62  LEU A CD2 
388 N N   . ASP A 69  ? 0.4784 0.7642 0.6602 0.1166  -0.0354 -0.1345 63  ASP A N   
389 C CA  . ASP A 69  ? 0.4064 0.7509 0.6421 0.0841  -0.0213 -0.1607 63  ASP A CA  
390 C C   . ASP A 69  ? 0.5405 0.8514 0.7793 0.0338  -0.0016 -0.1478 63  ASP A C   
391 O O   . ASP A 69  ? 0.5269 0.8288 0.7710 0.0055  0.0204  -0.1427 63  ASP A O   
392 C CB  . ASP A 69  ? 0.4589 0.8190 0.7019 0.0914  -0.0093 -0.1653 63  ASP A CB  
393 N N   . LEU A 70  ? 0.4860 0.7727 0.7142 0.0267  -0.0093 -0.1416 64  LEU A N   
394 C CA  . LEU A 70  ? 0.5114 0.7588 0.7363 -0.0133 0.0070  -0.1297 64  LEU A CA  
395 C C   . LEU A 70  ? 0.5027 0.7875 0.7651 -0.0365 0.0077  -0.1604 64  LEU A C   
396 O O   . LEU A 70  ? 0.4245 0.7533 0.7028 -0.0154 -0.0129 -0.1837 64  LEU A O   
397 C CB  . LEU A 70  ? 0.4849 0.6670 0.6657 -0.0039 0.0007  -0.0984 64  LEU A CB  
398 C CG  . LEU A 70  ? 0.4842 0.6150 0.6310 -0.0065 0.0108  -0.0678 64  LEU A CG  
399 C CD1 . LEU A 70  ? 0.5358 0.6231 0.6495 0.0066  0.0020  -0.0469 64  LEU A CD1 
400 C CD2 . LEU A 70  ? 0.4915 0.6014 0.6387 -0.0403 0.0309  -0.0603 64  LEU A CD2 
401 N N   . SER A 71  ? 0.6013 0.8633 0.8720 -0.0791 0.0318  -0.1609 65  SER A N   
402 C CA  . SER A 71  ? 0.6628 0.9500 0.9682 -0.1097 0.0388  -0.1928 65  SER A CA  
403 C C   . SER A 71  ? 0.6508 0.9036 0.9373 -0.1024 0.0240  -0.1886 65  SER A C   
404 O O   . SER A 71  ? 0.5465 0.7451 0.7907 -0.0818 0.0153  -0.1559 65  SER A O   
405 C CB  . SER A 71  ? 0.6648 0.9202 0.9736 -0.1593 0.0752  -0.1921 65  SER A CB  
406 O OG  . SER A 71  ? 0.6631 0.8300 0.9266 -0.1697 0.0840  -0.1608 65  SER A OG  
407 N N   . ARG A 72  ? 0.4761 0.7651 0.7965 -0.1207 0.0224  -0.2256 66  ARG A N   
408 C CA  . ARG A 72  ? 0.4582 0.7222 0.7629 -0.1125 0.0079  -0.2281 66  ARG A CA  
409 C C   . ARG A 72  ? 0.5517 0.7207 0.8141 -0.1259 0.0231  -0.1938 66  ARG A C   
410 O O   . ARG A 72  ? 0.5308 0.6655 0.7602 -0.0999 0.0085  -0.1727 66  ARG A O   
411 C CB  . ARG A 72  ? 0.5082 0.8286 0.8596 -0.1362 0.0064  -0.2800 66  ARG A CB  
412 N N   . THR A 73  ? 0.7133 0.8392 0.9728 -0.1637 0.0532  -0.1881 67  THR A N   
413 C CA  . THR A 73  ? 0.7884 0.8208 1.0014 -0.1697 0.0662  -0.1555 67  THR A CA  
414 C C   . THR A 73  ? 0.7747 0.7736 0.9472 -0.1398 0.0581  -0.1128 67  THR A C   
415 O O   . THR A 73  ? 0.7153 0.6618 0.8536 -0.1245 0.0529  -0.0899 67  THR A O   
416 C CB  . THR A 73  ? 0.8732 0.8540 1.0789 -0.2145 0.1032  -0.1562 67  THR A CB  
417 O OG1 . THR A 73  ? 1.0395 1.0472 1.2550 -0.2276 0.1193  -0.1529 67  THR A OG1 
418 C CG2 . THR A 73  ? 0.7592 0.7580 0.9957 -0.2449 0.1140  -0.1961 67  THR A CG2 
419 N N   . LYS A 74  ? 0.7634 0.7961 0.9418 -0.1316 0.0572  -0.1059 68  LYS A N   
420 C CA  . LYS A 74  ? 0.6906 0.6969 0.8344 -0.1074 0.0505  -0.0717 68  LYS A CA  
421 C C   . LYS A 74  ? 0.5960 0.6097 0.7301 -0.0740 0.0259  -0.0656 68  LYS A C   
422 O O   . LYS A 74  ? 0.6813 0.6593 0.7861 -0.0595 0.0215  -0.0418 68  LYS A O   
423 C CB  . LYS A 74  ? 0.7773 0.8163 0.9290 -0.1064 0.0562  -0.0697 68  LYS A CB  
424 C CG  . LYS A 74  ? 0.8522 0.8506 0.9785 -0.1274 0.0802  -0.0513 68  LYS A CG  
425 C CD  . LYS A 74  ? 0.8462 0.8867 0.9906 -0.1365 0.0927  -0.0614 68  LYS A CD  
426 C CE  . LYS A 74  ? 0.9751 0.9708 1.0866 -0.1598 0.1202  -0.0437 68  LYS A CE  
427 N NZ  . LYS A 74  ? 0.9832 1.0229 1.1197 -0.1809 0.1417  -0.0625 68  LYS A NZ  
428 N N   . LEU A 75  ? 0.4824 0.5453 0.6398 -0.0616 0.0112  -0.0892 69  LEU A N   
429 C CA  . LEU A 75  ? 0.4836 0.5502 0.6246 -0.0307 -0.0084 -0.0845 69  LEU A CA  
430 C C   . LEU A 75  ? 0.5069 0.5360 0.6332 -0.0324 -0.0097 -0.0815 69  LEU A C   
431 O O   . LEU A 75  ? 0.4795 0.4844 0.5804 -0.0149 -0.0149 -0.0629 69  LEU A O   
432 C CB  . LEU A 75  ? 0.3429 0.4685 0.5043 -0.0134 -0.0249 -0.1121 69  LEU A CB  
433 C CG  . LEU A 75  ? 0.3460 0.5042 0.5113 0.0052  -0.0290 -0.1116 69  LEU A CG  
434 C CD1 . LEU A 75  ? 0.4259 0.6458 0.6096 0.0287  -0.0484 -0.1416 69  LEU A CD1 
435 C CD2 . LEU A 75  ? 0.4256 0.5449 0.5509 0.0278  -0.0308 -0.0810 69  LEU A CD2 
436 N N   . LEU A 76  ? 0.4738 0.4990 0.6175 -0.0552 -0.0026 -0.1028 70  LEU A N   
437 C CA  . LEU A 76  ? 0.5776 0.5610 0.7066 -0.0568 -0.0019 -0.1033 70  LEU A CA  
438 C C   . LEU A 76  ? 0.6615 0.5863 0.7587 -0.0519 0.0064  -0.0717 70  LEU A C   
439 O O   . LEU A 76  ? 0.5990 0.5018 0.6779 -0.0339 -0.0004 -0.0632 70  LEU A O   
440 C CB  . LEU A 76  ? 0.4886 0.4637 0.6387 -0.0892 0.0112  -0.1317 70  LEU A CB  
441 C CG  . LEU A 76  ? 0.5850 0.6249 0.7708 -0.0937 -0.0005 -0.1738 70  LEU A CG  
442 C CD1 . LEU A 76  ? 0.5870 0.6148 0.7969 -0.1358 0.0192  -0.2043 70  LEU A CD1 
443 C CD2 . LEU A 76  ? 0.6627 0.7119 0.8326 -0.0643 -0.0218 -0.1793 70  LEU A CD2 
444 N N   . VAL A 77  ? 0.5628 0.4669 0.6528 -0.0661 0.0208  -0.0563 71  VAL A N   
445 C CA  . VAL A 77  ? 0.5949 0.4489 0.6512 -0.0568 0.0257  -0.0279 71  VAL A CA  
446 C C   . VAL A 77  ? 0.5245 0.3997 0.5725 -0.0298 0.0108  -0.0135 71  VAL A C   
447 O O   . VAL A 77  ? 0.5700 0.4241 0.6008 -0.0129 0.0058  -0.0025 71  VAL A O   
448 C CB  . VAL A 77  ? 0.6459 0.4796 0.6894 -0.0737 0.0427  -0.0139 71  VAL A CB  
449 C CG1 . VAL A 77  ? 0.6406 0.4372 0.6462 -0.0545 0.0405  0.0147  71  VAL A CG1 
450 C CG2 . VAL A 77  ? 0.7057 0.5026 0.7489 -0.1055 0.0652  -0.0260 71  VAL A CG2 
451 N N   . SER A 78  ? 0.4694 0.3861 0.5302 -0.0261 0.0057  -0.0158 72  SER A N   
452 C CA  . SER A 78  ? 0.4822 0.4122 0.5328 -0.0068 -0.0025 -0.0040 72  SER A CA  
453 C C   . SER A 78  ? 0.4756 0.4097 0.5219 0.0093  -0.0111 -0.0096 72  SER A C   
454 O O   . SER A 78  ? 0.4677 0.3961 0.5031 0.0202  -0.0123 0.0000  72  SER A O   
455 C CB  . SER A 78  ? 0.4490 0.4094 0.5072 -0.0048 -0.0033 -0.0063 72  SER A CB  
456 O OG  . SER A 78  ? 0.5874 0.5428 0.6406 -0.0133 0.0049  0.0047  72  SER A OG  
457 N N   . ILE A 79  ? 0.4773 0.4277 0.5332 0.0107  -0.0169 -0.0282 73  ILE A N   
458 C CA  . ILE A 79  ? 0.3744 0.3293 0.4201 0.0268  -0.0241 -0.0348 73  ILE A CA  
459 C C   . ILE A 79  ? 0.3665 0.2933 0.4061 0.0292  -0.0217 -0.0331 73  ILE A C   
460 O O   . ILE A 79  ? 0.4211 0.3484 0.4498 0.0431  -0.0223 -0.0289 73  ILE A O   
461 C CB  . ILE A 79  ? 0.4487 0.4297 0.5039 0.0291  -0.0333 -0.0595 73  ILE A CB  
462 C CG1 . ILE A 79  ? 0.5089 0.5206 0.5616 0.0415  -0.0400 -0.0607 73  ILE A CG1 
463 C CG2 . ILE A 79  ? 0.4554 0.4332 0.4960 0.0430  -0.0390 -0.0686 73  ILE A CG2 
464 C CD1 . ILE A 79  ? 0.5009 0.5521 0.5665 0.0479  -0.0533 -0.0890 73  ILE A CD1 
465 N N   . ARG A 80  ? 0.4714 0.3709 0.5159 0.0160  -0.0165 -0.0374 74  ARG A N   
466 C CA  . ARG A 80  ? 0.5421 0.4045 0.5751 0.0231  -0.0143 -0.0360 74  ARG A CA  
467 C C   . ARG A 80  ? 0.5481 0.4033 0.5686 0.0381  -0.0145 -0.0157 74  ARG A C   
468 O O   . ARG A 80  ? 0.5335 0.3847 0.5482 0.0563  -0.0175 -0.0165 74  ARG A O   
469 C CB  . ARG A 80  ? 0.6218 0.4417 0.6535 0.0039  -0.0039 -0.0423 74  ARG A CB  
470 C CG  . ARG A 80  ? 0.6881 0.5169 0.7366 -0.0116 -0.0037 -0.0723 74  ARG A CG  
471 C CD  . ARG A 80  ? 0.8437 0.6359 0.8959 -0.0422 0.0135  -0.0806 74  ARG A CD  
472 N NE  . ARG A 80  ? 0.8995 0.7139 0.9771 -0.0633 0.0144  -0.1169 74  ARG A NE  
473 C CZ  . ARG A 80  ? 0.9278 0.7271 1.0197 -0.0986 0.0321  -0.1343 74  ARG A CZ  
474 N NH1 . ARG A 80  ? 0.9236 0.6769 0.9987 -0.1146 0.0520  -0.1138 74  ARG A NH1 
475 N NH2 . ARG A 80  ? 0.9330 0.7650 1.0546 -0.1190 0.0314  -0.1741 74  ARG A NH2 
476 N N   . ARG A 81  ? 0.4611 0.3215 0.4799 0.0317  -0.0117 -0.0011 75  ARG A N   
477 C CA  . ARG A 81  ? 0.5586 0.4232 0.5681 0.0456  -0.0145 0.0133  75  ARG A CA  
478 C C   . ARG A 81  ? 0.4381 0.3426 0.4571 0.0545  -0.0175 0.0093  75  ARG A C   
479 O O   . ARG A 81  ? 0.4894 0.4061 0.5094 0.0695  -0.0203 0.0085  75  ARG A O   
480 C CB  . ARG A 81  ? 0.6086 0.4718 0.6116 0.0350  -0.0106 0.0263  75  ARG A CB  
481 N N   . LEU A 82  ? 0.3887 0.3129 0.4128 0.0460  -0.0151 0.0056  76  LEU A N   
482 C CA  . LEU A 82  ? 0.4282 0.3759 0.4514 0.0507  -0.0113 0.0033  76  LEU A CA  
483 C C   . LEU A 82  ? 0.4226 0.3737 0.4446 0.0632  -0.0114 -0.0072 76  LEU A C   
484 O O   . LEU A 82  ? 0.4375 0.4089 0.4631 0.0683  -0.0061 -0.0103 76  LEU A O   
485 C CB  . LEU A 82  ? 0.4187 0.3706 0.4344 0.0457  -0.0083 0.0032  76  LEU A CB  
486 C CG  . LEU A 82  ? 0.3891 0.3423 0.4057 0.0360  -0.0055 0.0117  76  LEU A CG  
487 C CD1 . LEU A 82  ? 0.3287 0.2821 0.3358 0.0388  -0.0053 0.0099  76  LEU A CD1 
488 C CD2 . LEU A 82  ? 0.4136 0.3765 0.4301 0.0314  0.0021  0.0161  76  LEU A CD2 
489 N N   . ILE A 83  ? 0.4297 0.3647 0.4491 0.0660  -0.0160 -0.0166 77  ILE A N   
490 C CA  . ILE A 83  ? 0.4163 0.3510 0.4325 0.0788  -0.0162 -0.0293 77  ILE A CA  
491 C C   . ILE A 83  ? 0.4672 0.3967 0.4892 0.0930  -0.0178 -0.0291 77  ILE A C   
492 O O   . ILE A 83  ? 0.4596 0.4117 0.4860 0.1052  -0.0144 -0.0367 77  ILE A O   
493 C CB  . ILE A 83  ? 0.4202 0.3394 0.4332 0.0766  -0.0214 -0.0449 77  ILE A CB  
494 C CG1 . ILE A 83  ? 0.4175 0.3555 0.4224 0.0733  -0.0240 -0.0490 77  ILE A CG1 
495 C CG2 . ILE A 83  ? 0.5142 0.4292 0.5220 0.0905  -0.0214 -0.0604 77  ILE A CG2 
496 C CD1 . ILE A 83  ? 0.4144 0.3528 0.4226 0.0699  -0.0322 -0.0703 77  ILE A CD1 
497 N N   . GLU A 84  ? 0.4831 0.3834 0.5021 0.0938  -0.0218 -0.0209 78  GLU A N   
498 C CA  . GLU A 84  ? 0.5605 0.4490 0.5754 0.1161  -0.0263 -0.0189 78  GLU A CA  
499 C C   . GLU A 84  ? 0.4717 0.4083 0.4998 0.1250  -0.0282 -0.0173 78  GLU A C   
500 O O   . GLU A 84  ? 0.4864 0.4430 0.5215 0.1479  -0.0324 -0.0258 78  GLU A O   
501 C CB  . GLU A 84  ? 0.5682 0.4041 0.5637 0.1159  -0.0275 -0.0063 78  GLU A CB  
502 N N   . LYS A 85  ? 0.4359 0.3950 0.4699 0.1067  -0.0246 -0.0103 79  LYS A N   
503 C CA  . LYS A 85  ? 0.4436 0.4509 0.4936 0.1075  -0.0238 -0.0142 79  LYS A CA  
504 C C   . LYS A 85  ? 0.4536 0.4974 0.5171 0.0982  -0.0104 -0.0273 79  LYS A C   
505 O O   . LYS A 85  ? 0.3879 0.4715 0.4670 0.0888  -0.0035 -0.0343 79  LYS A O   
506 C CB  . LYS A 85  ? 0.4600 0.4691 0.5070 0.0910  -0.0237 -0.0031 79  LYS A CB  
507 C CG  . LYS A 85  ? 0.6147 0.5878 0.6420 0.0986  -0.0325 0.0110  79  LYS A CG  
508 C CD  . LYS A 85  ? 0.8778 0.8697 0.9029 0.0922  -0.0354 0.0166  79  LYS A CD  
509 C CE  . LYS A 85  ? 1.1776 1.1307 1.1728 0.1050  -0.0427 0.0320  79  LYS A CE  
510 N NZ  . LYS A 85  ? 1.3049 1.2138 1.2850 0.0843  -0.0326 0.0436  79  LYS A NZ  
511 N N   . GLU A 86  ? 0.4036 0.4317 0.4577 0.0989  -0.0048 -0.0322 80  GLU A N   
512 C CA  . GLU A 86  ? 0.3390 0.3923 0.3948 0.0932  0.0110  -0.0433 80  GLU A CA  
513 C C   . GLU A 86  ? 0.3436 0.3998 0.3911 0.0698  0.0264  -0.0371 80  GLU A C   
514 O O   . GLU A 86  ? 0.4357 0.5191 0.4898 0.0587  0.0443  -0.0462 80  GLU A O   
515 C CB  . GLU A 86  ? 0.3825 0.4826 0.4631 0.1073  0.0137  -0.0613 80  GLU A CB  
516 C CG  . GLU A 86  ? 0.5400 0.6251 0.6206 0.1368  -0.0010 -0.0669 80  GLU A CG  
517 C CD  . GLU A 86  ? 0.6244 0.7609 0.7306 0.1588  -0.0009 -0.0876 80  GLU A CD  
518 O OE1 . GLU A 86  ? 0.6087 0.8002 0.7412 0.1549  0.0015  -0.0973 80  GLU A OE1 
519 O OE2 . GLU A 86  ? 0.6436 0.7689 0.7456 0.1804  -0.0033 -0.0979 80  GLU A OE2 
520 N N   . ARG A 87  ? 0.4013 0.4267 0.4330 0.0620  0.0216  -0.0233 81  ARG A N   
521 C CA  . ARG A 87  ? 0.3602 0.3733 0.3754 0.0455  0.0346  -0.0152 81  ARG A CA  
522 C C   . ARG A 87  ? 0.4320 0.4139 0.4157 0.0512  0.0341  -0.0089 81  ARG A C   
523 O O   . ARG A 87  ? 0.4602 0.4218 0.4191 0.0457  0.0441  -0.0005 81  ARG A O   
524 C CB  . ARG A 87  ? 0.4370 0.4480 0.4610 0.0367  0.0279  -0.0073 81  ARG A CB  
525 C CG  . ARG A 87  ? 0.4262 0.4748 0.4760 0.0325  0.0277  -0.0163 81  ARG A CG  
526 C CD  . ARG A 87  ? 0.4177 0.4652 0.4707 0.0255  0.0203  -0.0100 81  ARG A CD  
527 N NE  . ARG A 87  ? 0.3619 0.4538 0.4383 0.0261  0.0161  -0.0227 81  ARG A NE  
528 C CZ  . ARG A 87  ? 0.4468 0.5730 0.5396 0.0085  0.0307  -0.0388 81  ARG A CZ  
529 N NH1 . ARG A 87  ? 0.4379 0.5439 0.5179 -0.0122 0.0541  -0.0393 81  ARG A NH1 
530 N NH2 . ARG A 87  ? 0.4653 0.6449 0.5846 0.0120  0.0226  -0.0560 81  ARG A NH2 
531 N N   . LEU A 88  ? 0.4114 0.3895 0.3940 0.0646  0.0219  -0.0150 82  LEU A N   
532 C CA  . LEU A 88  ? 0.4766 0.4384 0.4339 0.0734  0.0163  -0.0157 82  LEU A CA  
533 C C   . LEU A 88  ? 0.5071 0.4738 0.4655 0.0850  0.0100  -0.0303 82  LEU A C   
534 O O   . LEU A 88  ? 0.4219 0.3939 0.4031 0.0872  0.0052  -0.0370 82  LEU A O   
535 C CB  . LEU A 88  ? 0.4550 0.4103 0.4208 0.0715  0.0021  -0.0125 82  LEU A CB  
536 C CG  . LEU A 88  ? 0.4230 0.3772 0.3728 0.0828  -0.0093 -0.0202 82  LEU A CG  
537 C CD1 . LEU A 88  ? 0.4270 0.3682 0.3357 0.0945  -0.0023 -0.0114 82  LEU A CD1 
538 C CD2 . LEU A 88  ? 0.4543 0.4152 0.4272 0.0758  -0.0208 -0.0241 82  LEU A CD2 
539 N N   . SER A 89  ? 0.4875 0.4492 0.4166 0.0956  0.0096  -0.0362 83  SER A N   
540 C CA  . SER A 89  ? 0.5815 0.5483 0.5080 0.1064  0.0051  -0.0538 83  SER A CA  
541 C C   . SER A 89  ? 0.5464 0.5123 0.4653 0.1138  -0.0126 -0.0674 83  SER A C   
542 O O   . SER A 89  ? 0.4743 0.4413 0.3825 0.1160  -0.0206 -0.0635 83  SER A O   
543 C CB  . SER A 89  ? 0.6229 0.5929 0.5191 0.1124  0.0234  -0.0553 83  SER A CB  
544 O OG  . SER A 89  ? 0.5861 0.5698 0.5009 0.1020  0.0409  -0.0518 83  SER A OG  
545 N N   . LYS A 90  ? 0.4475 0.4143 0.3741 0.1185  -0.0189 -0.0875 84  LYS A N   
546 C CA  . LYS A 90  ? 0.5342 0.5078 0.4573 0.1221  -0.0349 -0.1085 84  LYS A CA  
547 C C   . LYS A 90  ? 0.6156 0.5924 0.5208 0.1342  -0.0353 -0.1301 84  LYS A C   
548 O O   . LYS A 90  ? 0.5873 0.5571 0.4950 0.1380  -0.0240 -0.1321 84  LYS A O   
549 C CB  . LYS A 90  ? 0.5921 0.5581 0.5514 0.1053  -0.0431 -0.1183 84  LYS A CB  
550 C CG  . LYS A 90  ? 0.7376 0.6790 0.7112 0.1022  -0.0394 -0.1309 84  LYS A CG  
551 C CD  . LYS A 90  ? 0.7401 0.6586 0.7385 0.0821  -0.0412 -0.1386 84  LYS A CD  
552 C CE  . LYS A 90  ? 0.8570 0.7319 0.8579 0.0842  -0.0341 -0.1428 84  LYS A CE  
553 N NZ  . LYS A 90  ? 0.9354 0.7696 0.9484 0.0634  -0.0289 -0.1443 84  LYS A NZ  
554 N N   . VAL A 91  ? 0.4895 0.4824 0.3774 0.1429  -0.0495 -0.1496 85  VAL A N   
555 C CA  . VAL A 91  ? 0.5690 0.5680 0.4388 0.1540  -0.0533 -0.1767 85  VAL A CA  
556 C C   . VAL A 91  ? 0.5504 0.5713 0.4333 0.1502  -0.0743 -0.2086 85  VAL A C   
557 O O   . VAL A 91  ? 0.5820 0.6258 0.4687 0.1508  -0.0871 -0.2083 85  VAL A O   
558 C CB  . VAL A 91  ? 0.6941 0.6980 0.5083 0.1752  -0.0450 -0.1684 85  VAL A CB  
559 C CG1 . VAL A 91  ? 0.6571 0.6710 0.4365 0.1895  -0.0562 -0.1580 85  VAL A CG1 
560 C CG2 . VAL A 91  ? 0.7810 0.7924 0.5738 0.1874  -0.0474 -0.1976 85  VAL A CG2 
561 N N   . ARG A 92  ? 0.5516 0.5678 0.4452 0.1452  -0.0769 -0.2397 86  ARG A N   
562 C CA  . ARG A 92  ? 0.6260 0.6669 0.5382 0.1352  -0.0943 -0.2782 86  ARG A CA  
563 C C   . ARG A 92  ? 0.6972 0.7739 0.5690 0.1595  -0.1096 -0.3021 86  ARG A C   
564 O O   . ARG A 92  ? 0.7034 0.7725 0.5304 0.1811  -0.1018 -0.2901 86  ARG A O   
565 C CB  . ARG A 92  ? 0.6732 0.6805 0.6149 0.1136  -0.0866 -0.3030 86  ARG A CB  
566 C CG  . ARG A 92  ? 0.7727 0.7376 0.7446 0.0927  -0.0726 -0.2806 86  ARG A CG  
567 C CD  . ARG A 92  ? 0.9302 0.8470 0.9184 0.0741  -0.0631 -0.3049 86  ARG A CD  
568 N NE  . ARG A 92  ? 1.0019 0.8787 1.0133 0.0503  -0.0515 -0.2888 86  ARG A NE  
569 C CZ  . ARG A 92  ? 1.0801 0.9389 1.1148 0.0179  -0.0459 -0.3135 86  ARG A CZ  
570 N NH1 . ARG A 92  ? 1.0389 0.9231 1.0840 0.0045  -0.0533 -0.3599 86  ARG A NH1 
571 N NH2 . ARG A 92  ? 1.1430 0.9588 1.1885 -0.0025 -0.0312 -0.2941 86  ARG A NH2 
572 N N   . SER A 93  ? 0.6196 0.7388 0.5084 0.1549  -0.1298 -0.3363 87  SER A N   
573 C CA  . SER A 93  ? 0.6613 0.8165 0.5262 0.1728  -0.1429 -0.3525 87  SER A CA  
574 C C   . SER A 93  ? 0.7374 0.8730 0.6083 0.1610  -0.1343 -0.3766 87  SER A C   
575 O O   . SER A 93  ? 0.8090 0.9217 0.7203 0.1317  -0.1264 -0.3952 87  SER A O   
576 C CB  . SER A 93  ? 0.6648 0.8795 0.5633 0.1687  -0.1637 -0.3769 87  SER A CB  
577 O OG  . SER A 93  ? 0.7093 0.9566 0.6037 0.1755  -0.1745 -0.4057 87  SER A OG  
578 N N   . SER A 94  ? 0.7300 0.8695 0.5569 0.1837  -0.1338 -0.3757 88  SER A N   
579 C CA  . SER A 94  ? 0.7673 0.8940 0.5968 0.1759  -0.1277 -0.4017 88  SER A CA  
580 C C   . SER A 94  ? 0.8766 1.0447 0.7360 0.1621  -0.1448 -0.4414 88  SER A C   
581 O O   . SER A 94  ? 0.8245 0.9753 0.7032 0.1424  -0.1386 -0.4694 88  SER A O   
582 C CB  . SER A 94  ? 0.8319 0.9548 0.6047 0.2031  -0.1203 -0.3899 88  SER A CB  
583 O OG  . SER A 94  ? 0.8665 0.9586 0.6163 0.2122  -0.1006 -0.3550 88  SER A OG  
584 N N   . LYS A 95  ? 0.9505 1.1725 0.8142 0.1738  -0.1649 -0.4442 89  LYS A N   
585 C CA  . LYS A 95  ? 1.0162 1.2934 0.9137 0.1642  -0.1817 -0.4840 89  LYS A CA  
586 C C   . LYS A 95  ? 0.9486 1.2312 0.9123 0.1234  -0.1767 -0.5043 89  LYS A C   
587 O O   . LYS A 95  ? 0.9841 1.2661 0.9792 0.0949  -0.1713 -0.5387 89  LYS A O   
588 C CB  . LYS A 95  ? 1.0439 1.3809 0.9185 0.2011  -0.2048 -0.4801 89  LYS A CB  
589 N N   . ASP A 96  ? 0.7714 1.0551 0.7526 0.1194  -0.1754 -0.4827 90  ASP A N   
590 C CA  . ASP A 96  ? 0.7692 1.0621 0.8107 0.0807  -0.1679 -0.4988 90  ASP A CA  
591 C C   . ASP A 96  ? 0.6997 0.9213 0.7489 0.0564  -0.1456 -0.4741 90  ASP A C   
592 O O   . ASP A 96  ? 0.6593 0.8720 0.6978 0.0685  -0.1457 -0.4435 90  ASP A O   
593 C CB  . ASP A 96  ? 0.7441 1.1076 0.8086 0.0945  -0.1845 -0.5003 90  ASP A CB  
594 N N   . GLU A 97  ? 0.8085 0.9761 0.8736 0.0239  -0.1261 -0.4878 91  GLU A N   
595 C CA  . GLU A 97  ? 0.9450 1.0327 1.0092 0.0066  -0.1035 -0.4638 91  GLU A CA  
596 C C   . GLU A 97  ? 1.0519 1.1427 1.1408 -0.0069 -0.0990 -0.4439 91  GLU A C   
597 O O   . GLU A 97  ? 1.1177 1.1539 1.1956 -0.0056 -0.0869 -0.4150 91  GLU A O   
598 C CB  . GLU A 97  ? 0.9855 1.0116 1.0606 -0.0265 -0.0826 -0.4830 91  GLU A CB  
599 N N   . ARG A 98  ? 0.9860 1.1447 1.1093 -0.0168 -0.1088 -0.4604 92  ARG A N   
600 C CA  . ARG A 98  ? 0.9082 1.0776 1.0583 -0.0314 -0.1033 -0.4456 92  ARG A CA  
601 C C   . ARG A 98  ? 0.9115 1.1207 1.0424 0.0059  -0.1228 -0.4219 92  ARG A C   
602 O O   . ARG A 98  ? 0.9881 1.2003 1.1351 -0.0018 -0.1187 -0.4061 92  ARG A O   
603 C CB  . ARG A 98  ? 0.8534 1.0726 1.0559 -0.0650 -0.0967 -0.4767 92  ARG A CB  
604 N N   . LYS A 99  ? 0.7812 1.0145 0.8720 0.0463  -0.1415 -0.4174 93  LYS A N   
605 C CA  . LYS A 99  ? 0.6003 0.8544 0.6581 0.0841  -0.1560 -0.3896 93  LYS A CA  
606 C C   . LYS A 99  ? 0.6028 0.7918 0.6198 0.0958  -0.1441 -0.3523 93  LYS A C   
607 O O   . LYS A 99  ? 0.6262 0.7801 0.6125 0.1057  -0.1368 -0.3466 93  LYS A O   
608 C CB  . LYS A 99  ? 0.5871 0.8890 0.6118 0.1244  -0.1768 -0.3956 93  LYS A CB  
609 N N   . ILE A 100 ? 0.5580 0.7318 0.5819 0.0934  -0.1350 -0.3156 94  ILE A N   
610 C CA  . ILE A 100 ? 0.5309 0.6494 0.5289 0.1004  -0.1170 -0.2683 94  ILE A CA  
611 C C   . ILE A 100 ? 0.5814 0.7092 0.5493 0.1269  -0.1211 -0.2359 94  ILE A C   
612 O O   . ILE A 100 ? 0.6815 0.8452 0.6650 0.1305  -0.1321 -0.2405 94  ILE A O   
613 C CB  . ILE A 100 ? 0.5771 0.6522 0.6084 0.0683  -0.0971 -0.2536 94  ILE A CB  
614 C CG1 . ILE A 100 ? 0.7449 0.7867 0.7899 0.0471  -0.0880 -0.2797 94  ILE A CG1 
615 C CG2 . ILE A 100 ? 0.5856 0.6214 0.5967 0.0775  -0.0829 -0.2086 94  ILE A CG2 
616 C CD1 . ILE A 100 ? 0.7668 0.7555 0.8328 0.0187  -0.0679 -0.2662 94  ILE A CD1 
617 N N   . TYR A 101 ? 0.4940 0.5896 0.4183 0.1450  -0.1105 -0.2063 95  TYR A N   
618 C CA  . TYR A 101 ? 0.5817 0.6667 0.4702 0.1653  -0.1067 -0.1727 95  TYR A CA  
619 C C   . TYR A 101 ? 0.5594 0.6040 0.4548 0.1498  -0.0840 -0.1393 95  TYR A C   
620 O O   . TYR A 101 ? 0.5053 0.5290 0.4167 0.1350  -0.0721 -0.1389 95  TYR A O   
621 C CB  . TYR A 101 ? 0.5284 0.6059 0.3513 0.1971  -0.1078 -0.1665 95  TYR A CB  
622 C CG  . TYR A 101 ? 0.5755 0.6962 0.3816 0.2191  -0.1330 -0.2011 95  TYR A CG  
623 C CD1 . TYR A 101 ? 0.6339 0.7702 0.4540 0.2101  -0.1386 -0.2353 95  TYR A CD1 
624 C CD2 . TYR A 101 ? 0.6177 0.7654 0.3928 0.2518  -0.1528 -0.2024 95  TYR A CD2 
625 C CE1 . TYR A 101 ? 0.6869 0.8696 0.4972 0.2279  -0.1623 -0.2702 95  TYR A CE1 
626 C CE2 . TYR A 101 ? 0.6272 0.8216 0.3981 0.2724  -0.1750 -0.2319 95  TYR A CE2 
627 C CZ  . TYR A 101 ? 0.7756 0.9894 0.5699 0.2570  -0.1781 -0.2636 95  TYR A CZ  
628 O OH  . TYR A 101 ? 0.7203 0.9822 0.5214 0.2732  -0.1956 -0.2901 95  TYR A OH  
629 N N   . ILE A 102 ? 0.4778 0.5125 0.3598 0.1559  -0.0790 -0.1139 96  ILE A N   
630 C CA  . ILE A 102 ? 0.5247 0.5260 0.4046 0.1442  -0.0575 -0.0847 96  ILE A CA  
631 C C   . ILE A 102 ? 0.5992 0.5757 0.4220 0.1627  -0.0450 -0.0632 96  ILE A C   
632 O O   . ILE A 102 ? 0.6132 0.5914 0.3944 0.1885  -0.0548 -0.0639 96  ILE A O   
633 C CB  . ILE A 102 ? 0.4357 0.4361 0.3512 0.1263  -0.0550 -0.0737 96  ILE A CB  
634 C CG1 . ILE A 102 ? 0.5189 0.5349 0.4249 0.1414  -0.0661 -0.0726 96  ILE A CG1 
635 C CG2 . ILE A 102 ? 0.5127 0.5217 0.4753 0.1037  -0.0589 -0.0903 96  ILE A CG2 
636 C CD1 . ILE A 102 ? 0.5554 0.5679 0.4883 0.1261  -0.0599 -0.0600 96  ILE A CD1 
637 N N   . TYR A 103 ? 0.5797 0.5325 0.3979 0.1499  -0.0222 -0.0456 97  TYR A N   
638 C CA  . TYR A 103 ? 0.6298 0.5503 0.3936 0.1584  -0.0018 -0.0261 97  TYR A CA  
639 C C   . TYR A 103 ? 0.6867 0.5957 0.4709 0.1334  0.0226  -0.0138 97  TYR A C   
640 O O   . TYR A 103 ? 0.5594 0.4888 0.3929 0.1178  0.0202  -0.0215 97  TYR A O   
641 C CB  . TYR A 103 ? 0.6769 0.5927 0.3918 0.1765  0.0021  -0.0333 97  TYR A CB  
642 C CG  . TYR A 103 ? 0.6892 0.6160 0.4240 0.1632  0.0157  -0.0442 97  TYR A CG  
643 C CD1 . TYR A 103 ? 0.7876 0.7415 0.5614 0.1612  -0.0006 -0.0683 97  TYR A CD1 
644 C CD2 . TYR A 103 ? 0.7389 0.6490 0.4534 0.1523  0.0467  -0.0333 97  TYR A CD2 
645 C CE1 . TYR A 103 ? 0.7527 0.7145 0.5427 0.1552  0.0110  -0.0795 97  TYR A CE1 
646 C CE2 . TYR A 103 ? 0.8074 0.7376 0.5445 0.1439  0.0587  -0.0473 97  TYR A CE2 
647 C CZ  . TYR A 103 ? 0.8160 0.7711 0.5897 0.1486  0.0392  -0.0695 97  TYR A CZ  
648 O OH  . TYR A 103 ? 0.8845 0.8575 0.6789 0.1463  0.0502  -0.0844 97  TYR A OH  
649 N N   . LEU A 104 ? 0.7626 0.6374 0.5064 0.1304  0.0465  0.0039  98  LEU A N   
650 C CA  . LEU A 104 ? 0.6738 0.5450 0.4375 0.1036  0.0720  0.0095  98  LEU A CA  
651 C C   . LEU A 104 ? 0.7262 0.5848 0.4536 0.0993  0.1006  0.0092  98  LEU A C   
652 O O   . LEU A 104 ? 0.7460 0.5631 0.4067 0.1117  0.1147  0.0213  98  LEU A O   
653 C CB  . LEU A 104 ? 0.6651 0.5039 0.4157 0.0945  0.0831  0.0256  98  LEU A CB  
654 C CG  . LEU A 104 ? 0.6323 0.4829 0.4187 0.0937  0.0625  0.0265  98  LEU A CG  
655 C CD1 . LEU A 104 ? 0.6745 0.4811 0.4268 0.0943  0.0753  0.0419  98  LEU A CD1 
656 C CD2 . LEU A 104 ? 0.5778 0.4640 0.4256 0.0718  0.0590  0.0181  98  LEU A CD2 
657 N N   . ASN A 105 ? 0.6658 0.5595 0.4331 0.0846  0.1100  -0.0051 99  ASN A N   
658 C CA  . ASN A 105 ? 0.7557 0.6464 0.4970 0.0750  0.1427  -0.0089 99  ASN A CA  
659 C C   . ASN A 105 ? 0.7414 0.6216 0.4883 0.0436  0.1757  -0.0038 99  ASN A C   
660 O O   . ASN A 105 ? 0.6752 0.5501 0.4444 0.0329  0.1695  0.0022  99  ASN A O   
661 C CB  . ASN A 105 ? 0.8396 0.7788 0.6203 0.0782  0.1384  -0.0317 99  ASN A CB  
662 C CG  . ASN A 105 ? 0.8539 0.8365 0.7068 0.0690  0.1254  -0.0434 99  ASN A CG  
663 O OD1 . ASN A 105 ? 0.8119 0.8036 0.6894 0.0490  0.1357  -0.0405 99  ASN A OD1 
664 N ND2 . ASN A 105 ? 0.9288 0.9350 0.8113 0.0852  0.1029  -0.0576 99  ASN A ND2 
665 N N   . ASN A 106 ? 0.7549 0.6324 0.4816 0.0262  0.2131  -0.0092 100 ASN A N   
666 C CA  . ASN A 106 ? 0.7896 0.6560 0.5205 -0.0103 0.2503  -0.0095 100 ASN A CA  
667 C C   . ASN A 106 ? 0.7587 0.6863 0.5721 -0.0293 0.2396  -0.0276 100 ASN A C   
668 O O   . ASN A 106 ? 0.8674 0.7815 0.6898 -0.0522 0.2509  -0.0253 100 ASN A O   
669 C CB  . ASN A 106 ? 0.8295 0.6920 0.5310 -0.0307 0.2967  -0.0176 100 ASN A CB  
670 C CG  . ASN A 106 ? 1.2087 0.9902 0.8237 -0.0232 0.3110  0.0073  100 ASN A CG  
671 O OD1 . ASN A 106 ? 1.2803 1.0026 0.8550 -0.0109 0.3007  0.0288  100 ASN A OD1 
672 N ND2 . ASN A 106 ? 1.3689 1.1498 0.9585 -0.0273 0.3312  0.0036  100 ASN A ND2 
673 N N   . ASP A 107 ? 0.6854 0.6769 0.5540 -0.0168 0.2173  -0.0465 101 ASP A N   
674 C CA  . ASP A 107 ? 0.6388 0.6881 0.5775 -0.0244 0.2011  -0.0624 101 ASP A CA  
675 C C   . ASP A 107 ? 0.5877 0.6112 0.5283 -0.0176 0.1737  -0.0460 101 ASP A C   
676 O O   . ASP A 107 ? 0.6449 0.6817 0.6115 -0.0366 0.1763  -0.0502 101 ASP A O   
677 C CB  . ASP A 107 ? 0.5967 0.7034 0.5801 -0.0013 0.1786  -0.0811 101 ASP A CB  
678 C CG  . ASP A 107 ? 0.8132 0.9609 0.8064 -0.0078 0.2065  -0.1037 101 ASP A CG  
679 O OD1 . ASP A 107 ? 0.8995 1.0430 0.8770 -0.0384 0.2467  -0.1083 101 ASP A OD1 
680 O OD2 . ASP A 107 ? 0.8466 1.0285 0.8625 0.0169  0.1907  -0.1180 101 ASP A OD2 
681 N N   . ASP A 108 ? 0.5223 0.5138 0.4367 0.0081  0.1486  -0.0312 102 ASP A N   
682 C CA  . ASP A 108 ? 0.4843 0.4552 0.4010 0.0145  0.1249  -0.0179 102 ASP A CA  
683 C C   . ASP A 108 ? 0.5812 0.5094 0.4679 -0.0037 0.1452  -0.0056 102 ASP A C   
684 O O   . ASP A 108 ? 0.5708 0.5009 0.4774 -0.0119 0.1368  -0.0036 102 ASP A O   
685 C CB  . ASP A 108 ? 0.5466 0.4940 0.4383 0.0407  0.1008  -0.0092 102 ASP A CB  
686 C CG  . ASP A 108 ? 0.6736 0.6503 0.5909 0.0569  0.0817  -0.0226 102 ASP A CG  
687 O OD1 . ASP A 108 ? 0.6284 0.6414 0.5862 0.0546  0.0792  -0.0348 102 ASP A OD1 
688 O OD2 . ASP A 108 ? 0.6618 0.6242 0.5563 0.0742  0.0687  -0.0228 102 ASP A OD2 
689 N N   . ILE A 109 ? 0.5743 0.4576 0.4066 -0.0084 0.1734  0.0028  103 ILE A N   
690 C CA  . ILE A 109 ? 0.6083 0.4323 0.3983 -0.0220 0.1964  0.0165  103 ILE A CA  
691 C C   . ILE A 109 ? 0.6216 0.4667 0.4475 -0.0609 0.2214  0.0010  103 ILE A C   
692 O O   . ILE A 109 ? 0.6686 0.4930 0.4966 -0.0722 0.2224  0.0038  103 ILE A O   
693 C CB  . ILE A 109 ? 0.6941 0.4525 0.4040 -0.0143 0.2235  0.0319  103 ILE A CB  
694 C CG1 . ILE A 109 ? 0.7221 0.4650 0.3954 0.0281  0.1932  0.0439  103 ILE A CG1 
695 C CG2 . ILE A 109 ? 0.7389 0.4208 0.3971 -0.0303 0.2550  0.0460  103 ILE A CG2 
696 C CD1 . ILE A 109 ? 0.8715 0.5496 0.4546 0.0452  0.2147  0.0604  103 ILE A CD1 
697 N N   . SER A 110 ? 0.6630 0.5560 0.5205 -0.0814 0.2410  -0.0199 104 SER A N   
698 C CA  . SER A 110 ? 0.7013 0.6337 0.6042 -0.1196 0.2621  -0.0433 104 SER A CA  
699 C C   . SER A 110 ? 0.6828 0.6677 0.6430 -0.1138 0.2270  -0.0533 104 SER A C   
700 O O   . SER A 110 ? 0.6485 0.6404 0.6276 -0.1389 0.2359  -0.0645 104 SER A O   
701 C CB  . SER A 110 ? 0.6550 0.6465 0.5903 -0.1392 0.2871  -0.0696 104 SER A CB  
702 O OG  . SER A 110 ? 0.8957 0.8327 0.7744 -0.1431 0.3130  -0.0584 104 SER A OG  
703 N N   . LYS A 111 ? 0.6182 0.6350 0.6008 -0.0816 0.1891  -0.0497 105 LYS A N   
704 C CA  . LYS A 111 ? 0.5733 0.6250 0.5945 -0.0716 0.1569  -0.0532 105 LYS A CA  
705 C C   . LYS A 111 ? 0.5656 0.5648 0.5587 -0.0711 0.1504  -0.0350 105 LYS A C   
706 O O   . LYS A 111 ? 0.5426 0.5587 0.5575 -0.0813 0.1432  -0.0418 105 LYS A O   
707 C CB  . LYS A 111 ? 0.5065 0.5811 0.5432 -0.0379 0.1234  -0.0494 105 LYS A CB  
708 C CG  . LYS A 111 ? 0.6152 0.7575 0.6950 -0.0300 0.1184  -0.0722 105 LYS A CG  
709 C CD  . LYS A 111 ? 0.5132 0.6610 0.6017 0.0046  0.0847  -0.0662 105 LYS A CD  
710 C CE  . LYS A 111 ? 0.5746 0.7816 0.6987 0.0214  0.0787  -0.0882 105 LYS A CE  
711 N NZ  . LYS A 111 ? 0.6319 0.8328 0.7594 0.0548  0.0473  -0.0817 105 LYS A NZ  
712 N N   . PHE A 112 ? 0.5881 0.5287 0.5326 -0.0552 0.1510  -0.0140 106 PHE A N   
713 C CA  . PHE A 112 ? 0.5935 0.4861 0.5099 -0.0495 0.1460  0.0013  106 PHE A CA  
714 C C   . PHE A 112 ? 0.5719 0.4387 0.4792 -0.0802 0.1748  -0.0055 106 PHE A C   
715 O O   . PHE A 112 ? 0.6271 0.4958 0.5481 -0.0867 0.1671  -0.0086 106 PHE A O   
716 C CB  . PHE A 112 ? 0.6771 0.5155 0.5384 -0.0248 0.1451  0.0205  106 PHE A CB  
717 C CG  . PHE A 112 ? 0.7266 0.5220 0.5605 -0.0116 0.1376  0.0336  106 PHE A CG  
718 C CD1 . PHE A 112 ? 0.6467 0.3822 0.4393 -0.0223 0.1640  0.0402  106 PHE A CD1 
719 C CD2 . PHE A 112 ? 0.8087 0.6227 0.6582 0.0109  0.1066  0.0369  106 PHE A CD2 
720 C CE1 . PHE A 112 ? 0.7412 0.4373 0.5079 -0.0047 0.1566  0.0504  106 PHE A CE1 
721 C CE2 . PHE A 112 ? 0.8262 0.6115 0.6565 0.0248  0.1002  0.0447  106 PHE A CE2 
722 C CZ  . PHE A 112 ? 0.8286 0.5557 0.6172 0.0201  0.1235  0.0516  106 PHE A CZ  
723 N N   . ASN A 113 ? 0.6001 0.4399 0.4821 -0.1017 0.2110  -0.0094 107 ASN A N   
724 C CA  . ASN A 113 ? 0.6693 0.4683 0.5340 -0.1354 0.2452  -0.0167 107 ASN A CA  
725 C C   . ASN A 113 ? 0.7476 0.6128 0.6744 -0.1642 0.2428  -0.0459 107 ASN A C   
726 O O   . ASN A 113 ? 0.7307 0.5740 0.6552 -0.1788 0.2477  -0.0516 107 ASN A O   
727 C CB  . ASN A 113 ? 0.8078 0.5650 0.6346 -0.1505 0.2790  -0.0179 107 ASN A CB  
728 C CG  . ASN A 113 ? 0.8643 0.5424 0.6161 -0.1188 0.2806  0.0110  107 ASN A CG  
729 O OD1 . ASN A 113 ? 0.8745 0.5115 0.5957 -0.0924 0.2647  0.0288  107 ASN A OD1 
730 N ND2 . ASN A 113 ? 0.9305 0.5922 0.6533 -0.1185 0.2977  0.0134  107 ASN A ND2 
731 N N   . ALA A 114 ? 0.6465 0.5956 0.6272 -0.1667 0.2314  -0.0663 108 ALA A N   
732 C CA  . ALA A 114 ? 0.6455 0.6717 0.6858 -0.1847 0.2214  -0.0965 108 ALA A CA  
733 C C   . ALA A 114 ? 0.5804 0.6105 0.6270 -0.1641 0.1869  -0.0877 108 ALA A C   
734 O O   . ALA A 114 ? 0.5404 0.5866 0.6037 -0.1830 0.1878  -0.1046 108 ALA A O   
735 C CB  . ALA A 114 ? 0.6397 0.7543 0.7305 -0.1754 0.2077  -0.1165 108 ALA A CB  
736 N N   . LEU A 115 ? 0.4783 0.4942 0.5108 -0.1278 0.1586  -0.0634 109 LEU A N   
737 C CA  . LEU A 115 ? 0.4554 0.4761 0.4928 -0.1097 0.1293  -0.0548 109 LEU A CA  
738 C C   . LEU A 115 ? 0.5497 0.5139 0.5568 -0.1194 0.1408  -0.0477 109 LEU A C   
739 O O   . LEU A 115 ? 0.5637 0.5453 0.5840 -0.1257 0.1318  -0.0573 109 LEU A O   
740 C CB  . LEU A 115 ? 0.4891 0.5018 0.5176 -0.0754 0.1033  -0.0337 109 LEU A CB  
741 C CG  . LEU A 115 ? 0.5087 0.5142 0.5344 -0.0593 0.0799  -0.0216 109 LEU A CG  
742 C CD1 . LEU A 115 ? 0.5084 0.5588 0.5594 -0.0650 0.0674  -0.0357 109 LEU A CD1 
743 C CD2 . LEU A 115 ? 0.4780 0.4835 0.5028 -0.0335 0.0596  -0.0084 109 LEU A CD2 
744 N N   . PHE A 116 ? 0.5817 0.4764 0.5433 -0.1171 0.1603  -0.0316 110 PHE A N   
745 C CA  . PHE A 116 ? 0.6768 0.5125 0.6054 -0.1181 0.1694  -0.0243 110 PHE A CA  
746 C C   . PHE A 116 ? 0.6947 0.5084 0.6199 -0.1561 0.2011  -0.0445 110 PHE A C   
747 O O   . PHE A 116 ? 0.6628 0.4426 0.5728 -0.1595 0.2048  -0.0463 110 PHE A O   
748 C CB  . PHE A 116 ? 0.7755 0.5446 0.6518 -0.0900 0.1713  0.0010  110 PHE A CB  
749 C CG  . PHE A 116 ? 0.9004 0.6917 0.7862 -0.0566 0.1372  0.0133  110 PHE A CG  
750 C CD1 . PHE A 116 ? 0.9359 0.7645 0.8394 -0.0416 0.1186  0.0171  110 PHE A CD1 
751 C CD2 . PHE A 116 ? 0.9026 0.6800 0.7825 -0.0432 0.1263  0.0173  110 PHE A CD2 
752 C CE1 . PHE A 116 ? 0.9080 0.7551 0.8223 -0.0180 0.0918  0.0241  110 PHE A CE1 
753 C CE2 . PHE A 116 ? 0.9248 0.7283 0.8184 -0.0190 0.0997  0.0239  110 PHE A CE2 
754 C CZ  . PHE A 116 ? 0.8890 0.7259 0.8000 -0.0086 0.0835  0.0270  110 PHE A CZ  
755 N N   . GLU A 117 ? 0.6327 0.4693 0.5748 -0.1866 0.2252  -0.0636 111 GLU A N   
756 C CA  . GLU A 117 ? 0.7011 0.5409 0.6521 -0.2175 0.2432  -0.0925 111 GLU A CA  
757 C C   . GLU A 117 ? 0.6826 0.5956 0.6834 -0.2272 0.2223  -0.1154 111 GLU A C   
758 O O   . GLU A 117 ? 0.6758 0.5794 0.6742 -0.2419 0.2279  -0.1328 111 GLU A O   
759 C CB  . GLU A 117 ? 0.7022 0.5710 0.6690 -0.2397 0.2626  -0.1136 111 GLU A CB  
760 C CG  . GLU A 117 ? 0.9208 0.7102 0.8318 -0.2398 0.2914  -0.0997 111 GLU A CG  
761 C CD  . GLU A 117 ? 0.9939 0.8164 0.9250 -0.2678 0.3132  -0.1257 111 GLU A CD  
762 O OE1 . GLU A 117 ? 0.9671 0.7846 0.8859 -0.2608 0.3206  -0.1147 111 GLU A OE1 
763 O OE2 . GLU A 117 ? 0.9531 0.8108 0.9130 -0.2965 0.3229  -0.1596 111 GLU A OE2 
764 N N   . ASP A 118 ? 0.6640 0.6506 0.7039 -0.2106 0.1938  -0.1156 112 ASP A N   
765 C CA  . ASP A 118 ? 0.6795 0.7370 0.7559 -0.2045 0.1641  -0.1330 112 ASP A CA  
766 C C   . ASP A 118 ? 0.6804 0.6975 0.7299 -0.1885 0.1505  -0.1172 112 ASP A C   
767 O O   . ASP A 118 ? 0.6095 0.6480 0.6693 -0.2016 0.1468  -0.1373 112 ASP A O   
768 C CB  . ASP A 118 ? 0.6859 0.8087 0.7900 -0.1736 0.1314  -0.1279 112 ASP A CB  
769 C CG  . ASP A 118 ? 0.6395 0.8461 0.7809 -0.1698 0.1062  -0.1536 112 ASP A CG  
770 O OD1 . ASP A 118 ? 0.5645 0.7834 0.7121 -0.1923 0.1119  -0.1763 112 ASP A OD1 
771 O OD2 . ASP A 118 ? 0.5306 0.7876 0.6904 -0.1418 0.0802  -0.1517 112 ASP A OD2 
772 N N   . VAL A 119 ? 0.7267 0.6927 0.7442 -0.1602 0.1428  -0.0850 113 VAL A N   
773 C CA  . VAL A 119 ? 0.6847 0.6175 0.6803 -0.1451 0.1330  -0.0728 113 VAL A CA  
774 C C   . VAL A 119 ? 0.7350 0.6169 0.7089 -0.1694 0.1600  -0.0869 113 VAL A C   
775 O O   . VAL A 119 ? 0.7451 0.6406 0.7244 -0.1756 0.1542  -0.1011 113 VAL A O   
776 C CB  . VAL A 119 ? 0.5772 0.4667 0.5451 -0.1135 0.1245  -0.0426 113 VAL A CB  
777 C CG1 . VAL A 119 ? 0.6354 0.4919 0.5830 -0.1018 0.1220  -0.0369 113 VAL A CG1 
778 C CG2 . VAL A 119 ? 0.5118 0.4454 0.4998 -0.0913 0.0977  -0.0312 113 VAL A CG2 
779 N N   . GLU A 120 ? 0.7990 0.6168 0.7430 -0.1829 0.1914  -0.0831 114 GLU A N   
780 C CA  . GLU A 120 ? 0.8817 0.6308 0.7923 -0.2002 0.2197  -0.0923 114 GLU A CA  
781 C C   . GLU A 120 ? 0.9374 0.7314 0.8768 -0.2308 0.2245  -0.1288 114 GLU A C   
782 O O   . GLU A 120 ? 0.9842 0.7485 0.9074 -0.2346 0.2312  -0.1381 114 GLU A O   
783 C CB  . GLU A 120 ? 0.9807 0.6679 0.8492 -0.1990 0.2465  -0.0825 114 GLU A CB  
784 C CG  . GLU A 120 ? 1.0997 0.7126 0.9138 -0.1612 0.2462  -0.0495 114 GLU A CG  
785 C CD  . GLU A 120 ? 1.1808 0.7214 0.9409 -0.1605 0.2758  -0.0443 114 GLU A CD  
786 O OE1 . GLU A 120 ? 1.3349 0.8287 1.0678 -0.1673 0.2946  -0.0524 114 GLU A OE1 
787 O OE2 . GLU A 120 ? 1.1632 0.6914 0.9051 -0.1534 0.2820  -0.0325 114 GLU A OE2 
788 N N   . GLN A 121 ? 0.8722 0.7421 0.8544 -0.2496 0.2204  -0.1517 115 GLN A N   
789 C CA  . GLN A 121 ? 0.8910 0.8110 0.8999 -0.2757 0.2244  -0.1902 115 GLN A CA  
790 C C   . GLN A 121 ? 0.8779 0.8584 0.9134 -0.2705 0.1942  -0.2034 115 GLN A C   
791 O O   . GLN A 121 ? 0.8098 0.8060 0.8496 -0.2847 0.1974  -0.2290 115 GLN A O   
792 C CB  . GLN A 121 ? 0.8614 0.8419 0.9038 -0.2949 0.2327  -0.2157 115 GLN A CB  
793 C CG  . GLN A 121 ? 0.9369 0.9998 1.0212 -0.2806 0.2045  -0.2152 115 GLN A CG  
794 C CD  . GLN A 121 ? 0.9137 1.0656 1.0361 -0.2744 0.1723  -0.2375 115 GLN A CD  
795 O OE1 . GLN A 121 ? 0.9196 1.0996 1.0517 -0.2899 0.1755  -0.2675 115 GLN A OE1 
796 N NE2 . GLN A 121 ? 0.7408 0.9366 0.8811 -0.2492 0.1409  -0.2225 115 GLN A NE2 
797 N N   . PHE A 122 ? 0.7228 0.7360 0.7695 -0.2448 0.1643  -0.1841 116 PHE A N   
798 C CA  . PHE A 122 ? 0.6719 0.7338 0.7253 -0.2251 0.1327  -0.1877 116 PHE A CA  
799 C C   . PHE A 122 ? 0.6927 0.6940 0.7125 -0.2238 0.1418  -0.1837 116 PHE A C   
800 O O   . PHE A 122 ? 0.6867 0.7120 0.7097 -0.2358 0.1382  -0.2096 116 PHE A O   
801 C CB  . PHE A 122 ? 0.6677 0.7521 0.7198 -0.1845 0.1021  -0.1557 116 PHE A CB  
802 C CG  . PHE A 122 ? 0.6370 0.7719 0.6903 -0.1650 0.0724  -0.1586 116 PHE A CG  
803 C CD1 . PHE A 122 ? 0.6825 0.7851 0.7072 -0.1496 0.0669  -0.1422 116 PHE A CD1 
804 C CD2 . PHE A 122 ? 0.7049 0.9205 0.7844 -0.1598 0.0507  -0.1788 116 PHE A CD2 
805 C CE1 . PHE A 122 ? 0.7301 0.8721 0.7461 -0.1328 0.0437  -0.1429 116 PHE A CE1 
806 C CE2 . PHE A 122 ? 0.7110 0.9645 0.7785 -0.1370 0.0236  -0.1787 116 PHE A CE2 
807 C CZ  . PHE A 122 ? 0.6904 0.9032 0.7230 -0.1252 0.0217  -0.1593 116 PHE A CZ  
808 N N   . LEU A 123 ? 0.5560 0.4807 0.5425 -0.2074 0.1538  -0.1542 117 LEU A N   
809 C CA  . LEU A 123 ? 0.7273 0.5933 0.6811 -0.1967 0.1610  -0.1479 117 LEU A CA  
810 C C   . LEU A 123 ? 0.7742 0.5890 0.7118 -0.2285 0.1920  -0.1755 117 LEU A C   
811 O O   . LEU A 123 ? 0.8098 0.6298 0.7434 -0.2335 0.1901  -0.1948 117 LEU A O   
812 C CB  . LEU A 123 ? 0.7837 0.5892 0.7082 -0.1661 0.1636  -0.1130 117 LEU A CB  
813 C CG  . LEU A 123 ? 0.7619 0.6111 0.7004 -0.1360 0.1347  -0.0888 117 LEU A CG  
814 C CD1 . LEU A 123 ? 0.6412 0.4413 0.5551 -0.1067 0.1356  -0.0619 117 LEU A CD1 
815 C CD2 . LEU A 123 ? 0.7135 0.6072 0.6607 -0.1273 0.1150  -0.0938 117 LEU A CD2 
816 N N   . ASN A 124 ? 0.9956 0.7655 0.9186 -0.2408 0.2191  -0.1716 118 ASN A N   
817 C CA  . ASN A 124 ? 1.1294 0.8454 1.0257 -0.2547 0.2488  -0.1826 118 ASN A CA  
818 C C   . ASN A 124 ? 1.3360 1.0966 1.2587 -0.2904 0.2655  -0.2141 118 ASN A C   
819 O O   . ASN A 124 ? 1.3877 1.2367 1.3543 -0.3035 0.2476  -0.2394 118 ASN A O   
820 C CB  . ASN A 124 ? 1.0995 0.7215 0.9437 -0.2337 0.2690  -0.1521 118 ASN A CB  
821 O O   . HOH B .   ? 0.5633 0.7044 0.4161 -0.0700 0.0138  -0.1097 201 HOH A O   
822 O O   . HOH B .   ? 0.5043 0.6028 0.5343 0.0398  0.0928  -0.0620 202 HOH A O   
823 O O   . HOH B .   ? 0.6488 0.3995 0.6325 -0.0047 0.0169  0.0136  203 HOH A O   
824 O O   . HOH B .   ? 0.6405 0.4526 0.6492 0.0678  -0.0182 -0.0487 204 HOH A O   
825 O O   . HOH B .   ? 0.9164 0.6459 0.5700 -0.0707 0.3191  0.0165  205 HOH A O   
826 O O   . HOH B .   ? 1.1734 0.7678 0.5893 0.3539  0.0206  0.0753  206 HOH A O   
827 O O   . HOH B .   ? 0.4648 0.4294 0.4276 0.0071  0.0819  -0.0011 207 HOH A O   
828 O O   . HOH B .   ? 0.6564 0.6187 0.6158 -0.0274 0.0265  0.0443  208 HOH A O   
829 O O   . HOH B .   ? 0.6734 0.5030 0.6968 0.0455  -0.0219 -0.0972 209 HOH A O   
830 O O   . HOH B .   ? 0.4695 0.4747 0.4806 -0.0194 0.0786  -0.0121 210 HOH A O   
831 O O   . HOH B .   ? 0.5246 0.7572 0.6831 -0.1143 0.1106  -0.1235 211 HOH A O   
832 O O   . HOH B .   ? 0.7748 0.7585 0.7609 -0.2146 0.2985  -0.1055 212 HOH A O   
833 O O   . HOH B .   ? 0.6141 0.5800 0.6366 0.1346  -0.0082 -0.0702 213 HOH A O   
834 O O   . HOH B .   ? 0.5769 0.6917 0.6573 0.0733  -0.0247 -0.0201 214 HOH A O   
835 O O   . HOH B .   ? 1.1400 0.7959 0.5249 0.3130  0.0310  0.0707  215 HOH A O   
836 O O   . HOH B .   ? 0.5484 0.7109 0.6611 -0.0720 0.1044  -0.0817 216 HOH A O   
837 O O   . HOH B .   ? 0.9501 0.8617 0.7509 -0.0213 0.1949  -0.2487 217 HOH A O   
# 
loop_
_pdbx_poly_seq_scheme.asym_id 
_pdbx_poly_seq_scheme.entity_id 
_pdbx_poly_seq_scheme.seq_id 
_pdbx_poly_seq_scheme.mon_id 
_pdbx_poly_seq_scheme.ndb_seq_num 
_pdbx_poly_seq_scheme.pdb_seq_num 
_pdbx_poly_seq_scheme.auth_seq_num 
_pdbx_poly_seq_scheme.pdb_mon_id 
_pdbx_poly_seq_scheme.auth_mon_id 
_pdbx_poly_seq_scheme.pdb_strand_id 
_pdbx_poly_seq_scheme.pdb_ins_code 
_pdbx_poly_seq_scheme.hetero 
A 1 1   HIS 1   -5  ?   ?   ?   A . n 
A 1 2   HIS 2   -4  ?   ?   ?   A . n 
A 1 3   HIS 3   -3  ?   ?   ?   A . n 
A 1 4   HIS 4   -2  ?   ?   ?   A . n 
A 1 5   HIS 5   -1  ?   ?   ?   A . n 
A 1 6   HIS 6   0   ?   ?   ?   A . n 
A 1 7   MET 7   1   ?   ?   ?   A . n 
A 1 8   ASN 8   2   ?   ?   ?   A . n 
A 1 9   THR 9   3   ?   ?   ?   A . n 
A 1 10  GLU 10  4   ?   ?   ?   A . n 
A 1 11  LYS 11  5   ?   ?   ?   A . n 
A 1 12  LEU 12  6   ?   ?   ?   A . n 
A 1 13  GLU 13  7   ?   ?   ?   A . n 
A 1 14  THR 14  8   ?   ?   ?   A . n 
A 1 15  LEU 15  9   9   LEU LEU A . n 
A 1 16  LEU 16  10  10  LEU LEU A . n 
A 1 17  GLY 17  11  11  GLY GLY A . n 
A 1 18  PHE 18  12  12  PHE PHE A . n 
A 1 19  TYR 19  13  13  TYR TYR A . n 
A 1 20  LYS 20  14  14  LYS LYS A . n 
A 1 21  GLN 21  15  15  GLN GLN A . n 
A 1 22  TYR 22  16  16  TYR TYR A . n 
A 1 23  LYS 23  17  17  LYS LYS A . n 
A 1 24  ALA 24  18  18  ALA ALA A . n 
A 1 25  LEU 25  19  19  LEU LEU A . n 
A 1 26  SER 26  20  20  SER SER A . n 
A 1 27  GLU 27  21  21  GLU GLU A . n 
A 1 28  TYR 28  22  22  TYR TYR A . n 
A 1 29  ILE 29  23  23  ILE ILE A . n 
A 1 30  ASP 30  24  24  ASP ASP A . n 
A 1 31  LYS 31  25  25  LYS LYS A . n 
A 1 32  LYS 32  26  26  LYS LYS A . n 
A 1 33  TYR 33  27  27  TYR TYR A . n 
A 1 34  LYS 34  28  28  LYS LYS A . n 
A 1 35  LEU 35  29  29  LEU LEU A . n 
A 1 36  SER 36  30  30  SER SER A . n 
A 1 37  LEU 37  31  31  LEU LEU A . n 
A 1 38  ASN 38  32  32  ASN ASN A . n 
A 1 39  ASP 39  33  33  ASP ASP A . n 
A 1 40  LEU 40  34  34  LEU LEU A . n 
A 1 41  ALA 41  35  35  ALA ALA A . n 
A 1 42  VAL 42  36  36  VAL VAL A . n 
A 1 43  LEU 43  37  37  LEU LEU A . n 
A 1 44  ASP 44  38  38  ASP ASP A . n 
A 1 45  LEU 45  39  39  LEU LEU A . n 
A 1 46  THR 46  40  40  THR THR A . n 
A 1 47  MET 47  41  41  MET MET A . n 
A 1 48  LYS 48  42  42  LYS LYS A . n 
A 1 49  HIS 49  43  43  HIS HIS A . n 
A 1 50  CYS 50  44  44  CYS CYS A . n 
A 1 51  LYS 51  45  45  LYS LYS A . n 
A 1 52  ASP 52  46  46  ASP ASP A . n 
A 1 53  GLU 53  47  47  GLU GLU A . n 
A 1 54  LYS 54  48  48  LYS LYS A . n 
A 1 55  VAL 55  49  49  VAL VAL A . n 
A 1 56  LEU 56  50  50  LEU LEU A . n 
A 1 57  MET 57  51  51  MET MET A . n 
A 1 58  GLN 58  52  52  GLN GLN A . n 
A 1 59  SER 59  53  53  SER SER A . n 
A 1 60  PHE 60  54  54  PHE PHE A . n 
A 1 61  LEU 61  55  55  LEU LEU A . n 
A 1 62  LYS 62  56  56  LYS LYS A . n 
A 1 63  THR 63  57  57  THR THR A . n 
A 1 64  ALA 64  58  58  ALA ALA A . n 
A 1 65  MET 65  59  59  MET MET A . n 
A 1 66  ASP 66  60  60  ASP ASP A . n 
A 1 67  GLU 67  61  61  GLU GLU A . n 
A 1 68  LEU 68  62  62  LEU LEU A . n 
A 1 69  ASP 69  63  63  ASP ASP A . n 
A 1 70  LEU 70  64  64  LEU LEU A . n 
A 1 71  SER 71  65  65  SER SER A . n 
A 1 72  ARG 72  66  66  ARG ARG A . n 
A 1 73  THR 73  67  67  THR THR A . n 
A 1 74  LYS 74  68  68  LYS LYS A . n 
A 1 75  LEU 75  69  69  LEU LEU A . n 
A 1 76  LEU 76  70  70  LEU LEU A . n 
A 1 77  VAL 77  71  71  VAL VAL A . n 
A 1 78  SER 78  72  72  SER SER A . n 
A 1 79  ILE 79  73  73  ILE ILE A . n 
A 1 80  ARG 80  74  74  ARG ARG A . n 
A 1 81  ARG 81  75  75  ARG ARG A . n 
A 1 82  LEU 82  76  76  LEU LEU A . n 
A 1 83  ILE 83  77  77  ILE ILE A . n 
A 1 84  GLU 84  78  78  GLU GLU A . n 
A 1 85  LYS 85  79  79  LYS LYS A . n 
A 1 86  GLU 86  80  80  GLU GLU A . n 
A 1 87  ARG 87  81  81  ARG ARG A . n 
A 1 88  LEU 88  82  82  LEU LEU A . n 
A 1 89  SER 89  83  83  SER SER A . n 
A 1 90  LYS 90  84  84  LYS LYS A . n 
A 1 91  VAL 91  85  85  VAL VAL A . n 
A 1 92  ARG 92  86  86  ARG ARG A . n 
A 1 93  SER 93  87  87  SER SER A . n 
A 1 94  SER 94  88  88  SER SER A . n 
A 1 95  LYS 95  89  89  LYS LYS A . n 
A 1 96  ASP 96  90  90  ASP ASP A . n 
A 1 97  GLU 97  91  91  GLU GLU A . n 
A 1 98  ARG 98  92  92  ARG ARG A . n 
A 1 99  LYS 99  93  93  LYS LYS A . n 
A 1 100 ILE 100 94  94  ILE ILE A . n 
A 1 101 TYR 101 95  95  TYR TYR A . n 
A 1 102 ILE 102 96  96  ILE ILE A . n 
A 1 103 TYR 103 97  97  TYR TYR A . n 
A 1 104 LEU 104 98  98  LEU LEU A . n 
A 1 105 ASN 105 99  99  ASN ASN A . n 
A 1 106 ASN 106 100 100 ASN ASN A . n 
A 1 107 ASP 107 101 101 ASP ASP A . n 
A 1 108 ASP 108 102 102 ASP ASP A . n 
A 1 109 ILE 109 103 103 ILE ILE A . n 
A 1 110 SER 110 104 104 SER SER A . n 
A 1 111 LYS 111 105 105 LYS LYS A . n 
A 1 112 PHE 112 106 106 PHE PHE A . n 
A 1 113 ASN 113 107 107 ASN ASN A . n 
A 1 114 ALA 114 108 108 ALA ALA A . n 
A 1 115 LEU 115 109 109 LEU LEU A . n 
A 1 116 PHE 116 110 110 PHE PHE A . n 
A 1 117 GLU 117 111 111 GLU GLU A . n 
A 1 118 ASP 118 112 112 ASP ASP A . n 
A 1 119 VAL 119 113 113 VAL VAL A . n 
A 1 120 GLU 120 114 114 GLU GLU A . n 
A 1 121 GLN 121 115 115 GLN GLN A . n 
A 1 122 PHE 122 116 116 PHE PHE A . n 
A 1 123 LEU 123 117 117 LEU LEU A . n 
A 1 124 ASN 124 118 118 ASN ASN A . n 
A 1 125 ILE 125 119 ?   ?   ?   A . n 
# 
loop_
_pdbx_nonpoly_scheme.asym_id 
_pdbx_nonpoly_scheme.entity_id 
_pdbx_nonpoly_scheme.mon_id 
_pdbx_nonpoly_scheme.ndb_seq_num 
_pdbx_nonpoly_scheme.pdb_seq_num 
_pdbx_nonpoly_scheme.auth_seq_num 
_pdbx_nonpoly_scheme.pdb_mon_id 
_pdbx_nonpoly_scheme.auth_mon_id 
_pdbx_nonpoly_scheme.pdb_strand_id 
_pdbx_nonpoly_scheme.pdb_ins_code 
B 2 HOH 1  201 10 HOH HOH A . 
B 2 HOH 2  202 4  HOH HOH A . 
B 2 HOH 3  203 8  HOH HOH A . 
B 2 HOH 4  204 12 HOH HOH A . 
B 2 HOH 5  205 17 HOH HOH A . 
B 2 HOH 6  206 13 HOH HOH A . 
B 2 HOH 7  207 1  HOH HOH A . 
B 2 HOH 8  208 15 HOH HOH A . 
B 2 HOH 9  209 3  HOH HOH A . 
B 2 HOH 10 210 2  HOH HOH A . 
B 2 HOH 11 211 16 HOH HOH A . 
B 2 HOH 12 212 6  HOH HOH A . 
B 2 HOH 13 213 19 HOH HOH A . 
B 2 HOH 14 214 22 HOH HOH A . 
B 2 HOH 15 215 5  HOH HOH A . 
B 2 HOH 16 216 7  HOH HOH A . 
B 2 HOH 17 217 21 HOH HOH A . 
# 
_pdbx_struct_assembly.id                   1 
_pdbx_struct_assembly.details              author_and_software_defined_assembly 
_pdbx_struct_assembly.method_details       PISA 
_pdbx_struct_assembly.oligomeric_details   monomeric 
_pdbx_struct_assembly.oligomeric_count     1 
# 
_pdbx_struct_assembly_gen.assembly_id       1 
_pdbx_struct_assembly_gen.oper_expression   1 
_pdbx_struct_assembly_gen.asym_id_list      A,B 
# 
loop_
_pdbx_struct_assembly_prop.biol_id 
_pdbx_struct_assembly_prop.type 
_pdbx_struct_assembly_prop.value 
_pdbx_struct_assembly_prop.details 
1 'ABSA (A^2)' 0    ? 
1 MORE         0    ? 
1 'SSA (A^2)'  6420 ? 
# 
_pdbx_struct_oper_list.id                   1 
_pdbx_struct_oper_list.type                 'identity operation' 
_pdbx_struct_oper_list.name                 1_555 
_pdbx_struct_oper_list.symmetry_operation   x,y,z 
_pdbx_struct_oper_list.matrix[1][1]         1.0000000000 
_pdbx_struct_oper_list.matrix[1][2]         0.0000000000 
_pdbx_struct_oper_list.matrix[1][3]         0.0000000000 
_pdbx_struct_oper_list.vector[1]            0.0000000000 
_pdbx_struct_oper_list.matrix[2][1]         0.0000000000 
_pdbx_struct_oper_list.matrix[2][2]         1.0000000000 
_pdbx_struct_oper_list.matrix[2][3]         0.0000000000 
_pdbx_struct_oper_list.vector[2]            0.0000000000 
_pdbx_struct_oper_list.matrix[3][1]         0.0000000000 
_pdbx_struct_oper_list.matrix[3][2]         0.0000000000 
_pdbx_struct_oper_list.matrix[3][3]         1.0000000000 
_pdbx_struct_oper_list.vector[3]            0.0000000000 
# 
loop_
_pdbx_audit_revision_history.ordinal 
_pdbx_audit_revision_history.data_content_type 
_pdbx_audit_revision_history.major_revision 
_pdbx_audit_revision_history.minor_revision 
_pdbx_audit_revision_history.revision_date 
1 'Structure model' 1 0 2018-12-05 
2 'Structure model' 1 1 2023-11-22 
# 
_pdbx_audit_revision_details.ordinal             1 
_pdbx_audit_revision_details.revision_ordinal    1 
_pdbx_audit_revision_details.data_content_type   'Structure model' 
_pdbx_audit_revision_details.provider            repository 
_pdbx_audit_revision_details.type                'Initial release' 
_pdbx_audit_revision_details.description         ? 
_pdbx_audit_revision_details.details             ? 
# 
loop_
_pdbx_audit_revision_group.ordinal 
_pdbx_audit_revision_group.revision_ordinal 
_pdbx_audit_revision_group.data_content_type 
_pdbx_audit_revision_group.group 
1 2 'Structure model' 'Data collection'        
2 2 'Structure model' 'Database references'    
3 2 'Structure model' 'Refinement description' 
# 
loop_
_pdbx_audit_revision_category.ordinal 
_pdbx_audit_revision_category.revision_ordinal 
_pdbx_audit_revision_category.data_content_type 
_pdbx_audit_revision_category.category 
1 2 'Structure model' chem_comp_atom                
2 2 'Structure model' chem_comp_bond                
3 2 'Structure model' database_2                    
4 2 'Structure model' pdbx_initial_refinement_model 
# 
loop_
_pdbx_audit_revision_item.ordinal 
_pdbx_audit_revision_item.revision_ordinal 
_pdbx_audit_revision_item.data_content_type 
_pdbx_audit_revision_item.item 
1 2 'Structure model' '_database_2.pdbx_DOI'                
2 2 'Structure model' '_database_2.pdbx_database_accession' 
# 
_pdbx_refine_tls.pdbx_refine_id   'X-RAY DIFFRACTION' 
_pdbx_refine_tls.id               1 
_pdbx_refine_tls.details          ? 
_pdbx_refine_tls.method           refined 
_pdbx_refine_tls.origin_x         -0.6387 
_pdbx_refine_tls.origin_y         -0.0254 
_pdbx_refine_tls.origin_z         -0.0392 
_pdbx_refine_tls.T[1][1]          0.2759 
_pdbx_refine_tls.T[2][2]          0.2160 
_pdbx_refine_tls.T[3][3]          0.2562 
_pdbx_refine_tls.T[1][2]          0.0410 
_pdbx_refine_tls.T[1][3]          0.0075 
_pdbx_refine_tls.T[2][3]          0.0191 
_pdbx_refine_tls.L[1][1]          3.6515 
_pdbx_refine_tls.L[2][2]          4.0552 
_pdbx_refine_tls.L[3][3]          7.1926 
_pdbx_refine_tls.L[1][2]          -1.1805 
_pdbx_refine_tls.L[1][3]          -1.7310 
_pdbx_refine_tls.L[2][3]          3.1868 
_pdbx_refine_tls.S[1][1]          -0.3127 
_pdbx_refine_tls.S[1][2]          -0.2399 
_pdbx_refine_tls.S[1][3]          0.1071 
_pdbx_refine_tls.S[2][1]          0.3677 
_pdbx_refine_tls.S[2][2]          0.2191 
_pdbx_refine_tls.S[2][3]          -0.0318 
_pdbx_refine_tls.S[3][1]          0.3144 
_pdbx_refine_tls.S[3][2]          0.0657 
_pdbx_refine_tls.S[3][3]          0.0929 
# 
_pdbx_refine_tls_group.pdbx_refine_id      'X-RAY DIFFRACTION' 
_pdbx_refine_tls_group.id                  1 
_pdbx_refine_tls_group.refine_tls_id       1 
_pdbx_refine_tls_group.beg_auth_asym_id    ? 
_pdbx_refine_tls_group.beg_auth_seq_id     ? 
_pdbx_refine_tls_group.beg_label_asym_id   ? 
_pdbx_refine_tls_group.beg_label_seq_id    ? 
_pdbx_refine_tls_group.end_auth_asym_id    ? 
_pdbx_refine_tls_group.end_auth_seq_id     ? 
_pdbx_refine_tls_group.end_label_asym_id   ? 
_pdbx_refine_tls_group.end_label_seq_id    ? 
_pdbx_refine_tls_group.selection           ? 
_pdbx_refine_tls_group.selection_details   all 
# 
loop_
_software.citation_id 
_software.classification 
_software.compiler_name 
_software.compiler_version 
_software.contact_author 
_software.contact_author_email 
_software.date 
_software.description 
_software.dependencies 
_software.hardware 
_software.language 
_software.location 
_software.mods 
_software.name 
_software.os 
_software.os_version 
_software.type 
_software.version 
_software.pdbx_ordinal 
? refinement       ? ? ? ? ? ? ? ? ? ? ? PHENIX   ? ? ? 1.8.2_1309 1 
? 'data reduction' ? ? ? ? ? ? ? ? ? ? ? xia2     ? ? ? .          2 
? 'data scaling'   ? ? ? ? ? ? ? ? ? ? ? HKL-2000 ? ? ? .          3 
? phasing          ? ? ? ? ? ? ? ? ? ? ? MOLREP   ? ? ? .          4 
# 
_pdbx_validate_torsion.id              1 
_pdbx_validate_torsion.PDB_model_num   1 
_pdbx_validate_torsion.auth_comp_id    ASP 
_pdbx_validate_torsion.auth_asym_id    A 
_pdbx_validate_torsion.auth_seq_id     46 
_pdbx_validate_torsion.PDB_ins_code    ? 
_pdbx_validate_torsion.label_alt_id    ? 
_pdbx_validate_torsion.phi             -83.35 
_pdbx_validate_torsion.psi             -72.33 
# 
loop_
_pdbx_unobs_or_zero_occ_atoms.id 
_pdbx_unobs_or_zero_occ_atoms.PDB_model_num 
_pdbx_unobs_or_zero_occ_atoms.polymer_flag 
_pdbx_unobs_or_zero_occ_atoms.occupancy_flag 
_pdbx_unobs_or_zero_occ_atoms.auth_asym_id 
_pdbx_unobs_or_zero_occ_atoms.auth_comp_id 
_pdbx_unobs_or_zero_occ_atoms.auth_seq_id 
_pdbx_unobs_or_zero_occ_atoms.PDB_ins_code 
_pdbx_unobs_or_zero_occ_atoms.auth_atom_id 
_pdbx_unobs_or_zero_occ_atoms.label_alt_id 
_pdbx_unobs_or_zero_occ_atoms.label_asym_id 
_pdbx_unobs_or_zero_occ_atoms.label_comp_id 
_pdbx_unobs_or_zero_occ_atoms.label_seq_id 
_pdbx_unobs_or_zero_occ_atoms.label_atom_id 
1   1 Y 1 A LEU 9   ? CG  ? A LEU 15  CG  
2   1 Y 1 A LEU 9   ? CD1 ? A LEU 15  CD1 
3   1 Y 1 A LEU 9   ? CD2 ? A LEU 15  CD2 
4   1 Y 1 A LEU 10  ? CG  ? A LEU 16  CG  
5   1 Y 1 A LEU 10  ? CD1 ? A LEU 16  CD1 
6   1 Y 1 A LEU 10  ? CD2 ? A LEU 16  CD2 
7   1 Y 1 A PHE 12  ? CG  ? A PHE 18  CG  
8   1 Y 1 A PHE 12  ? CD1 ? A PHE 18  CD1 
9   1 Y 1 A PHE 12  ? CD2 ? A PHE 18  CD2 
10  1 Y 1 A PHE 12  ? CE1 ? A PHE 18  CE1 
11  1 Y 1 A PHE 12  ? CE2 ? A PHE 18  CE2 
12  1 Y 1 A PHE 12  ? CZ  ? A PHE 18  CZ  
13  1 Y 1 A GLN 15  ? CG  ? A GLN 21  CG  
14  1 Y 1 A GLN 15  ? CD  ? A GLN 21  CD  
15  1 Y 1 A GLN 15  ? OE1 ? A GLN 21  OE1 
16  1 Y 1 A GLN 15  ? NE2 ? A GLN 21  NE2 
17  1 Y 1 A LYS 17  ? CG  ? A LYS 23  CG  
18  1 Y 1 A LYS 17  ? CD  ? A LYS 23  CD  
19  1 Y 1 A LYS 17  ? CE  ? A LYS 23  CE  
20  1 Y 1 A LYS 17  ? NZ  ? A LYS 23  NZ  
21  1 Y 1 A GLU 21  ? CG  ? A GLU 27  CG  
22  1 Y 1 A GLU 21  ? CD  ? A GLU 27  CD  
23  1 Y 1 A GLU 21  ? OE1 ? A GLU 27  OE1 
24  1 Y 1 A GLU 21  ? OE2 ? A GLU 27  OE2 
25  1 Y 1 A LYS 25  ? CG  ? A LYS 31  CG  
26  1 Y 1 A LYS 25  ? CD  ? A LYS 31  CD  
27  1 Y 1 A LYS 25  ? CE  ? A LYS 31  CE  
28  1 Y 1 A LYS 25  ? NZ  ? A LYS 31  NZ  
29  1 Y 1 A LYS 28  ? CG  ? A LYS 34  CG  
30  1 Y 1 A LYS 28  ? CD  ? A LYS 34  CD  
31  1 Y 1 A LYS 28  ? CE  ? A LYS 34  CE  
32  1 Y 1 A LYS 28  ? NZ  ? A LYS 34  NZ  
33  1 Y 1 A LYS 45  ? CG  ? A LYS 51  CG  
34  1 Y 1 A LYS 45  ? CD  ? A LYS 51  CD  
35  1 Y 1 A LYS 45  ? CE  ? A LYS 51  CE  
36  1 Y 1 A LYS 45  ? NZ  ? A LYS 51  NZ  
37  1 Y 1 A ASP 46  ? CG  ? A ASP 52  CG  
38  1 Y 1 A ASP 46  ? OD1 ? A ASP 52  OD1 
39  1 Y 1 A ASP 46  ? OD2 ? A ASP 52  OD2 
40  1 Y 1 A GLU 47  ? CG  ? A GLU 53  CG  
41  1 Y 1 A GLU 47  ? CD  ? A GLU 53  CD  
42  1 Y 1 A GLU 47  ? OE1 ? A GLU 53  OE1 
43  1 Y 1 A GLU 47  ? OE2 ? A GLU 53  OE2 
44  1 Y 1 A GLN 52  ? CG  ? A GLN 58  CG  
45  1 Y 1 A GLN 52  ? CD  ? A GLN 58  CD  
46  1 Y 1 A GLN 52  ? OE1 ? A GLN 58  OE1 
47  1 Y 1 A GLN 52  ? NE2 ? A GLN 58  NE2 
48  1 Y 1 A LYS 56  ? CG  ? A LYS 62  CG  
49  1 Y 1 A LYS 56  ? CD  ? A LYS 62  CD  
50  1 Y 1 A LYS 56  ? CE  ? A LYS 62  CE  
51  1 Y 1 A LYS 56  ? NZ  ? A LYS 62  NZ  
52  1 Y 1 A ASP 60  ? CG  ? A ASP 66  CG  
53  1 Y 1 A ASP 60  ? OD1 ? A ASP 66  OD1 
54  1 Y 1 A ASP 60  ? OD2 ? A ASP 66  OD2 
55  1 Y 1 A GLU 61  ? CG  ? A GLU 67  CG  
56  1 Y 1 A GLU 61  ? CD  ? A GLU 67  CD  
57  1 Y 1 A GLU 61  ? OE1 ? A GLU 67  OE1 
58  1 Y 1 A GLU 61  ? OE2 ? A GLU 67  OE2 
59  1 Y 1 A ASP 63  ? CG  ? A ASP 69  CG  
60  1 Y 1 A ASP 63  ? OD1 ? A ASP 69  OD1 
61  1 Y 1 A ASP 63  ? OD2 ? A ASP 69  OD2 
62  1 Y 1 A ARG 66  ? CG  ? A ARG 72  CG  
63  1 Y 1 A ARG 66  ? CD  ? A ARG 72  CD  
64  1 Y 1 A ARG 66  ? NE  ? A ARG 72  NE  
65  1 Y 1 A ARG 66  ? CZ  ? A ARG 72  CZ  
66  1 Y 1 A ARG 66  ? NH1 ? A ARG 72  NH1 
67  1 Y 1 A ARG 66  ? NH2 ? A ARG 72  NH2 
68  1 Y 1 A ARG 75  ? CG  ? A ARG 81  CG  
69  1 Y 1 A ARG 75  ? CD  ? A ARG 81  CD  
70  1 Y 1 A ARG 75  ? NE  ? A ARG 81  NE  
71  1 Y 1 A ARG 75  ? CZ  ? A ARG 81  CZ  
72  1 Y 1 A ARG 75  ? NH1 ? A ARG 81  NH1 
73  1 Y 1 A ARG 75  ? NH2 ? A ARG 81  NH2 
74  1 Y 1 A GLU 78  ? CG  ? A GLU 84  CG  
75  1 Y 1 A GLU 78  ? CD  ? A GLU 84  CD  
76  1 Y 1 A GLU 78  ? OE1 ? A GLU 84  OE1 
77  1 Y 1 A GLU 78  ? OE2 ? A GLU 84  OE2 
78  1 Y 1 A LYS 89  ? CG  ? A LYS 95  CG  
79  1 Y 1 A LYS 89  ? CD  ? A LYS 95  CD  
80  1 Y 1 A LYS 89  ? CE  ? A LYS 95  CE  
81  1 Y 1 A LYS 89  ? NZ  ? A LYS 95  NZ  
82  1 Y 1 A ASP 90  ? CG  ? A ASP 96  CG  
83  1 Y 1 A ASP 90  ? OD1 ? A ASP 96  OD1 
84  1 Y 1 A ASP 90  ? OD2 ? A ASP 96  OD2 
85  1 Y 1 A GLU 91  ? CG  ? A GLU 97  CG  
86  1 Y 1 A GLU 91  ? CD  ? A GLU 97  CD  
87  1 Y 1 A GLU 91  ? OE1 ? A GLU 97  OE1 
88  1 Y 1 A GLU 91  ? OE2 ? A GLU 97  OE2 
89  1 Y 1 A ARG 92  ? CG  ? A ARG 98  CG  
90  1 Y 1 A ARG 92  ? CD  ? A ARG 98  CD  
91  1 Y 1 A ARG 92  ? NE  ? A ARG 98  NE  
92  1 Y 1 A ARG 92  ? CZ  ? A ARG 98  CZ  
93  1 Y 1 A ARG 92  ? NH1 ? A ARG 98  NH1 
94  1 Y 1 A ARG 92  ? NH2 ? A ARG 98  NH2 
95  1 Y 1 A LYS 93  ? CG  ? A LYS 99  CG  
96  1 Y 1 A LYS 93  ? CD  ? A LYS 99  CD  
97  1 Y 1 A LYS 93  ? CE  ? A LYS 99  CE  
98  1 Y 1 A LYS 93  ? NZ  ? A LYS 99  NZ  
99  1 Y 1 A ASN 118 ? CG  ? A ASN 124 CG  
100 1 Y 1 A ASN 118 ? OD1 ? A ASN 124 OD1 
101 1 Y 1 A ASN 118 ? ND2 ? A ASN 124 ND2 
# 
loop_
_pdbx_unobs_or_zero_occ_residues.id 
_pdbx_unobs_or_zero_occ_residues.PDB_model_num 
_pdbx_unobs_or_zero_occ_residues.polymer_flag 
_pdbx_unobs_or_zero_occ_residues.occupancy_flag 
_pdbx_unobs_or_zero_occ_residues.auth_asym_id 
_pdbx_unobs_or_zero_occ_residues.auth_comp_id 
_pdbx_unobs_or_zero_occ_residues.auth_seq_id 
_pdbx_unobs_or_zero_occ_residues.PDB_ins_code 
_pdbx_unobs_or_zero_occ_residues.label_asym_id 
_pdbx_unobs_or_zero_occ_residues.label_comp_id 
_pdbx_unobs_or_zero_occ_residues.label_seq_id 
1  1 Y 1 A HIS -5  ? A HIS 1   
2  1 Y 1 A HIS -4  ? A HIS 2   
3  1 Y 1 A HIS -3  ? A HIS 3   
4  1 Y 1 A HIS -2  ? A HIS 4   
5  1 Y 1 A HIS -1  ? A HIS 5   
6  1 Y 1 A HIS 0   ? A HIS 6   
7  1 Y 1 A MET 1   ? A MET 7   
8  1 Y 1 A ASN 2   ? A ASN 8   
9  1 Y 1 A THR 3   ? A THR 9   
10 1 Y 1 A GLU 4   ? A GLU 10  
11 1 Y 1 A LYS 5   ? A LYS 11  
12 1 Y 1 A LEU 6   ? A LEU 12  
13 1 Y 1 A GLU 7   ? A GLU 13  
14 1 Y 1 A THR 8   ? A THR 14  
15 1 Y 1 A ILE 119 ? A ILE 125 
# 
loop_
_chem_comp_atom.comp_id 
_chem_comp_atom.atom_id 
_chem_comp_atom.type_symbol 
_chem_comp_atom.pdbx_aromatic_flag 
_chem_comp_atom.pdbx_stereo_config 
_chem_comp_atom.pdbx_ordinal 
ALA N    N N N 1   
ALA CA   C N S 2   
ALA C    C N N 3   
ALA O    O N N 4   
ALA CB   C N N 5   
ALA OXT  O N N 6   
ALA H    H N N 7   
ALA H2   H N N 8   
ALA HA   H N N 9   
ALA HB1  H N N 10  
ALA HB2  H N N 11  
ALA HB3  H N N 12  
ALA HXT  H N N 13  
ARG N    N N N 14  
ARG CA   C N S 15  
ARG C    C N N 16  
ARG O    O N N 17  
ARG CB   C N N 18  
ARG CG   C N N 19  
ARG CD   C N N 20  
ARG NE   N N N 21  
ARG CZ   C N N 22  
ARG NH1  N N N 23  
ARG NH2  N N N 24  
ARG OXT  O N N 25  
ARG H    H N N 26  
ARG H2   H N N 27  
ARG HA   H N N 28  
ARG HB2  H N N 29  
ARG HB3  H N N 30  
ARG HG2  H N N 31  
ARG HG3  H N N 32  
ARG HD2  H N N 33  
ARG HD3  H N N 34  
ARG HE   H N N 35  
ARG HH11 H N N 36  
ARG HH12 H N N 37  
ARG HH21 H N N 38  
ARG HH22 H N N 39  
ARG HXT  H N N 40  
ASN N    N N N 41  
ASN CA   C N S 42  
ASN C    C N N 43  
ASN O    O N N 44  
ASN CB   C N N 45  
ASN CG   C N N 46  
ASN OD1  O N N 47  
ASN ND2  N N N 48  
ASN OXT  O N N 49  
ASN H    H N N 50  
ASN H2   H N N 51  
ASN HA   H N N 52  
ASN HB2  H N N 53  
ASN HB3  H N N 54  
ASN HD21 H N N 55  
ASN HD22 H N N 56  
ASN HXT  H N N 57  
ASP N    N N N 58  
ASP CA   C N S 59  
ASP C    C N N 60  
ASP O    O N N 61  
ASP CB   C N N 62  
ASP CG   C N N 63  
ASP OD1  O N N 64  
ASP OD2  O N N 65  
ASP OXT  O N N 66  
ASP H    H N N 67  
ASP H2   H N N 68  
ASP HA   H N N 69  
ASP HB2  H N N 70  
ASP HB3  H N N 71  
ASP HD2  H N N 72  
ASP HXT  H N N 73  
CYS N    N N N 74  
CYS CA   C N R 75  
CYS C    C N N 76  
CYS O    O N N 77  
CYS CB   C N N 78  
CYS SG   S N N 79  
CYS OXT  O N N 80  
CYS H    H N N 81  
CYS H2   H N N 82  
CYS HA   H N N 83  
CYS HB2  H N N 84  
CYS HB3  H N N 85  
CYS HG   H N N 86  
CYS HXT  H N N 87  
GLN N    N N N 88  
GLN CA   C N S 89  
GLN C    C N N 90  
GLN O    O N N 91  
GLN CB   C N N 92  
GLN CG   C N N 93  
GLN CD   C N N 94  
GLN OE1  O N N 95  
GLN NE2  N N N 96  
GLN OXT  O N N 97  
GLN H    H N N 98  
GLN H2   H N N 99  
GLN HA   H N N 100 
GLN HB2  H N N 101 
GLN HB3  H N N 102 
GLN HG2  H N N 103 
GLN HG3  H N N 104 
GLN HE21 H N N 105 
GLN HE22 H N N 106 
GLN HXT  H N N 107 
GLU N    N N N 108 
GLU CA   C N S 109 
GLU C    C N N 110 
GLU O    O N N 111 
GLU CB   C N N 112 
GLU CG   C N N 113 
GLU CD   C N N 114 
GLU OE1  O N N 115 
GLU OE2  O N N 116 
GLU OXT  O N N 117 
GLU H    H N N 118 
GLU H2   H N N 119 
GLU HA   H N N 120 
GLU HB2  H N N 121 
GLU HB3  H N N 122 
GLU HG2  H N N 123 
GLU HG3  H N N 124 
GLU HE2  H N N 125 
GLU HXT  H N N 126 
GLY N    N N N 127 
GLY CA   C N N 128 
GLY C    C N N 129 
GLY O    O N N 130 
GLY OXT  O N N 131 
GLY H    H N N 132 
GLY H2   H N N 133 
GLY HA2  H N N 134 
GLY HA3  H N N 135 
GLY HXT  H N N 136 
HIS N    N N N 137 
HIS CA   C N S 138 
HIS C    C N N 139 
HIS O    O N N 140 
HIS CB   C N N 141 
HIS CG   C Y N 142 
HIS ND1  N Y N 143 
HIS CD2  C Y N 144 
HIS CE1  C Y N 145 
HIS NE2  N Y N 146 
HIS OXT  O N N 147 
HIS H    H N N 148 
HIS H2   H N N 149 
HIS HA   H N N 150 
HIS HB2  H N N 151 
HIS HB3  H N N 152 
HIS HD1  H N N 153 
HIS HD2  H N N 154 
HIS HE1  H N N 155 
HIS HE2  H N N 156 
HIS HXT  H N N 157 
HOH O    O N N 158 
HOH H1   H N N 159 
HOH H2   H N N 160 
ILE N    N N N 161 
ILE CA   C N S 162 
ILE C    C N N 163 
ILE O    O N N 164 
ILE CB   C N S 165 
ILE CG1  C N N 166 
ILE CG2  C N N 167 
ILE CD1  C N N 168 
ILE OXT  O N N 169 
ILE H    H N N 170 
ILE H2   H N N 171 
ILE HA   H N N 172 
ILE HB   H N N 173 
ILE HG12 H N N 174 
ILE HG13 H N N 175 
ILE HG21 H N N 176 
ILE HG22 H N N 177 
ILE HG23 H N N 178 
ILE HD11 H N N 179 
ILE HD12 H N N 180 
ILE HD13 H N N 181 
ILE HXT  H N N 182 
LEU N    N N N 183 
LEU CA   C N S 184 
LEU C    C N N 185 
LEU O    O N N 186 
LEU CB   C N N 187 
LEU CG   C N N 188 
LEU CD1  C N N 189 
LEU CD2  C N N 190 
LEU OXT  O N N 191 
LEU H    H N N 192 
LEU H2   H N N 193 
LEU HA   H N N 194 
LEU HB2  H N N 195 
LEU HB3  H N N 196 
LEU HG   H N N 197 
LEU HD11 H N N 198 
LEU HD12 H N N 199 
LEU HD13 H N N 200 
LEU HD21 H N N 201 
LEU HD22 H N N 202 
LEU HD23 H N N 203 
LEU HXT  H N N 204 
LYS N    N N N 205 
LYS CA   C N S 206 
LYS C    C N N 207 
LYS O    O N N 208 
LYS CB   C N N 209 
LYS CG   C N N 210 
LYS CD   C N N 211 
LYS CE   C N N 212 
LYS NZ   N N N 213 
LYS OXT  O N N 214 
LYS H    H N N 215 
LYS H2   H N N 216 
LYS HA   H N N 217 
LYS HB2  H N N 218 
LYS HB3  H N N 219 
LYS HG2  H N N 220 
LYS HG3  H N N 221 
LYS HD2  H N N 222 
LYS HD3  H N N 223 
LYS HE2  H N N 224 
LYS HE3  H N N 225 
LYS HZ1  H N N 226 
LYS HZ2  H N N 227 
LYS HZ3  H N N 228 
LYS HXT  H N N 229 
MET N    N N N 230 
MET CA   C N S 231 
MET C    C N N 232 
MET O    O N N 233 
MET CB   C N N 234 
MET CG   C N N 235 
MET SD   S N N 236 
MET CE   C N N 237 
MET OXT  O N N 238 
MET H    H N N 239 
MET H2   H N N 240 
MET HA   H N N 241 
MET HB2  H N N 242 
MET HB3  H N N 243 
MET HG2  H N N 244 
MET HG3  H N N 245 
MET HE1  H N N 246 
MET HE2  H N N 247 
MET HE3  H N N 248 
MET HXT  H N N 249 
PHE N    N N N 250 
PHE CA   C N S 251 
PHE C    C N N 252 
PHE O    O N N 253 
PHE CB   C N N 254 
PHE CG   C Y N 255 
PHE CD1  C Y N 256 
PHE CD2  C Y N 257 
PHE CE1  C Y N 258 
PHE CE2  C Y N 259 
PHE CZ   C Y N 260 
PHE OXT  O N N 261 
PHE H    H N N 262 
PHE H2   H N N 263 
PHE HA   H N N 264 
PHE HB2  H N N 265 
PHE HB3  H N N 266 
PHE HD1  H N N 267 
PHE HD2  H N N 268 
PHE HE1  H N N 269 
PHE HE2  H N N 270 
PHE HZ   H N N 271 
PHE HXT  H N N 272 
SER N    N N N 273 
SER CA   C N S 274 
SER C    C N N 275 
SER O    O N N 276 
SER CB   C N N 277 
SER OG   O N N 278 
SER OXT  O N N 279 
SER H    H N N 280 
SER H2   H N N 281 
SER HA   H N N 282 
SER HB2  H N N 283 
SER HB3  H N N 284 
SER HG   H N N 285 
SER HXT  H N N 286 
THR N    N N N 287 
THR CA   C N S 288 
THR C    C N N 289 
THR O    O N N 290 
THR CB   C N R 291 
THR OG1  O N N 292 
THR CG2  C N N 293 
THR OXT  O N N 294 
THR H    H N N 295 
THR H2   H N N 296 
THR HA   H N N 297 
THR HB   H N N 298 
THR HG1  H N N 299 
THR HG21 H N N 300 
THR HG22 H N N 301 
THR HG23 H N N 302 
THR HXT  H N N 303 
TYR N    N N N 304 
TYR CA   C N S 305 
TYR C    C N N 306 
TYR O    O N N 307 
TYR CB   C N N 308 
TYR CG   C Y N 309 
TYR CD1  C Y N 310 
TYR CD2  C Y N 311 
TYR CE1  C Y N 312 
TYR CE2  C Y N 313 
TYR CZ   C Y N 314 
TYR OH   O N N 315 
TYR OXT  O N N 316 
TYR H    H N N 317 
TYR H2   H N N 318 
TYR HA   H N N 319 
TYR HB2  H N N 320 
TYR HB3  H N N 321 
TYR HD1  H N N 322 
TYR HD2  H N N 323 
TYR HE1  H N N 324 
TYR HE2  H N N 325 
TYR HH   H N N 326 
TYR HXT  H N N 327 
VAL N    N N N 328 
VAL CA   C N S 329 
VAL C    C N N 330 
VAL O    O N N 331 
VAL CB   C N N 332 
VAL CG1  C N N 333 
VAL CG2  C N N 334 
VAL OXT  O N N 335 
VAL H    H N N 336 
VAL H2   H N N 337 
VAL HA   H N N 338 
VAL HB   H N N 339 
VAL HG11 H N N 340 
VAL HG12 H N N 341 
VAL HG13 H N N 342 
VAL HG21 H N N 343 
VAL HG22 H N N 344 
VAL HG23 H N N 345 
VAL HXT  H N N 346 
# 
loop_
_chem_comp_bond.comp_id 
_chem_comp_bond.atom_id_1 
_chem_comp_bond.atom_id_2 
_chem_comp_bond.value_order 
_chem_comp_bond.pdbx_aromatic_flag 
_chem_comp_bond.pdbx_stereo_config 
_chem_comp_bond.pdbx_ordinal 
ALA N   CA   sing N N 1   
ALA N   H    sing N N 2   
ALA N   H2   sing N N 3   
ALA CA  C    sing N N 4   
ALA CA  CB   sing N N 5   
ALA CA  HA   sing N N 6   
ALA C   O    doub N N 7   
ALA C   OXT  sing N N 8   
ALA CB  HB1  sing N N 9   
ALA CB  HB2  sing N N 10  
ALA CB  HB3  sing N N 11  
ALA OXT HXT  sing N N 12  
ARG N   CA   sing N N 13  
ARG N   H    sing N N 14  
ARG N   H2   sing N N 15  
ARG CA  C    sing N N 16  
ARG CA  CB   sing N N 17  
ARG CA  HA   sing N N 18  
ARG C   O    doub N N 19  
ARG C   OXT  sing N N 20  
ARG CB  CG   sing N N 21  
ARG CB  HB2  sing N N 22  
ARG CB  HB3  sing N N 23  
ARG CG  CD   sing N N 24  
ARG CG  HG2  sing N N 25  
ARG CG  HG3  sing N N 26  
ARG CD  NE   sing N N 27  
ARG CD  HD2  sing N N 28  
ARG CD  HD3  sing N N 29  
ARG NE  CZ   sing N N 30  
ARG NE  HE   sing N N 31  
ARG CZ  NH1  sing N N 32  
ARG CZ  NH2  doub N N 33  
ARG NH1 HH11 sing N N 34  
ARG NH1 HH12 sing N N 35  
ARG NH2 HH21 sing N N 36  
ARG NH2 HH22 sing N N 37  
ARG OXT HXT  sing N N 38  
ASN N   CA   sing N N 39  
ASN N   H    sing N N 40  
ASN N   H2   sing N N 41  
ASN CA  C    sing N N 42  
ASN CA  CB   sing N N 43  
ASN CA  HA   sing N N 44  
ASN C   O    doub N N 45  
ASN C   OXT  sing N N 46  
ASN CB  CG   sing N N 47  
ASN CB  HB2  sing N N 48  
ASN CB  HB3  sing N N 49  
ASN CG  OD1  doub N N 50  
ASN CG  ND2  sing N N 51  
ASN ND2 HD21 sing N N 52  
ASN ND2 HD22 sing N N 53  
ASN OXT HXT  sing N N 54  
ASP N   CA   sing N N 55  
ASP N   H    sing N N 56  
ASP N   H2   sing N N 57  
ASP CA  C    sing N N 58  
ASP CA  CB   sing N N 59  
ASP CA  HA   sing N N 60  
ASP C   O    doub N N 61  
ASP C   OXT  sing N N 62  
ASP CB  CG   sing N N 63  
ASP CB  HB2  sing N N 64  
ASP CB  HB3  sing N N 65  
ASP CG  OD1  doub N N 66  
ASP CG  OD2  sing N N 67  
ASP OD2 HD2  sing N N 68  
ASP OXT HXT  sing N N 69  
CYS N   CA   sing N N 70  
CYS N   H    sing N N 71  
CYS N   H2   sing N N 72  
CYS CA  C    sing N N 73  
CYS CA  CB   sing N N 74  
CYS CA  HA   sing N N 75  
CYS C   O    doub N N 76  
CYS C   OXT  sing N N 77  
CYS CB  SG   sing N N 78  
CYS CB  HB2  sing N N 79  
CYS CB  HB3  sing N N 80  
CYS SG  HG   sing N N 81  
CYS OXT HXT  sing N N 82  
GLN N   CA   sing N N 83  
GLN N   H    sing N N 84  
GLN N   H2   sing N N 85  
GLN CA  C    sing N N 86  
GLN CA  CB   sing N N 87  
GLN CA  HA   sing N N 88  
GLN C   O    doub N N 89  
GLN C   OXT  sing N N 90  
GLN CB  CG   sing N N 91  
GLN CB  HB2  sing N N 92  
GLN CB  HB3  sing N N 93  
GLN CG  CD   sing N N 94  
GLN CG  HG2  sing N N 95  
GLN CG  HG3  sing N N 96  
GLN CD  OE1  doub N N 97  
GLN CD  NE2  sing N N 98  
GLN NE2 HE21 sing N N 99  
GLN NE2 HE22 sing N N 100 
GLN OXT HXT  sing N N 101 
GLU N   CA   sing N N 102 
GLU N   H    sing N N 103 
GLU N   H2   sing N N 104 
GLU CA  C    sing N N 105 
GLU CA  CB   sing N N 106 
GLU CA  HA   sing N N 107 
GLU C   O    doub N N 108 
GLU C   OXT  sing N N 109 
GLU CB  CG   sing N N 110 
GLU CB  HB2  sing N N 111 
GLU CB  HB3  sing N N 112 
GLU CG  CD   sing N N 113 
GLU CG  HG2  sing N N 114 
GLU CG  HG3  sing N N 115 
GLU CD  OE1  doub N N 116 
GLU CD  OE2  sing N N 117 
GLU OE2 HE2  sing N N 118 
GLU OXT HXT  sing N N 119 
GLY N   CA   sing N N 120 
GLY N   H    sing N N 121 
GLY N   H2   sing N N 122 
GLY CA  C    sing N N 123 
GLY CA  HA2  sing N N 124 
GLY CA  HA3  sing N N 125 
GLY C   O    doub N N 126 
GLY C   OXT  sing N N 127 
GLY OXT HXT  sing N N 128 
HIS N   CA   sing N N 129 
HIS N   H    sing N N 130 
HIS N   H2   sing N N 131 
HIS CA  C    sing N N 132 
HIS CA  CB   sing N N 133 
HIS CA  HA   sing N N 134 
HIS C   O    doub N N 135 
HIS C   OXT  sing N N 136 
HIS CB  CG   sing N N 137 
HIS CB  HB2  sing N N 138 
HIS CB  HB3  sing N N 139 
HIS CG  ND1  sing Y N 140 
HIS CG  CD2  doub Y N 141 
HIS ND1 CE1  doub Y N 142 
HIS ND1 HD1  sing N N 143 
HIS CD2 NE2  sing Y N 144 
HIS CD2 HD2  sing N N 145 
HIS CE1 NE2  sing Y N 146 
HIS CE1 HE1  sing N N 147 
HIS NE2 HE2  sing N N 148 
HIS OXT HXT  sing N N 149 
HOH O   H1   sing N N 150 
HOH O   H2   sing N N 151 
ILE N   CA   sing N N 152 
ILE N   H    sing N N 153 
ILE N   H2   sing N N 154 
ILE CA  C    sing N N 155 
ILE CA  CB   sing N N 156 
ILE CA  HA   sing N N 157 
ILE C   O    doub N N 158 
ILE C   OXT  sing N N 159 
ILE CB  CG1  sing N N 160 
ILE CB  CG2  sing N N 161 
ILE CB  HB   sing N N 162 
ILE CG1 CD1  sing N N 163 
ILE CG1 HG12 sing N N 164 
ILE CG1 HG13 sing N N 165 
ILE CG2 HG21 sing N N 166 
ILE CG2 HG22 sing N N 167 
ILE CG2 HG23 sing N N 168 
ILE CD1 HD11 sing N N 169 
ILE CD1 HD12 sing N N 170 
ILE CD1 HD13 sing N N 171 
ILE OXT HXT  sing N N 172 
LEU N   CA   sing N N 173 
LEU N   H    sing N N 174 
LEU N   H2   sing N N 175 
LEU CA  C    sing N N 176 
LEU CA  CB   sing N N 177 
LEU CA  HA   sing N N 178 
LEU C   O    doub N N 179 
LEU C   OXT  sing N N 180 
LEU CB  CG   sing N N 181 
LEU CB  HB2  sing N N 182 
LEU CB  HB3  sing N N 183 
LEU CG  CD1  sing N N 184 
LEU CG  CD2  sing N N 185 
LEU CG  HG   sing N N 186 
LEU CD1 HD11 sing N N 187 
LEU CD1 HD12 sing N N 188 
LEU CD1 HD13 sing N N 189 
LEU CD2 HD21 sing N N 190 
LEU CD2 HD22 sing N N 191 
LEU CD2 HD23 sing N N 192 
LEU OXT HXT  sing N N 193 
LYS N   CA   sing N N 194 
LYS N   H    sing N N 195 
LYS N   H2   sing N N 196 
LYS CA  C    sing N N 197 
LYS CA  CB   sing N N 198 
LYS CA  HA   sing N N 199 
LYS C   O    doub N N 200 
LYS C   OXT  sing N N 201 
LYS CB  CG   sing N N 202 
LYS CB  HB2  sing N N 203 
LYS CB  HB3  sing N N 204 
LYS CG  CD   sing N N 205 
LYS CG  HG2  sing N N 206 
LYS CG  HG3  sing N N 207 
LYS CD  CE   sing N N 208 
LYS CD  HD2  sing N N 209 
LYS CD  HD3  sing N N 210 
LYS CE  NZ   sing N N 211 
LYS CE  HE2  sing N N 212 
LYS CE  HE3  sing N N 213 
LYS NZ  HZ1  sing N N 214 
LYS NZ  HZ2  sing N N 215 
LYS NZ  HZ3  sing N N 216 
LYS OXT HXT  sing N N 217 
MET N   CA   sing N N 218 
MET N   H    sing N N 219 
MET N   H2   sing N N 220 
MET CA  C    sing N N 221 
MET CA  CB   sing N N 222 
MET CA  HA   sing N N 223 
MET C   O    doub N N 224 
MET C   OXT  sing N N 225 
MET CB  CG   sing N N 226 
MET CB  HB2  sing N N 227 
MET CB  HB3  sing N N 228 
MET CG  SD   sing N N 229 
MET CG  HG2  sing N N 230 
MET CG  HG3  sing N N 231 
MET SD  CE   sing N N 232 
MET CE  HE1  sing N N 233 
MET CE  HE2  sing N N 234 
MET CE  HE3  sing N N 235 
MET OXT HXT  sing N N 236 
PHE N   CA   sing N N 237 
PHE N   H    sing N N 238 
PHE N   H2   sing N N 239 
PHE CA  C    sing N N 240 
PHE CA  CB   sing N N 241 
PHE CA  HA   sing N N 242 
PHE C   O    doub N N 243 
PHE C   OXT  sing N N 244 
PHE CB  CG   sing N N 245 
PHE CB  HB2  sing N N 246 
PHE CB  HB3  sing N N 247 
PHE CG  CD1  doub Y N 248 
PHE CG  CD2  sing Y N 249 
PHE CD1 CE1  sing Y N 250 
PHE CD1 HD1  sing N N 251 
PHE CD2 CE2  doub Y N 252 
PHE CD2 HD2  sing N N 253 
PHE CE1 CZ   doub Y N 254 
PHE CE1 HE1  sing N N 255 
PHE CE2 CZ   sing Y N 256 
PHE CE2 HE2  sing N N 257 
PHE CZ  HZ   sing N N 258 
PHE OXT HXT  sing N N 259 
SER N   CA   sing N N 260 
SER N   H    sing N N 261 
SER N   H2   sing N N 262 
SER CA  C    sing N N 263 
SER CA  CB   sing N N 264 
SER CA  HA   sing N N 265 
SER C   O    doub N N 266 
SER C   OXT  sing N N 267 
SER CB  OG   sing N N 268 
SER CB  HB2  sing N N 269 
SER CB  HB3  sing N N 270 
SER OG  HG   sing N N 271 
SER OXT HXT  sing N N 272 
THR N   CA   sing N N 273 
THR N   H    sing N N 274 
THR N   H2   sing N N 275 
THR CA  C    sing N N 276 
THR CA  CB   sing N N 277 
THR CA  HA   sing N N 278 
THR C   O    doub N N 279 
THR C   OXT  sing N N 280 
THR CB  OG1  sing N N 281 
THR CB  CG2  sing N N 282 
THR CB  HB   sing N N 283 
THR OG1 HG1  sing N N 284 
THR CG2 HG21 sing N N 285 
THR CG2 HG22 sing N N 286 
THR CG2 HG23 sing N N 287 
THR OXT HXT  sing N N 288 
TYR N   CA   sing N N 289 
TYR N   H    sing N N 290 
TYR N   H2   sing N N 291 
TYR CA  C    sing N N 292 
TYR CA  CB   sing N N 293 
TYR CA  HA   sing N N 294 
TYR C   O    doub N N 295 
TYR C   OXT  sing N N 296 
TYR CB  CG   sing N N 297 
TYR CB  HB2  sing N N 298 
TYR CB  HB3  sing N N 299 
TYR CG  CD1  doub Y N 300 
TYR CG  CD2  sing Y N 301 
TYR CD1 CE1  sing Y N 302 
TYR CD1 HD1  sing N N 303 
TYR CD2 CE2  doub Y N 304 
TYR CD2 HD2  sing N N 305 
TYR CE1 CZ   doub Y N 306 
TYR CE1 HE1  sing N N 307 
TYR CE2 CZ   sing Y N 308 
TYR CE2 HE2  sing N N 309 
TYR CZ  OH   sing N N 310 
TYR OH  HH   sing N N 311 
TYR OXT HXT  sing N N 312 
VAL N   CA   sing N N 313 
VAL N   H    sing N N 314 
VAL N   H2   sing N N 315 
VAL CA  C    sing N N 316 
VAL CA  CB   sing N N 317 
VAL CA  HA   sing N N 318 
VAL C   O    doub N N 319 
VAL C   OXT  sing N N 320 
VAL CB  CG1  sing N N 321 
VAL CB  CG2  sing N N 322 
VAL CB  HB   sing N N 323 
VAL CG1 HG11 sing N N 324 
VAL CG1 HG12 sing N N 325 
VAL CG1 HG13 sing N N 326 
VAL CG2 HG21 sing N N 327 
VAL CG2 HG22 sing N N 328 
VAL CG2 HG23 sing N N 329 
VAL OXT HXT  sing N N 330 
# 
loop_
_pdbx_audit_support.funding_organization 
_pdbx_audit_support.country 
_pdbx_audit_support.grant_number 
_pdbx_audit_support.ordinal 
'National Natural Science Foundation of China' China 31130018 1 
'National Natural Science Foundation of China' China 31370732 2 
'National Natural Science Foundation of China' China 31270014 3 
'National Natural Science Foundation of China' China U1432107 4 
# 
_pdbx_entity_nonpoly.entity_id   2 
_pdbx_entity_nonpoly.name        water 
_pdbx_entity_nonpoly.comp_id     HOH 
# 
_pdbx_initial_refinement_model.id               1 
_pdbx_initial_refinement_model.entity_id_list   ? 
_pdbx_initial_refinement_model.type             'experimental model' 
_pdbx_initial_refinement_model.source_name      PDB 
_pdbx_initial_refinement_model.accession_code   5HS5 
_pdbx_initial_refinement_model.details          ? 
# 
_pdbx_struct_assembly_auth_evidence.id                     1 
_pdbx_struct_assembly_auth_evidence.assembly_id            1 
_pdbx_struct_assembly_auth_evidence.experimental_support   'gel filtration' 
_pdbx_struct_assembly_auth_evidence.details                ? 
# 
